data_6MX9
# 
_entry.id   6MX9 
# 
_audit_conform.dict_name       mmcif_pdbx.dic 
_audit_conform.dict_version    5.397 
_audit_conform.dict_location   http://mmcif.pdb.org/dictionaries/ascii/mmcif_pdbx.dic 
# 
loop_
_database_2.database_id 
_database_2.database_code 
_database_2.pdbx_database_accession 
_database_2.pdbx_DOI 
PDB   6MX9         pdb_00006mx9 10.2210/pdb6mx9/pdb 
WWPDB D_1000237776 ?            ?                   
# 
loop_
_pdbx_audit_revision_history.ordinal 
_pdbx_audit_revision_history.data_content_type 
_pdbx_audit_revision_history.major_revision 
_pdbx_audit_revision_history.minor_revision 
_pdbx_audit_revision_history.revision_date 
1 'Structure model' 1 0 2018-12-26 
2 'Structure model' 1 1 2019-12-04 
3 'Structure model' 1 2 2023-10-11 
4 'Structure model' 1 3 2024-10-30 
# 
_pdbx_audit_revision_details.ordinal             1 
_pdbx_audit_revision_details.revision_ordinal    1 
_pdbx_audit_revision_details.data_content_type   'Structure model' 
_pdbx_audit_revision_details.provider            repository 
_pdbx_audit_revision_details.type                'Initial release' 
_pdbx_audit_revision_details.description         ? 
_pdbx_audit_revision_details.details             ? 
# 
loop_
_pdbx_audit_revision_group.ordinal 
_pdbx_audit_revision_group.revision_ordinal 
_pdbx_audit_revision_group.data_content_type 
_pdbx_audit_revision_group.group 
1 2 'Structure model' 'Author supporting evidence' 
2 3 'Structure model' 'Data collection'            
3 3 'Structure model' 'Database references'        
4 3 'Structure model' 'Refinement description'     
5 4 'Structure model' 'Structure summary'          
# 
loop_
_pdbx_audit_revision_category.ordinal 
_pdbx_audit_revision_category.revision_ordinal 
_pdbx_audit_revision_category.data_content_type 
_pdbx_audit_revision_category.category 
1 2 'Structure model' pdbx_audit_support            
2 3 'Structure model' chem_comp_atom                
3 3 'Structure model' chem_comp_bond                
4 3 'Structure model' database_2                    
5 3 'Structure model' pdbx_initial_refinement_model 
6 4 'Structure model' pdbx_entry_details            
7 4 'Structure model' pdbx_modification_feature     
# 
loop_
_pdbx_audit_revision_item.ordinal 
_pdbx_audit_revision_item.revision_ordinal 
_pdbx_audit_revision_item.data_content_type 
_pdbx_audit_revision_item.item 
1 2 'Structure model' '_pdbx_audit_support.funding_organization' 
2 3 'Structure model' '_database_2.pdbx_DOI'                     
3 3 'Structure model' '_database_2.pdbx_database_accession'      
# 
_pdbx_database_status.status_code                     REL 
_pdbx_database_status.status_code_sf                  REL 
_pdbx_database_status.status_code_mr                  ? 
_pdbx_database_status.entry_id                        6MX9 
_pdbx_database_status.recvd_initial_deposition_date   2018-10-30 
_pdbx_database_status.SG_entry                        N 
_pdbx_database_status.deposit_site                    RCSB 
_pdbx_database_status.process_site                    RCSB 
_pdbx_database_status.status_code_cs                  ? 
_pdbx_database_status.methods_development_category    ? 
_pdbx_database_status.pdb_format_compatible           Y 
_pdbx_database_status.status_code_nmr_data            ? 
# 
loop_
_audit_author.name 
_audit_author.pdbx_ordinal 
_audit_author.identifier_ORCID 
'Blackburn, A.'   1 0000-0002-4737-8786 
'Partowmah, S.H.' 2 0000-0002-0517-7142 
'Brennan, H.M.'   3 0000-0001-6814-2337 
'Mestizo, K.E.'   4 0000-0002-1807-4417 
'Stivala, C.D.'   5 0000-0003-4852-9387 
'Petreczky, J.'   6 0000-0002-2264-6932 
'Perez, A.'       7 0000-0003-2508-0169 
'Horn, A.'        8 0000-0002-4037-0810 
'McSweeney, S.'   9 0000-0002-3758-3161 
# 
_citation.abstract                  ? 
_citation.abstract_id_CAS           ? 
_citation.book_id_ISBN              ? 
_citation.book_publisher            ? 
_citation.book_publisher_city       ? 
_citation.book_title                ? 
_citation.coordinate_linkage        ? 
_citation.country                   ? 
_citation.database_id_Medline       ? 
_citation.details                   ? 
_citation.id                        primary 
_citation.journal_abbrev            'To Be Published' 
_citation.journal_id_ASTM           ? 
_citation.journal_id_CSD            0353 
_citation.journal_id_ISSN           ? 
_citation.journal_full              ? 
_citation.journal_issue             ? 
_citation.journal_volume            ? 
_citation.language                  ? 
_citation.page_first                ? 
_citation.page_last                 ? 
_citation.title                     
'A simple technique to improve microcrystals using gel exclusion of nucleation inducing elements' 
_citation.year                      ? 
_citation.database_id_CSD           ? 
_citation.pdbx_database_id_DOI      ? 
_citation.pdbx_database_id_PubMed   ? 
_citation.unpublished_flag          ? 
# 
loop_
_citation_author.citation_id 
_citation_author.name 
_citation_author.ordinal 
_citation_author.identifier_ORCID 
primary 'Blackburn, A.'   1 0000-0002-4737-8786 
primary 'Partowmah, S.H.' 2 0000-0002-0517-7142 
primary 'Brennan, H.M.'   3 0000-0001-6814-2337 
primary 'Mestizo, K.E.'   4 0000-0002-1807-4417 
primary 'Stivala, C.D.'   5 0000-0003-4852-9387 
primary 'Petreczky, J.'   6 0000-0002-2264-6932 
primary 'Perez, A.'       7 0000-0003-2508-0169 
primary 'Horn, A.'        8 0000-0002-4037-0810 
primary 'McSweeney, S.'   9 0000-0002-3758-3161 
# 
loop_
_entity.id 
_entity.type 
_entity.src_method 
_entity.pdbx_description 
_entity.formula_weight 
_entity.pdbx_number_of_molecules 
_entity.pdbx_ec 
_entity.pdbx_mutation 
_entity.pdbx_fragment 
_entity.details 
1 polymer     nat 'Lysozyme C'   14331.160 1   3.2.1.17 ? ? ? 
2 non-polymer syn 1,2-ETHANEDIOL 62.068    1   ?        ? ? ? 
3 non-polymer syn 'SODIUM ION'   22.990    2   ?        ? ? ? 
4 non-polymer syn 'CHLORIDE ION' 35.453    5   ?        ? ? ? 
5 non-polymer syn BENZAMIDINE    120.152   1   ?        ? ? ? 
6 non-polymer syn 3-aminophenol  109.126   2   ?        ? ? ? 
7 water       nat water          18.015    218 ?        ? ? ? 
# 
_entity_name_com.entity_id   1 
_entity_name_com.name        '1,4-beta-N-acetylmuramidase C,Allergen Gal d IV' 
# 
_entity_poly.entity_id                      1 
_entity_poly.type                           'polypeptide(L)' 
_entity_poly.nstd_linkage                   no 
_entity_poly.nstd_monomer                   no 
_entity_poly.pdbx_seq_one_letter_code       
;KVFGRCELAAAMKRHGLDNYRGYSLGNWVCAAKFESNFNTQATNRNTDGSTDYGILQINSRWWCNDGRTPGSRNLCNIPC
SALLSSDITASVNCAKKIVSDGNGMNAWVAWRNRCKGTDVQAWIRGCRL
;
_entity_poly.pdbx_seq_one_letter_code_can   
;KVFGRCELAAAMKRHGLDNYRGYSLGNWVCAAKFESNFNTQATNRNTDGSTDYGILQINSRWWCNDGRTPGSRNLCNIPC
SALLSSDITASVNCAKKIVSDGNGMNAWVAWRNRCKGTDVQAWIRGCRL
;
_entity_poly.pdbx_strand_id                 A 
_entity_poly.pdbx_target_identifier         ? 
# 
loop_
_pdbx_entity_nonpoly.entity_id 
_pdbx_entity_nonpoly.name 
_pdbx_entity_nonpoly.comp_id 
2 1,2-ETHANEDIOL EDO 
3 'SODIUM ION'   NA  
4 'CHLORIDE ION' CL  
5 BENZAMIDINE    BEN 
6 3-aminophenol  K5V 
7 water          HOH 
# 
loop_
_entity_poly_seq.entity_id 
_entity_poly_seq.num 
_entity_poly_seq.mon_id 
_entity_poly_seq.hetero 
1 1   LYS n 
1 2   VAL n 
1 3   PHE n 
1 4   GLY n 
1 5   ARG n 
1 6   CYS n 
1 7   GLU n 
1 8   LEU n 
1 9   ALA n 
1 10  ALA n 
1 11  ALA n 
1 12  MET n 
1 13  LYS n 
1 14  ARG n 
1 15  HIS n 
1 16  GLY n 
1 17  LEU n 
1 18  ASP n 
1 19  ASN n 
1 20  TYR n 
1 21  ARG n 
1 22  GLY n 
1 23  TYR n 
1 24  SER n 
1 25  LEU n 
1 26  GLY n 
1 27  ASN n 
1 28  TRP n 
1 29  VAL n 
1 30  CYS n 
1 31  ALA n 
1 32  ALA n 
1 33  LYS n 
1 34  PHE n 
1 35  GLU n 
1 36  SER n 
1 37  ASN n 
1 38  PHE n 
1 39  ASN n 
1 40  THR n 
1 41  GLN n 
1 42  ALA n 
1 43  THR n 
1 44  ASN n 
1 45  ARG n 
1 46  ASN n 
1 47  THR n 
1 48  ASP n 
1 49  GLY n 
1 50  SER n 
1 51  THR n 
1 52  ASP n 
1 53  TYR n 
1 54  GLY n 
1 55  ILE n 
1 56  LEU n 
1 57  GLN n 
1 58  ILE n 
1 59  ASN n 
1 60  SER n 
1 61  ARG n 
1 62  TRP n 
1 63  TRP n 
1 64  CYS n 
1 65  ASN n 
1 66  ASP n 
1 67  GLY n 
1 68  ARG n 
1 69  THR n 
1 70  PRO n 
1 71  GLY n 
1 72  SER n 
1 73  ARG n 
1 74  ASN n 
1 75  LEU n 
1 76  CYS n 
1 77  ASN n 
1 78  ILE n 
1 79  PRO n 
1 80  CYS n 
1 81  SER n 
1 82  ALA n 
1 83  LEU n 
1 84  LEU n 
1 85  SER n 
1 86  SER n 
1 87  ASP n 
1 88  ILE n 
1 89  THR n 
1 90  ALA n 
1 91  SER n 
1 92  VAL n 
1 93  ASN n 
1 94  CYS n 
1 95  ALA n 
1 96  LYS n 
1 97  LYS n 
1 98  ILE n 
1 99  VAL n 
1 100 SER n 
1 101 ASP n 
1 102 GLY n 
1 103 ASN n 
1 104 GLY n 
1 105 MET n 
1 106 ASN n 
1 107 ALA n 
1 108 TRP n 
1 109 VAL n 
1 110 ALA n 
1 111 TRP n 
1 112 ARG n 
1 113 ASN n 
1 114 ARG n 
1 115 CYS n 
1 116 LYS n 
1 117 GLY n 
1 118 THR n 
1 119 ASP n 
1 120 VAL n 
1 121 GLN n 
1 122 ALA n 
1 123 TRP n 
1 124 ILE n 
1 125 ARG n 
1 126 GLY n 
1 127 CYS n 
1 128 ARG n 
1 129 LEU n 
# 
_entity_src_nat.entity_id                  1 
_entity_src_nat.pdbx_src_id                1 
_entity_src_nat.pdbx_alt_source_flag       sample 
_entity_src_nat.pdbx_beg_seq_num           1 
_entity_src_nat.pdbx_end_seq_num           129 
_entity_src_nat.common_name                Chicken 
_entity_src_nat.pdbx_organism_scientific   'Gallus gallus' 
_entity_src_nat.pdbx_ncbi_taxonomy_id      9031 
_entity_src_nat.genus                      ? 
_entity_src_nat.species                    ? 
_entity_src_nat.strain                     ? 
_entity_src_nat.tissue                     ? 
_entity_src_nat.tissue_fraction            ? 
_entity_src_nat.pdbx_secretion             ? 
_entity_src_nat.pdbx_fragment              ? 
_entity_src_nat.pdbx_variant               ? 
_entity_src_nat.pdbx_cell_line             ? 
_entity_src_nat.pdbx_atcc                  ? 
_entity_src_nat.pdbx_cellular_location     ? 
_entity_src_nat.pdbx_organ                 ? 
_entity_src_nat.pdbx_organelle             ? 
_entity_src_nat.pdbx_cell                  ? 
_entity_src_nat.pdbx_plasmid_name          ? 
_entity_src_nat.pdbx_plasmid_details       ? 
_entity_src_nat.details                    ? 
# 
loop_
_chem_comp.id 
_chem_comp.type 
_chem_comp.mon_nstd_flag 
_chem_comp.name 
_chem_comp.pdbx_synonyms 
_chem_comp.formula 
_chem_comp.formula_weight 
ALA 'L-peptide linking' y ALANINE         ?                 'C3 H7 N O2'     89.093  
ARG 'L-peptide linking' y ARGININE        ?                 'C6 H15 N4 O2 1' 175.209 
ASN 'L-peptide linking' y ASPARAGINE      ?                 'C4 H8 N2 O3'    132.118 
ASP 'L-peptide linking' y 'ASPARTIC ACID' ?                 'C4 H7 N O4'     133.103 
BEN non-polymer         . BENZAMIDINE     ?                 'C7 H8 N2'       120.152 
CL  non-polymer         . 'CHLORIDE ION'  ?                 'Cl -1'          35.453  
CYS 'L-peptide linking' y CYSTEINE        ?                 'C3 H7 N O2 S'   121.158 
EDO non-polymer         . 1,2-ETHANEDIOL  'ETHYLENE GLYCOL' 'C2 H6 O2'       62.068  
GLN 'L-peptide linking' y GLUTAMINE       ?                 'C5 H10 N2 O3'   146.144 
GLU 'L-peptide linking' y 'GLUTAMIC ACID' ?                 'C5 H9 N O4'     147.129 
GLY 'peptide linking'   y GLYCINE         ?                 'C2 H5 N O2'     75.067  
HIS 'L-peptide linking' y HISTIDINE       ?                 'C6 H10 N3 O2 1' 156.162 
HOH non-polymer         . WATER           ?                 'H2 O'           18.015  
ILE 'L-peptide linking' y ISOLEUCINE      ?                 'C6 H13 N O2'    131.173 
K5V non-polymer         . 3-aminophenol   ?                 'C6 H7 N O'      109.126 
LEU 'L-peptide linking' y LEUCINE         ?                 'C6 H13 N O2'    131.173 
LYS 'L-peptide linking' y LYSINE          ?                 'C6 H15 N2 O2 1' 147.195 
MET 'L-peptide linking' y METHIONINE      ?                 'C5 H11 N O2 S'  149.211 
NA  non-polymer         . 'SODIUM ION'    ?                 'Na 1'           22.990  
PHE 'L-peptide linking' y PHENYLALANINE   ?                 'C9 H11 N O2'    165.189 
PRO 'L-peptide linking' y PROLINE         ?                 'C5 H9 N O2'     115.130 
SER 'L-peptide linking' y SERINE          ?                 'C3 H7 N O3'     105.093 
THR 'L-peptide linking' y THREONINE       ?                 'C4 H9 N O3'     119.119 
TRP 'L-peptide linking' y TRYPTOPHAN      ?                 'C11 H12 N2 O2'  204.225 
TYR 'L-peptide linking' y TYROSINE        ?                 'C9 H11 N O3'    181.189 
VAL 'L-peptide linking' y VALINE          ?                 'C5 H11 N O2'    117.146 
# 
loop_
_pdbx_poly_seq_scheme.asym_id 
_pdbx_poly_seq_scheme.entity_id 
_pdbx_poly_seq_scheme.seq_id 
_pdbx_poly_seq_scheme.mon_id 
_pdbx_poly_seq_scheme.ndb_seq_num 
_pdbx_poly_seq_scheme.pdb_seq_num 
_pdbx_poly_seq_scheme.auth_seq_num 
_pdbx_poly_seq_scheme.pdb_mon_id 
_pdbx_poly_seq_scheme.auth_mon_id 
_pdbx_poly_seq_scheme.pdb_strand_id 
_pdbx_poly_seq_scheme.pdb_ins_code 
_pdbx_poly_seq_scheme.hetero 
A 1 1   LYS 1   1   1   LYS LYS A . n 
A 1 2   VAL 2   2   2   VAL VAL A . n 
A 1 3   PHE 3   3   3   PHE PHE A . n 
A 1 4   GLY 4   4   4   GLY GLY A . n 
A 1 5   ARG 5   5   5   ARG ARG A . n 
A 1 6   CYS 6   6   6   CYS CYS A . n 
A 1 7   GLU 7   7   7   GLU GLU A . n 
A 1 8   LEU 8   8   8   LEU LEU A . n 
A 1 9   ALA 9   9   9   ALA ALA A . n 
A 1 10  ALA 10  10  10  ALA ALA A . n 
A 1 11  ALA 11  11  11  ALA ALA A . n 
A 1 12  MET 12  12  12  MET MET A . n 
A 1 13  LYS 13  13  13  LYS LYS A . n 
A 1 14  ARG 14  14  14  ARG ARG A . n 
A 1 15  HIS 15  15  15  HIS HIS A . n 
A 1 16  GLY 16  16  16  GLY GLY A . n 
A 1 17  LEU 17  17  17  LEU LEU A . n 
A 1 18  ASP 18  18  18  ASP ASP A . n 
A 1 19  ASN 19  19  19  ASN ASN A . n 
A 1 20  TYR 20  20  20  TYR TYR A . n 
A 1 21  ARG 21  21  21  ARG ARG A . n 
A 1 22  GLY 22  22  22  GLY GLY A . n 
A 1 23  TYR 23  23  23  TYR TYR A . n 
A 1 24  SER 24  24  24  SER SER A . n 
A 1 25  LEU 25  25  25  LEU LEU A . n 
A 1 26  GLY 26  26  26  GLY GLY A . n 
A 1 27  ASN 27  27  27  ASN ASN A . n 
A 1 28  TRP 28  28  28  TRP TRP A . n 
A 1 29  VAL 29  29  29  VAL VAL A . n 
A 1 30  CYS 30  30  30  CYS CYS A . n 
A 1 31  ALA 31  31  31  ALA ALA A . n 
A 1 32  ALA 32  32  32  ALA ALA A . n 
A 1 33  LYS 33  33  33  LYS LYS A . n 
A 1 34  PHE 34  34  34  PHE PHE A . n 
A 1 35  GLU 35  35  35  GLU GLU A . n 
A 1 36  SER 36  36  36  SER SER A . n 
A 1 37  ASN 37  37  37  ASN ASN A . n 
A 1 38  PHE 38  38  38  PHE PHE A . n 
A 1 39  ASN 39  39  39  ASN ASN A . n 
A 1 40  THR 40  40  40  THR THR A . n 
A 1 41  GLN 41  41  41  GLN GLN A . n 
A 1 42  ALA 42  42  42  ALA ALA A . n 
A 1 43  THR 43  43  43  THR THR A . n 
A 1 44  ASN 44  44  44  ASN ASN A . n 
A 1 45  ARG 45  45  45  ARG ARG A . n 
A 1 46  ASN 46  46  46  ASN ASN A . n 
A 1 47  THR 47  47  47  THR THR A . n 
A 1 48  ASP 48  48  48  ASP ASP A . n 
A 1 49  GLY 49  49  49  GLY GLY A . n 
A 1 50  SER 50  50  50  SER SER A . n 
A 1 51  THR 51  51  51  THR THR A . n 
A 1 52  ASP 52  52  52  ASP ASP A . n 
A 1 53  TYR 53  53  53  TYR TYR A . n 
A 1 54  GLY 54  54  54  GLY GLY A . n 
A 1 55  ILE 55  55  55  ILE ILE A . n 
A 1 56  LEU 56  56  56  LEU LEU A . n 
A 1 57  GLN 57  57  57  GLN GLN A . n 
A 1 58  ILE 58  58  58  ILE ILE A . n 
A 1 59  ASN 59  59  59  ASN ASN A . n 
A 1 60  SER 60  60  60  SER SER A . n 
A 1 61  ARG 61  61  61  ARG ARG A . n 
A 1 62  TRP 62  62  62  TRP TRP A . n 
A 1 63  TRP 63  63  63  TRP TRP A . n 
A 1 64  CYS 64  64  64  CYS CYS A . n 
A 1 65  ASN 65  65  65  ASN ASN A . n 
A 1 66  ASP 66  66  66  ASP ASP A . n 
A 1 67  GLY 67  67  67  GLY GLY A . n 
A 1 68  ARG 68  68  68  ARG ARG A . n 
A 1 69  THR 69  69  69  THR THR A . n 
A 1 70  PRO 70  70  70  PRO PRO A . n 
A 1 71  GLY 71  71  71  GLY GLY A . n 
A 1 72  SER 72  72  72  SER SER A . n 
A 1 73  ARG 73  73  73  ARG ARG A . n 
A 1 74  ASN 74  74  74  ASN ASN A . n 
A 1 75  LEU 75  75  75  LEU LEU A . n 
A 1 76  CYS 76  76  76  CYS CYS A . n 
A 1 77  ASN 77  77  77  ASN ASN A . n 
A 1 78  ILE 78  78  78  ILE ILE A . n 
A 1 79  PRO 79  79  79  PRO PRO A . n 
A 1 80  CYS 80  80  80  CYS CYS A . n 
A 1 81  SER 81  81  81  SER SER A . n 
A 1 82  ALA 82  82  82  ALA ALA A . n 
A 1 83  LEU 83  83  83  LEU LEU A . n 
A 1 84  LEU 84  84  84  LEU LEU A . n 
A 1 85  SER 85  85  85  SER SER A . n 
A 1 86  SER 86  86  86  SER SER A . n 
A 1 87  ASP 87  87  87  ASP ASP A . n 
A 1 88  ILE 88  88  88  ILE ILE A . n 
A 1 89  THR 89  89  89  THR THR A . n 
A 1 90  ALA 90  90  90  ALA ALA A . n 
A 1 91  SER 91  91  91  SER SER A . n 
A 1 92  VAL 92  92  92  VAL VAL A . n 
A 1 93  ASN 93  93  93  ASN ASN A . n 
A 1 94  CYS 94  94  94  CYS CYS A . n 
A 1 95  ALA 95  95  95  ALA ALA A . n 
A 1 96  LYS 96  96  96  LYS LYS A . n 
A 1 97  LYS 97  97  97  LYS LYS A . n 
A 1 98  ILE 98  98  98  ILE ILE A . n 
A 1 99  VAL 99  99  99  VAL VAL A . n 
A 1 100 SER 100 100 100 SER SER A . n 
A 1 101 ASP 101 101 101 ASP ASP A . n 
A 1 102 GLY 102 102 102 GLY GLY A . n 
A 1 103 ASN 103 103 103 ASN ASN A . n 
A 1 104 GLY 104 104 104 GLY GLY A . n 
A 1 105 MET 105 105 105 MET MET A . n 
A 1 106 ASN 106 106 106 ASN ASN A . n 
A 1 107 ALA 107 107 107 ALA ALA A . n 
A 1 108 TRP 108 108 108 TRP TRP A . n 
A 1 109 VAL 109 109 109 VAL VAL A . n 
A 1 110 ALA 110 110 110 ALA ALA A . n 
A 1 111 TRP 111 111 111 TRP TRP A . n 
A 1 112 ARG 112 112 112 ARG ARG A . n 
A 1 113 ASN 113 113 113 ASN ASN A . n 
A 1 114 ARG 114 114 114 ARG ARG A . n 
A 1 115 CYS 115 115 115 CYS CYS A . n 
A 1 116 LYS 116 116 116 LYS LYS A . n 
A 1 117 GLY 117 117 117 GLY GLY A . n 
A 1 118 THR 118 118 118 THR THR A . n 
A 1 119 ASP 119 119 119 ASP ASP A . n 
A 1 120 VAL 120 120 120 VAL VAL A . n 
A 1 121 GLN 121 121 121 GLN GLN A . n 
A 1 122 ALA 122 122 122 ALA ALA A . n 
A 1 123 TRP 123 123 123 TRP TRP A . n 
A 1 124 ILE 124 124 124 ILE ILE A . n 
A 1 125 ARG 125 125 125 ARG ARG A . n 
A 1 126 GLY 126 126 126 GLY GLY A . n 
A 1 127 CYS 127 127 127 CYS CYS A . n 
A 1 128 ARG 128 128 128 ARG ARG A . n 
A 1 129 LEU 129 129 129 LEU LEU A . n 
# 
_pdbx_entity_instance_feature.ordinal        1 
_pdbx_entity_instance_feature.comp_id        K5V 
_pdbx_entity_instance_feature.asym_id        ? 
_pdbx_entity_instance_feature.seq_num        ? 
_pdbx_entity_instance_feature.auth_comp_id   K5V 
_pdbx_entity_instance_feature.auth_asym_id   ? 
_pdbx_entity_instance_feature.auth_seq_num   ? 
_pdbx_entity_instance_feature.feature_type   'SUBJECT OF INVESTIGATION' 
_pdbx_entity_instance_feature.details        ? 
# 
loop_
_pdbx_nonpoly_scheme.asym_id 
_pdbx_nonpoly_scheme.entity_id 
_pdbx_nonpoly_scheme.mon_id 
_pdbx_nonpoly_scheme.ndb_seq_num 
_pdbx_nonpoly_scheme.pdb_seq_num 
_pdbx_nonpoly_scheme.auth_seq_num 
_pdbx_nonpoly_scheme.pdb_mon_id 
_pdbx_nonpoly_scheme.auth_mon_id 
_pdbx_nonpoly_scheme.pdb_strand_id 
_pdbx_nonpoly_scheme.pdb_ins_code 
B 2 EDO 1   201 200 EDO EDO A . 
C 3 NA  1   202 201 NA  NA  A . 
D 3 NA  1   203 202 NA  NA  A . 
E 4 CL  1   204 203 CL  CL  A . 
F 4 CL  1   205 204 CL  CL  A . 
G 4 CL  1   206 205 CL  CL  A . 
H 4 CL  1   207 206 CL  CL  A . 
I 4 CL  1   208 207 CL  CL  A . 
J 5 BEN 1   209 210 BEN BEN A . 
K 6 K5V 1   210 212 K5V 3AP A . 
L 6 K5V 1   211 214 K5V 3AP A . 
M 7 HOH 1   301 117 HOH HOH A . 
M 7 HOH 2   302 174 HOH HOH A . 
M 7 HOH 3   303 176 HOH HOH A . 
M 7 HOH 4   304 216 HOH HOH A . 
M 7 HOH 5   305 10  HOH HOH A . 
M 7 HOH 6   306 214 HOH HOH A . 
M 7 HOH 7   307 171 HOH HOH A . 
M 7 HOH 8   308 118 HOH HOH A . 
M 7 HOH 9   309 81  HOH HOH A . 
M 7 HOH 10  310 85  HOH HOH A . 
M 7 HOH 11  311 187 HOH HOH A . 
M 7 HOH 12  312 80  HOH HOH A . 
M 7 HOH 13  313 116 HOH HOH A . 
M 7 HOH 14  314 186 HOH HOH A . 
M 7 HOH 15  315 153 HOH HOH A . 
M 7 HOH 16  316 60  HOH HOH A . 
M 7 HOH 17  317 75  HOH HOH A . 
M 7 HOH 18  318 22  HOH HOH A . 
M 7 HOH 19  319 180 HOH HOH A . 
M 7 HOH 20  320 79  HOH HOH A . 
M 7 HOH 21  321 115 HOH HOH A . 
M 7 HOH 22  322 151 HOH HOH A . 
M 7 HOH 23  323 54  HOH HOH A . 
M 7 HOH 24  324 104 HOH HOH A . 
M 7 HOH 25  325 132 HOH HOH A . 
M 7 HOH 26  326 17  HOH HOH A . 
M 7 HOH 27  327 14  HOH HOH A . 
M 7 HOH 28  328 36  HOH HOH A . 
M 7 HOH 29  329 197 HOH HOH A . 
M 7 HOH 30  330 5   HOH HOH A . 
M 7 HOH 31  331 28  HOH HOH A . 
M 7 HOH 32  332 11  HOH HOH A . 
M 7 HOH 33  333 35  HOH HOH A . 
M 7 HOH 34  334 128 HOH HOH A . 
M 7 HOH 35  335 201 HOH HOH A . 
M 7 HOH 36  336 143 HOH HOH A . 
M 7 HOH 37  337 56  HOH HOH A . 
M 7 HOH 38  338 39  HOH HOH A . 
M 7 HOH 39  339 61  HOH HOH A . 
M 7 HOH 40  340 114 HOH HOH A . 
M 7 HOH 41  341 74  HOH HOH A . 
M 7 HOH 42  342 4   HOH HOH A . 
M 7 HOH 43  343 48  HOH HOH A . 
M 7 HOH 44  344 209 HOH HOH A . 
M 7 HOH 45  345 27  HOH HOH A . 
M 7 HOH 46  346 55  HOH HOH A . 
M 7 HOH 47  347 212 HOH HOH A . 
M 7 HOH 48  348 18  HOH HOH A . 
M 7 HOH 49  349 31  HOH HOH A . 
M 7 HOH 50  350 99  HOH HOH A . 
M 7 HOH 51  351 77  HOH HOH A . 
M 7 HOH 52  352 9   HOH HOH A . 
M 7 HOH 53  353 152 HOH HOH A . 
M 7 HOH 54  354 165 HOH HOH A . 
M 7 HOH 55  355 170 HOH HOH A . 
M 7 HOH 56  356 70  HOH HOH A . 
M 7 HOH 57  357 92  HOH HOH A . 
M 7 HOH 58  358 156 HOH HOH A . 
M 7 HOH 59  359 131 HOH HOH A . 
M 7 HOH 60  360 98  HOH HOH A . 
M 7 HOH 61  361 58  HOH HOH A . 
M 7 HOH 62  362 109 HOH HOH A . 
M 7 HOH 63  363 20  HOH HOH A . 
M 7 HOH 64  364 120 HOH HOH A . 
M 7 HOH 65  365 182 HOH HOH A . 
M 7 HOH 66  366 25  HOH HOH A . 
M 7 HOH 67  367 146 HOH HOH A . 
M 7 HOH 68  368 210 HOH HOH A . 
M 7 HOH 69  369 175 HOH HOH A . 
M 7 HOH 70  370 107 HOH HOH A . 
M 7 HOH 71  371 181 HOH HOH A . 
M 7 HOH 72  372 190 HOH HOH A . 
M 7 HOH 73  373 47  HOH HOH A . 
M 7 HOH 74  374 32  HOH HOH A . 
M 7 HOH 75  375 13  HOH HOH A . 
M 7 HOH 76  376 160 HOH HOH A . 
M 7 HOH 77  377 34  HOH HOH A . 
M 7 HOH 78  378 106 HOH HOH A . 
M 7 HOH 79  379 130 HOH HOH A . 
M 7 HOH 80  380 41  HOH HOH A . 
M 7 HOH 81  381 52  HOH HOH A . 
M 7 HOH 82  382 2   HOH HOH A . 
M 7 HOH 83  383 88  HOH HOH A . 
M 7 HOH 84  384 33  HOH HOH A . 
M 7 HOH 85  385 29  HOH HOH A . 
M 7 HOH 86  386 38  HOH HOH A . 
M 7 HOH 87  387 202 HOH HOH A . 
M 7 HOH 88  388 12  HOH HOH A . 
M 7 HOH 89  389 134 HOH HOH A . 
M 7 HOH 90  390 217 HOH HOH A . 
M 7 HOH 91  391 71  HOH HOH A . 
M 7 HOH 92  392 6   HOH HOH A . 
M 7 HOH 93  393 94  HOH HOH A . 
M 7 HOH 94  394 62  HOH HOH A . 
M 7 HOH 95  395 83  HOH HOH A . 
M 7 HOH 96  396 135 HOH HOH A . 
M 7 HOH 97  397 84  HOH HOH A . 
M 7 HOH 98  398 46  HOH HOH A . 
M 7 HOH 99  399 100 HOH HOH A . 
M 7 HOH 100 400 103 HOH HOH A . 
M 7 HOH 101 401 51  HOH HOH A . 
M 7 HOH 102 402 211 HOH HOH A . 
M 7 HOH 103 403 19  HOH HOH A . 
M 7 HOH 104 404 148 HOH HOH A . 
M 7 HOH 105 405 50  HOH HOH A . 
M 7 HOH 106 406 43  HOH HOH A . 
M 7 HOH 107 407 102 HOH HOH A . 
M 7 HOH 108 408 108 HOH HOH A . 
M 7 HOH 109 409 45  HOH HOH A . 
M 7 HOH 110 410 63  HOH HOH A . 
M 7 HOH 111 411 21  HOH HOH A . 
M 7 HOH 112 412 93  HOH HOH A . 
M 7 HOH 113 413 30  HOH HOH A . 
M 7 HOH 114 414 15  HOH HOH A . 
M 7 HOH 115 415 178 HOH HOH A . 
M 7 HOH 116 416 44  HOH HOH A . 
M 7 HOH 117 417 161 HOH HOH A . 
M 7 HOH 118 418 73  HOH HOH A . 
M 7 HOH 119 419 126 HOH HOH A . 
M 7 HOH 120 420 200 HOH HOH A . 
M 7 HOH 121 421 189 HOH HOH A . 
M 7 HOH 122 422 159 HOH HOH A . 
M 7 HOH 123 423 194 HOH HOH A . 
M 7 HOH 124 424 169 HOH HOH A . 
M 7 HOH 125 425 168 HOH HOH A . 
M 7 HOH 126 426 1   HOH HOH A . 
M 7 HOH 127 427 145 HOH HOH A . 
M 7 HOH 128 428 147 HOH HOH A . 
M 7 HOH 129 429 7   HOH HOH A . 
M 7 HOH 130 430 24  HOH HOH A . 
M 7 HOH 131 431 105 HOH HOH A . 
M 7 HOH 132 432 3   HOH HOH A . 
M 7 HOH 133 433 113 HOH HOH A . 
M 7 HOH 134 434 127 HOH HOH A . 
M 7 HOH 135 435 64  HOH HOH A . 
M 7 HOH 136 436 8   HOH HOH A . 
M 7 HOH 137 437 78  HOH HOH A . 
M 7 HOH 138 438 215 HOH HOH A . 
M 7 HOH 139 439 121 HOH HOH A . 
M 7 HOH 140 440 49  HOH HOH A . 
M 7 HOH 141 441 16  HOH HOH A . 
M 7 HOH 142 442 185 HOH HOH A . 
M 7 HOH 143 443 23  HOH HOH A . 
M 7 HOH 144 444 112 HOH HOH A . 
M 7 HOH 145 445 164 HOH HOH A . 
M 7 HOH 146 446 40  HOH HOH A . 
M 7 HOH 147 447 213 HOH HOH A . 
M 7 HOH 148 448 124 HOH HOH A . 
M 7 HOH 149 449 141 HOH HOH A . 
M 7 HOH 150 450 76  HOH HOH A . 
M 7 HOH 151 451 65  HOH HOH A . 
M 7 HOH 152 452 37  HOH HOH A . 
M 7 HOH 153 453 157 HOH HOH A . 
M 7 HOH 154 454 67  HOH HOH A . 
M 7 HOH 155 455 139 HOH HOH A . 
M 7 HOH 156 456 91  HOH HOH A . 
M 7 HOH 157 457 53  HOH HOH A . 
M 7 HOH 158 458 96  HOH HOH A . 
M 7 HOH 159 459 133 HOH HOH A . 
M 7 HOH 160 460 144 HOH HOH A . 
M 7 HOH 161 461 191 HOH HOH A . 
M 7 HOH 162 462 42  HOH HOH A . 
M 7 HOH 163 463 97  HOH HOH A . 
M 7 HOH 164 464 149 HOH HOH A . 
M 7 HOH 165 465 89  HOH HOH A . 
M 7 HOH 166 466 66  HOH HOH A . 
M 7 HOH 167 467 195 HOH HOH A . 
M 7 HOH 168 468 69  HOH HOH A . 
M 7 HOH 169 469 155 HOH HOH A . 
M 7 HOH 170 470 177 HOH HOH A . 
M 7 HOH 171 471 95  HOH HOH A . 
M 7 HOH 172 472 82  HOH HOH A . 
M 7 HOH 173 473 188 HOH HOH A . 
M 7 HOH 174 474 123 HOH HOH A . 
M 7 HOH 175 475 198 HOH HOH A . 
M 7 HOH 176 476 203 HOH HOH A . 
M 7 HOH 177 477 150 HOH HOH A . 
M 7 HOH 178 478 184 HOH HOH A . 
M 7 HOH 179 479 86  HOH HOH A . 
M 7 HOH 180 480 163 HOH HOH A . 
M 7 HOH 181 481 129 HOH HOH A . 
M 7 HOH 182 482 218 HOH HOH A . 
M 7 HOH 183 483 26  HOH HOH A . 
M 7 HOH 184 484 110 HOH HOH A . 
M 7 HOH 185 485 183 HOH HOH A . 
M 7 HOH 186 486 166 HOH HOH A . 
M 7 HOH 187 487 173 HOH HOH A . 
M 7 HOH 188 488 199 HOH HOH A . 
M 7 HOH 189 489 137 HOH HOH A . 
M 7 HOH 190 490 162 HOH HOH A . 
M 7 HOH 191 491 68  HOH HOH A . 
M 7 HOH 192 492 172 HOH HOH A . 
M 7 HOH 193 493 196 HOH HOH A . 
M 7 HOH 194 494 119 HOH HOH A . 
M 7 HOH 195 495 193 HOH HOH A . 
M 7 HOH 196 496 167 HOH HOH A . 
M 7 HOH 197 497 90  HOH HOH A . 
M 7 HOH 198 498 101 HOH HOH A . 
M 7 HOH 199 499 205 HOH HOH A . 
M 7 HOH 200 500 208 HOH HOH A . 
M 7 HOH 201 501 57  HOH HOH A . 
M 7 HOH 202 502 87  HOH HOH A . 
M 7 HOH 203 503 204 HOH HOH A . 
M 7 HOH 204 504 207 HOH HOH A . 
M 7 HOH 205 505 138 HOH HOH A . 
M 7 HOH 206 506 140 HOH HOH A . 
M 7 HOH 207 507 125 HOH HOH A . 
M 7 HOH 208 508 158 HOH HOH A . 
M 7 HOH 209 509 154 HOH HOH A . 
M 7 HOH 210 510 142 HOH HOH A . 
M 7 HOH 211 511 59  HOH HOH A . 
M 7 HOH 212 512 192 HOH HOH A . 
M 7 HOH 213 513 122 HOH HOH A . 
M 7 HOH 214 514 72  HOH HOH A . 
M 7 HOH 215 515 179 HOH HOH A . 
M 7 HOH 216 516 111 HOH HOH A . 
M 7 HOH 217 517 136 HOH HOH A . 
M 7 HOH 218 518 206 HOH HOH A . 
# 
loop_
_software.citation_id 
_software.classification 
_software.compiler_name 
_software.compiler_version 
_software.contact_author 
_software.contact_author_email 
_software.date 
_software.description 
_software.dependencies 
_software.hardware 
_software.language 
_software.location 
_software.mods 
_software.name 
_software.os 
_software.os_version 
_software.type 
_software.version 
_software.pdbx_ordinal 
? refinement       ? ? ? ? ? ? ? ? ? ? ? REFMAC ? ? ? 5.8.0135 1 
? 'data reduction' ? ? ? ? ? ? ? ? ? ? ? XDS    ? ? ? .        2 
? 'data scaling'   ? ? ? ? ? ? ? ? ? ? ? XDS    ? ? ? .        3 
? phasing          ? ? ? ? ? ? ? ? ? ? ? MOLREP ? ? ? .        4 
# 
_cell.angle_alpha                  90.00 
_cell.angle_alpha_esd              ? 
_cell.angle_beta                   90.00 
_cell.angle_beta_esd               ? 
_cell.angle_gamma                  90.00 
_cell.angle_gamma_esd              ? 
_cell.entry_id                     6MX9 
_cell.details                      ? 
_cell.formula_units_Z              ? 
_cell.length_a                     80.085 
_cell.length_a_esd                 ? 
_cell.length_b                     80.085 
_cell.length_b_esd                 ? 
_cell.length_c                     37.197 
_cell.length_c_esd                 ? 
_cell.volume                       ? 
_cell.volume_esd                   ? 
_cell.Z_PDB                        8 
_cell.reciprocal_angle_alpha       ? 
_cell.reciprocal_angle_beta        ? 
_cell.reciprocal_angle_gamma       ? 
_cell.reciprocal_angle_alpha_esd   ? 
_cell.reciprocal_angle_beta_esd    ? 
_cell.reciprocal_angle_gamma_esd   ? 
_cell.reciprocal_length_a          ? 
_cell.reciprocal_length_b          ? 
_cell.reciprocal_length_c          ? 
_cell.reciprocal_length_a_esd      ? 
_cell.reciprocal_length_b_esd      ? 
_cell.reciprocal_length_c_esd      ? 
_cell.pdbx_unique_axis             ? 
# 
_symmetry.entry_id                         6MX9 
_symmetry.cell_setting                     ? 
_symmetry.Int_Tables_number                96 
_symmetry.space_group_name_Hall            ? 
_symmetry.space_group_name_H-M             'P 43 21 2' 
_symmetry.pdbx_full_space_group_name_H-M   ? 
# 
_exptl.absorpt_coefficient_mu     ? 
_exptl.absorpt_correction_T_max   ? 
_exptl.absorpt_correction_T_min   ? 
_exptl.absorpt_correction_type    ? 
_exptl.absorpt_process_details    ? 
_exptl.entry_id                   6MX9 
_exptl.crystals_number            1 
_exptl.details                    ? 
_exptl.method                     'X-RAY DIFFRACTION' 
_exptl.method_details             ? 
# 
_exptl_crystal.colour                      ? 
_exptl_crystal.density_diffrn              ? 
_exptl_crystal.density_Matthews            2.08 
_exptl_crystal.density_method              ? 
_exptl_crystal.density_percent_sol         40.89 
_exptl_crystal.description                 ? 
_exptl_crystal.F_000                       ? 
_exptl_crystal.id                          1 
_exptl_crystal.preparation                 ? 
_exptl_crystal.size_max                    ? 
_exptl_crystal.size_mid                    ? 
_exptl_crystal.size_min                    ? 
_exptl_crystal.size_rad                    ? 
_exptl_crystal.colour_lustre               ? 
_exptl_crystal.colour_modifier             ? 
_exptl_crystal.colour_primary              ? 
_exptl_crystal.density_meas                ? 
_exptl_crystal.density_meas_esd            ? 
_exptl_crystal.density_meas_gt             ? 
_exptl_crystal.density_meas_lt             ? 
_exptl_crystal.density_meas_temp           ? 
_exptl_crystal.density_meas_temp_esd       ? 
_exptl_crystal.density_meas_temp_gt        ? 
_exptl_crystal.density_meas_temp_lt        ? 
_exptl_crystal.pdbx_crystal_image_url      ? 
_exptl_crystal.pdbx_crystal_image_format   ? 
_exptl_crystal.pdbx_mosaicity              ? 
_exptl_crystal.pdbx_mosaicity_esd          ? 
# 
_exptl_crystal_grow.apparatus       ? 
_exptl_crystal_grow.atmosphere      ? 
_exptl_crystal_grow.crystal_id      1 
_exptl_crystal_grow.details         ? 
_exptl_crystal_grow.method          'VAPOR DIFFUSION, HANGING DROP' 
_exptl_crystal_grow.method_ref      ? 
_exptl_crystal_grow.pH              4.6 
_exptl_crystal_grow.pressure        ? 
_exptl_crystal_grow.pressure_esd    ? 
_exptl_crystal_grow.seeding         ? 
_exptl_crystal_grow.seeding_ref     ? 
_exptl_crystal_grow.temp            293 
_exptl_crystal_grow.temp_details    ? 
_exptl_crystal_grow.temp_esd        ? 
_exptl_crystal_grow.time            ? 
_exptl_crystal_grow.pdbx_details    
;10uL of 50mM 3-aminophenol was deposited on a cover slip and allowed to dry.  A 20 uL pellet of 4% sodium chloride + 5% ethylene glycol + 10% glycerol in 2% agar was deposited on the cover slip.  Adjacent to this was positioned lysozyme (10 ul of 30 mg/ml lysozyme in 100 mM sodium acetate pH 4.6).  The cover slip was equilibrated over precipitant containing all the crystallization components.
;
_exptl_crystal_grow.pdbx_pH_range   ? 
# 
_diffrn.ambient_environment              ? 
_diffrn.ambient_temp                     100 
_diffrn.ambient_temp_details             ? 
_diffrn.ambient_temp_esd                 ? 
_diffrn.crystal_id                       1 
_diffrn.crystal_support                  ? 
_diffrn.crystal_treatment                ? 
_diffrn.details                          ? 
_diffrn.id                               1 
_diffrn.ambient_pressure                 ? 
_diffrn.ambient_pressure_esd             ? 
_diffrn.ambient_pressure_gt              ? 
_diffrn.ambient_pressure_lt              ? 
_diffrn.ambient_temp_gt                  ? 
_diffrn.ambient_temp_lt                  ? 
_diffrn.pdbx_serial_crystal_experiment   N 
# 
_diffrn_detector.details                      ? 
_diffrn_detector.detector                     PIXEL 
_diffrn_detector.diffrn_id                    1 
_diffrn_detector.type                         'DECTRIS EIGER X 9M' 
_diffrn_detector.area_resol_mean              ? 
_diffrn_detector.dtime                        ? 
_diffrn_detector.pdbx_frames_total            ? 
_diffrn_detector.pdbx_collection_time_total   ? 
_diffrn_detector.pdbx_collection_date         2018-08-08 
_diffrn_detector.pdbx_frequency               ? 
# 
_diffrn_radiation.collimation                      ? 
_diffrn_radiation.diffrn_id                        1 
_diffrn_radiation.filter_edge                      ? 
_diffrn_radiation.inhomogeneity                    ? 
_diffrn_radiation.monochromator                    ? 
_diffrn_radiation.polarisn_norm                    ? 
_diffrn_radiation.polarisn_ratio                   ? 
_diffrn_radiation.probe                            ? 
_diffrn_radiation.type                             ? 
_diffrn_radiation.xray_symbol                      ? 
_diffrn_radiation.wavelength_id                    1 
_diffrn_radiation.pdbx_monochromatic_or_laue_m_l   M 
_diffrn_radiation.pdbx_wavelength_list             ? 
_diffrn_radiation.pdbx_wavelength                  ? 
_diffrn_radiation.pdbx_diffrn_protocol             'SINGLE WAVELENGTH' 
_diffrn_radiation.pdbx_analyzer                    ? 
_diffrn_radiation.pdbx_scattering_type             x-ray 
# 
_diffrn_radiation_wavelength.id           1 
_diffrn_radiation_wavelength.wavelength   0.9202 
_diffrn_radiation_wavelength.wt           1.0 
# 
_diffrn_source.current                     ? 
_diffrn_source.details                     ? 
_diffrn_source.diffrn_id                   1 
_diffrn_source.power                       ? 
_diffrn_source.size                        ? 
_diffrn_source.source                      SYNCHROTRON 
_diffrn_source.target                      ? 
_diffrn_source.type                        'NSLS-II BEAMLINE 17-ID-1' 
_diffrn_source.voltage                     ? 
_diffrn_source.take-off_angle              ? 
_diffrn_source.pdbx_wavelength_list        0.9202 
_diffrn_source.pdbx_wavelength             ? 
_diffrn_source.pdbx_synchrotron_beamline   17-ID-1 
_diffrn_source.pdbx_synchrotron_site       NSLS-II 
# 
_reflns.B_iso_Wilson_estimate            ? 
_reflns.entry_id                         6MX9 
_reflns.data_reduction_details           ? 
_reflns.data_reduction_method            ? 
_reflns.d_resolution_high                1.35 
_reflns.d_resolution_low                 28.31 
_reflns.details                          ? 
_reflns.limit_h_max                      ? 
_reflns.limit_h_min                      ? 
_reflns.limit_k_max                      ? 
_reflns.limit_k_min                      ? 
_reflns.limit_l_max                      ? 
_reflns.limit_l_min                      ? 
_reflns.number_all                       ? 
_reflns.number_obs                       25655 
_reflns.observed_criterion               ? 
_reflns.observed_criterion_F_max         ? 
_reflns.observed_criterion_F_min         ? 
_reflns.observed_criterion_I_max         ? 
_reflns.observed_criterion_I_min         ? 
_reflns.observed_criterion_sigma_F       ? 
_reflns.observed_criterion_sigma_I       ? 
_reflns.percent_possible_obs             99.7 
_reflns.R_free_details                   ? 
_reflns.Rmerge_F_all                     ? 
_reflns.Rmerge_F_obs                     ? 
_reflns.Friedel_coverage                 ? 
_reflns.number_gt                        ? 
_reflns.threshold_expression             ? 
_reflns.pdbx_redundancy                  12.8 
_reflns.pdbx_Rmerge_I_obs                0.068 
_reflns.pdbx_Rmerge_I_all                ? 
_reflns.pdbx_Rsym_value                  ? 
_reflns.pdbx_netI_over_av_sigmaI         ? 
_reflns.pdbx_netI_over_sigmaI            21.90 
_reflns.pdbx_res_netI_over_av_sigmaI_2   ? 
_reflns.pdbx_res_netI_over_sigmaI_2      ? 
_reflns.pdbx_chi_squared                 ? 
_reflns.pdbx_scaling_rejects             ? 
_reflns.pdbx_d_res_high_opt              ? 
_reflns.pdbx_d_res_low_opt               ? 
_reflns.pdbx_d_res_opt_method            ? 
_reflns.phase_calculation_details        ? 
_reflns.pdbx_Rrim_I_all                  ? 
_reflns.pdbx_Rpim_I_all                  ? 
_reflns.pdbx_d_opt                       ? 
_reflns.pdbx_number_measured_all         ? 
_reflns.pdbx_diffrn_id                   1 
_reflns.pdbx_ordinal                     1 
_reflns.pdbx_CC_half                     0.998 
_reflns.pdbx_R_split                     ? 
# 
_reflns_shell.d_res_high                  1.35 
_reflns_shell.d_res_low                   1.39 
_reflns_shell.meanI_over_sigI_all         ? 
_reflns_shell.meanI_over_sigI_obs         3.20 
_reflns_shell.number_measured_all         ? 
_reflns_shell.number_measured_obs         ? 
_reflns_shell.number_possible             ? 
_reflns_shell.number_unique_all           ? 
_reflns_shell.number_unique_obs           ? 
_reflns_shell.percent_possible_all        96.0 
_reflns_shell.percent_possible_obs        ? 
_reflns_shell.Rmerge_F_all                ? 
_reflns_shell.Rmerge_F_obs                ? 
_reflns_shell.Rmerge_I_all                ? 
_reflns_shell.Rmerge_I_obs                0.725 
_reflns_shell.meanI_over_sigI_gt          ? 
_reflns_shell.meanI_over_uI_all           ? 
_reflns_shell.meanI_over_uI_gt            ? 
_reflns_shell.number_measured_gt          ? 
_reflns_shell.number_unique_gt            ? 
_reflns_shell.percent_possible_gt         ? 
_reflns_shell.Rmerge_F_gt                 ? 
_reflns_shell.Rmerge_I_gt                 ? 
_reflns_shell.pdbx_redundancy             11.3 
_reflns_shell.pdbx_Rsym_value             ? 
_reflns_shell.pdbx_chi_squared            ? 
_reflns_shell.pdbx_netI_over_sigmaI_all   ? 
_reflns_shell.pdbx_netI_over_sigmaI_obs   ? 
_reflns_shell.pdbx_Rrim_I_all             ? 
_reflns_shell.pdbx_Rpim_I_all             ? 
_reflns_shell.pdbx_rejects                ? 
_reflns_shell.pdbx_ordinal                1 
_reflns_shell.pdbx_diffrn_id              1 
_reflns_shell.pdbx_CC_half                0.906 
_reflns_shell.pdbx_R_split                ? 
# 
_refine.aniso_B[1][1]                            -0.00 
_refine.aniso_B[1][2]                            0.00 
_refine.aniso_B[1][3]                            0.00 
_refine.aniso_B[2][2]                            -0.00 
_refine.aniso_B[2][3]                            0.00 
_refine.aniso_B[3][3]                            0.00 
_refine.B_iso_max                                ? 
_refine.B_iso_mean                               18.817 
_refine.B_iso_min                                ? 
_refine.correlation_coeff_Fo_to_Fc               0.974 
_refine.correlation_coeff_Fo_to_Fc_free          0.960 
_refine.details                                  'HYDROGENS HAVE BEEN ADDED IN THE RIDING POSITIONS' 
_refine.diff_density_max                         ? 
_refine.diff_density_max_esd                     ? 
_refine.diff_density_min                         ? 
_refine.diff_density_min_esd                     ? 
_refine.diff_density_rms                         ? 
_refine.diff_density_rms_esd                     ? 
_refine.entry_id                                 6MX9 
_refine.pdbx_refine_id                           'X-RAY DIFFRACTION' 
_refine.ls_abs_structure_details                 ? 
_refine.ls_abs_structure_Flack                   ? 
_refine.ls_abs_structure_Flack_esd               ? 
_refine.ls_abs_structure_Rogers                  ? 
_refine.ls_abs_structure_Rogers_esd              ? 
_refine.ls_d_res_high                            1.35 
_refine.ls_d_res_low                             28.31 
_refine.ls_extinction_coef                       ? 
_refine.ls_extinction_coef_esd                   ? 
_refine.ls_extinction_expression                 ? 
_refine.ls_extinction_method                     ? 
_refine.ls_goodness_of_fit_all                   ? 
_refine.ls_goodness_of_fit_all_esd               ? 
_refine.ls_goodness_of_fit_obs                   ? 
_refine.ls_goodness_of_fit_obs_esd               ? 
_refine.ls_hydrogen_treatment                    ? 
_refine.ls_matrix_type                           ? 
_refine.ls_number_constraints                    ? 
_refine.ls_number_parameters                     ? 
_refine.ls_number_reflns_all                     ? 
_refine.ls_number_reflns_obs                     25655 
_refine.ls_number_reflns_R_free                  1359 
_refine.ls_number_reflns_R_work                  ? 
_refine.ls_number_restraints                     ? 
_refine.ls_percent_reflns_obs                    99.67 
_refine.ls_percent_reflns_R_free                 5.0 
_refine.ls_R_factor_all                          ? 
_refine.ls_R_factor_obs                          0.15898 
_refine.ls_R_factor_R_free                       0.18590 
_refine.ls_R_factor_R_free_error                 ? 
_refine.ls_R_factor_R_free_error_details         ? 
_refine.ls_R_factor_R_work                       0.15754 
_refine.ls_R_Fsqd_factor_obs                     ? 
_refine.ls_R_I_factor_obs                        ? 
_refine.ls_redundancy_reflns_all                 ? 
_refine.ls_redundancy_reflns_obs                 ? 
_refine.ls_restrained_S_all                      ? 
_refine.ls_restrained_S_obs                      ? 
_refine.ls_shift_over_esd_max                    ? 
_refine.ls_shift_over_esd_mean                   ? 
_refine.ls_structure_factor_coef                 ? 
_refine.ls_weighting_details                     ? 
_refine.ls_weighting_scheme                      ? 
_refine.ls_wR_factor_all                         ? 
_refine.ls_wR_factor_obs                         ? 
_refine.ls_wR_factor_R_free                      ? 
_refine.ls_wR_factor_R_work                      ? 
_refine.occupancy_max                            ? 
_refine.occupancy_min                            ? 
_refine.solvent_model_details                    ? 
_refine.solvent_model_param_bsol                 ? 
_refine.solvent_model_param_ksol                 ? 
_refine.ls_R_factor_gt                           ? 
_refine.ls_goodness_of_fit_gt                    ? 
_refine.ls_goodness_of_fit_ref                   ? 
_refine.ls_shift_over_su_max                     ? 
_refine.ls_shift_over_su_max_lt                  ? 
_refine.ls_shift_over_su_mean                    ? 
_refine.ls_shift_over_su_mean_lt                 ? 
_refine.pdbx_ls_sigma_I                          ? 
_refine.pdbx_ls_sigma_F                          ? 
_refine.pdbx_ls_sigma_Fsqd                       ? 
_refine.pdbx_data_cutoff_high_absF               ? 
_refine.pdbx_data_cutoff_high_rms_absF           ? 
_refine.pdbx_data_cutoff_low_absF                ? 
_refine.pdbx_isotropic_thermal_model             ? 
_refine.pdbx_ls_cross_valid_method               THROUGHOUT 
_refine.pdbx_method_to_determine_struct          'MOLECULAR REPLACEMENT' 
_refine.pdbx_starting_model                      4N8Z 
_refine.pdbx_stereochemistry_target_values       ? 
_refine.pdbx_R_Free_selection_details            RANDOM 
_refine.pdbx_stereochem_target_val_spec_case     ? 
_refine.pdbx_overall_ESU_R                       0.056 
_refine.pdbx_overall_ESU_R_Free                  0.059 
_refine.pdbx_solvent_vdw_probe_radii             1.20 
_refine.pdbx_solvent_ion_probe_radii             0.80 
_refine.pdbx_solvent_shrinkage_radii             0.80 
_refine.pdbx_real_space_R                        ? 
_refine.pdbx_density_correlation                 ? 
_refine.pdbx_pd_number_of_powder_patterns        ? 
_refine.pdbx_pd_number_of_points                 ? 
_refine.pdbx_pd_meas_number_of_points            ? 
_refine.pdbx_pd_proc_ls_prof_R_factor            ? 
_refine.pdbx_pd_proc_ls_prof_wR_factor           ? 
_refine.pdbx_pd_Marquardt_correlation_coeff      ? 
_refine.pdbx_pd_Fsqrd_R_factor                   ? 
_refine.pdbx_pd_ls_matrix_band_width             ? 
_refine.pdbx_overall_phase_error                 ? 
_refine.pdbx_overall_SU_R_free_Cruickshank_DPI   ? 
_refine.pdbx_overall_SU_R_free_Blow_DPI          ? 
_refine.pdbx_overall_SU_R_Blow_DPI               ? 
_refine.pdbx_TLS_residual_ADP_flag               ? 
_refine.pdbx_diffrn_id                           1 
_refine.overall_SU_B                             0.850 
_refine.overall_SU_ML                            0.034 
_refine.overall_SU_R_Cruickshank_DPI             ? 
_refine.overall_SU_R_free                        ? 
_refine.overall_FOM_free_R_set                   ? 
_refine.overall_FOM_work_R_set                   ? 
_refine.pdbx_average_fsc_overall                 ? 
_refine.pdbx_average_fsc_work                    ? 
_refine.pdbx_average_fsc_free                    ? 
# 
_refine_hist.pdbx_refine_id                   'X-RAY DIFFRACTION' 
_refine_hist.cycle_id                         1 
_refine_hist.pdbx_number_atoms_protein        1001 
_refine_hist.pdbx_number_atoms_nucleic_acid   0 
_refine_hist.pdbx_number_atoms_ligand         36 
_refine_hist.number_atoms_solvent             218 
_refine_hist.number_atoms_total               1255 
_refine_hist.d_res_high                       1.35 
_refine_hist.d_res_low                        28.31 
# 
loop_
_refine_ls_restr.pdbx_refine_id 
_refine_ls_restr.criterion 
_refine_ls_restr.dev_ideal 
_refine_ls_restr.dev_ideal_target 
_refine_ls_restr.number 
_refine_ls_restr.rejects 
_refine_ls_restr.type 
_refine_ls_restr.weight 
_refine_ls_restr.pdbx_restraint_function 
'X-RAY DIFFRACTION' ? 0.029  0.019  1150 ? r_bond_refined_d             ? ? 
'X-RAY DIFFRACTION' ? 0.003  0.020  1068 ? r_bond_other_d               ? ? 
'X-RAY DIFFRACTION' ? 2.533  1.936  1556 ? r_angle_refined_deg          ? ? 
'X-RAY DIFFRACTION' ? 1.276  3.000  2420 ? r_angle_other_deg            ? ? 
'X-RAY DIFFRACTION' ? 6.426  5.000  143  ? r_dihedral_angle_1_deg       ? ? 
'X-RAY DIFFRACTION' ? 35.789 22.321 56   ? r_dihedral_angle_2_deg       ? ? 
'X-RAY DIFFRACTION' ? 13.121 15.000 188  ? r_dihedral_angle_3_deg       ? ? 
'X-RAY DIFFRACTION' ? 21.610 15.000 15   ? r_dihedral_angle_4_deg       ? ? 
'X-RAY DIFFRACTION' ? 0.171  0.200  152  ? r_chiral_restr               ? ? 
'X-RAY DIFFRACTION' ? 0.014  0.020  1389 ? r_gen_planes_refined         ? ? 
'X-RAY DIFFRACTION' ? 0.003  0.020  340  ? r_gen_planes_other           ? ? 
'X-RAY DIFFRACTION' ? ?      ?      ?    ? r_nbd_refined                ? ? 
'X-RAY DIFFRACTION' ? ?      ?      ?    ? r_nbd_other                  ? ? 
'X-RAY DIFFRACTION' ? ?      ?      ?    ? r_nbtor_refined              ? ? 
'X-RAY DIFFRACTION' ? ?      ?      ?    ? r_nbtor_other                ? ? 
'X-RAY DIFFRACTION' ? ?      ?      ?    ? r_xyhbond_nbd_refined        ? ? 
'X-RAY DIFFRACTION' ? ?      ?      ?    ? r_xyhbond_nbd_other          ? ? 
'X-RAY DIFFRACTION' ? ?      ?      ?    ? r_metal_ion_refined          ? ? 
'X-RAY DIFFRACTION' ? ?      ?      ?    ? r_metal_ion_other            ? ? 
'X-RAY DIFFRACTION' ? ?      ?      ?    ? r_symmetry_vdw_refined       ? ? 
'X-RAY DIFFRACTION' ? ?      ?      ?    ? r_symmetry_vdw_other         ? ? 
'X-RAY DIFFRACTION' ? ?      ?      ?    ? r_symmetry_hbond_refined     ? ? 
'X-RAY DIFFRACTION' ? ?      ?      ?    ? r_symmetry_hbond_other       ? ? 
'X-RAY DIFFRACTION' ? ?      ?      ?    ? r_symmetry_metal_ion_refined ? ? 
'X-RAY DIFFRACTION' ? ?      ?      ?    ? r_symmetry_metal_ion_other   ? ? 
'X-RAY DIFFRACTION' ? 1.540  1.471  554  ? r_mcbond_it                  ? ? 
'X-RAY DIFFRACTION' ? 1.474  1.466  553  ? r_mcbond_other               ? ? 
'X-RAY DIFFRACTION' ? 2.152  2.210  703  ? r_mcangle_it                 ? ? 
'X-RAY DIFFRACTION' ? 2.169  2.213  704  ? r_mcangle_other              ? ? 
'X-RAY DIFFRACTION' ? 2.976  1.868  596  ? r_scbond_it                  ? ? 
'X-RAY DIFFRACTION' ? 2.977  1.868  596  ? r_scbond_other               ? ? 
'X-RAY DIFFRACTION' ? ?      ?      ?    ? r_scangle_it                 ? ? 
'X-RAY DIFFRACTION' ? 4.437  2.664  854  ? r_scangle_other              ? ? 
'X-RAY DIFFRACTION' ? 7.025  14.941 1553 ? r_long_range_B_refined       ? ? 
'X-RAY DIFFRACTION' ? 6.982  14.752 1542 ? r_long_range_B_other         ? ? 
'X-RAY DIFFRACTION' ? ?      ?      ?    ? r_rigid_bond_restr           ? ? 
'X-RAY DIFFRACTION' ? ?      ?      ?    ? r_sphericity_free            ? ? 
'X-RAY DIFFRACTION' ? ?      ?      ?    ? r_sphericity_bonded          ? ? 
# 
_refine_ls_shell.pdbx_refine_id                   'X-RAY DIFFRACTION' 
_refine_ls_shell.d_res_high                       1.351 
_refine_ls_shell.d_res_low                        1.386 
_refine_ls_shell.number_reflns_all                ? 
_refine_ls_shell.number_reflns_obs                ? 
_refine_ls_shell.number_reflns_R_free             95 
_refine_ls_shell.number_reflns_R_work             1809 
_refine_ls_shell.percent_reflns_obs               95.92 
_refine_ls_shell.percent_reflns_R_free            ? 
_refine_ls_shell.R_factor_all                     ? 
_refine_ls_shell.R_factor_obs                     ? 
_refine_ls_shell.R_factor_R_free                  0.434 
_refine_ls_shell.R_factor_R_free_error            ? 
_refine_ls_shell.R_factor_R_work                  0.455 
_refine_ls_shell.redundancy_reflns_all            ? 
_refine_ls_shell.redundancy_reflns_obs            ? 
_refine_ls_shell.wR_factor_all                    ? 
_refine_ls_shell.wR_factor_obs                    ? 
_refine_ls_shell.wR_factor_R_free                 ? 
_refine_ls_shell.wR_factor_R_work                 ? 
_refine_ls_shell.pdbx_total_number_of_bins_used   20 
_refine_ls_shell.pdbx_phase_error                 ? 
_refine_ls_shell.pdbx_fsc_work                    ? 
_refine_ls_shell.pdbx_fsc_free                    ? 
# 
_struct.entry_id                     6MX9 
_struct.title                        'Lysozyme bound to 3-Aminophenol' 
_struct.pdbx_model_details           ? 
_struct.pdbx_formula_weight          ? 
_struct.pdbx_formula_weight_method   ? 
_struct.pdbx_model_type_details      ? 
_struct.pdbx_CASP_flag               N 
# 
_struct_keywords.entry_id        6MX9 
_struct_keywords.text            'nucleation, lysozyme, drug discovery, HYDROLASE' 
_struct_keywords.pdbx_keywords   HYDROLASE 
# 
loop_
_struct_asym.id 
_struct_asym.pdbx_blank_PDB_chainid_flag 
_struct_asym.pdbx_modified 
_struct_asym.entity_id 
_struct_asym.details 
A N N 1 ? 
B N N 2 ? 
C N N 3 ? 
D N N 3 ? 
E N N 4 ? 
F N N 4 ? 
G N N 4 ? 
H N N 4 ? 
I N N 4 ? 
J N N 5 ? 
K N N 6 ? 
L N N 6 ? 
M N N 7 ? 
# 
_struct_ref.id                         1 
_struct_ref.db_name                    UNP 
_struct_ref.db_code                    LYSC_CHICK 
_struct_ref.pdbx_db_accession          P00698 
_struct_ref.pdbx_db_isoform            ? 
_struct_ref.entity_id                  1 
_struct_ref.pdbx_seq_one_letter_code   
;KVFGRCELAAAMKRHGLDNYRGYSLGNWVCAAKFESNFNTQATNRNTDGSTDYGILQINSRWWCNDGRTPGSRNLCNIPC
SALLSSDITASVNCAKKIVSDGNGMNAWVAWRNRCKGTDVQAWIRGCRL
;
_struct_ref.pdbx_align_begin           19 
# 
_struct_ref_seq.align_id                      1 
_struct_ref_seq.ref_id                        1 
_struct_ref_seq.pdbx_PDB_id_code              6MX9 
_struct_ref_seq.pdbx_strand_id                A 
_struct_ref_seq.seq_align_beg                 1 
_struct_ref_seq.pdbx_seq_align_beg_ins_code   ? 
_struct_ref_seq.seq_align_end                 129 
_struct_ref_seq.pdbx_seq_align_end_ins_code   ? 
_struct_ref_seq.pdbx_db_accession             P00698 
_struct_ref_seq.db_align_beg                  19 
_struct_ref_seq.pdbx_db_align_beg_ins_code    ? 
_struct_ref_seq.db_align_end                  147 
_struct_ref_seq.pdbx_db_align_end_ins_code    ? 
_struct_ref_seq.pdbx_auth_seq_align_beg       1 
_struct_ref_seq.pdbx_auth_seq_align_end       129 
# 
_pdbx_struct_assembly.id                   1 
_pdbx_struct_assembly.details              author_and_software_defined_assembly 
_pdbx_struct_assembly.method_details       PISA 
_pdbx_struct_assembly.oligomeric_details   monomeric 
_pdbx_struct_assembly.oligomeric_count     1 
# 
_pdbx_struct_assembly_gen.assembly_id       1 
_pdbx_struct_assembly_gen.oper_expression   1 
_pdbx_struct_assembly_gen.asym_id_list      A,B,C,D,E,F,G,H,I,J,K,L,M 
# 
_pdbx_struct_assembly_auth_evidence.id                     1 
_pdbx_struct_assembly_auth_evidence.assembly_id            1 
_pdbx_struct_assembly_auth_evidence.experimental_support   none 
_pdbx_struct_assembly_auth_evidence.details                ? 
# 
_pdbx_struct_oper_list.id                   1 
_pdbx_struct_oper_list.type                 'identity operation' 
_pdbx_struct_oper_list.name                 1_555 
_pdbx_struct_oper_list.symmetry_operation   x,y,z 
_pdbx_struct_oper_list.matrix[1][1]         1.0000000000 
_pdbx_struct_oper_list.matrix[1][2]         0.0000000000 
_pdbx_struct_oper_list.matrix[1][3]         0.0000000000 
_pdbx_struct_oper_list.vector[1]            0.0000000000 
_pdbx_struct_oper_list.matrix[2][1]         0.0000000000 
_pdbx_struct_oper_list.matrix[2][2]         1.0000000000 
_pdbx_struct_oper_list.matrix[2][3]         0.0000000000 
_pdbx_struct_oper_list.vector[2]            0.0000000000 
_pdbx_struct_oper_list.matrix[3][1]         0.0000000000 
_pdbx_struct_oper_list.matrix[3][2]         0.0000000000 
_pdbx_struct_oper_list.matrix[3][3]         1.0000000000 
_pdbx_struct_oper_list.vector[3]            0.0000000000 
# 
loop_
_struct_conf.conf_type_id 
_struct_conf.id 
_struct_conf.pdbx_PDB_helix_id 
_struct_conf.beg_label_comp_id 
_struct_conf.beg_label_asym_id 
_struct_conf.beg_label_seq_id 
_struct_conf.pdbx_beg_PDB_ins_code 
_struct_conf.end_label_comp_id 
_struct_conf.end_label_asym_id 
_struct_conf.end_label_seq_id 
_struct_conf.pdbx_end_PDB_ins_code 
_struct_conf.beg_auth_comp_id 
_struct_conf.beg_auth_asym_id 
_struct_conf.beg_auth_seq_id 
_struct_conf.end_auth_comp_id 
_struct_conf.end_auth_asym_id 
_struct_conf.end_auth_seq_id 
_struct_conf.pdbx_PDB_helix_class 
_struct_conf.details 
_struct_conf.pdbx_PDB_helix_length 
HELX_P HELX_P1 AA1 GLY A 4   ? HIS A 15  ? GLY A 4   HIS A 15  1 ? 12 
HELX_P HELX_P2 AA2 ASN A 19  ? TYR A 23  ? ASN A 19  TYR A 23  5 ? 5  
HELX_P HELX_P3 AA3 SER A 24  ? ASN A 37  ? SER A 24  ASN A 37  1 ? 14 
HELX_P HELX_P4 AA4 PRO A 79  ? SER A 85  ? PRO A 79  SER A 85  5 ? 7  
HELX_P HELX_P5 AA5 ILE A 88  ? SER A 100 ? ILE A 88  SER A 100 1 ? 13 
HELX_P HELX_P6 AA6 ASN A 103 ? ALA A 107 ? ASN A 103 ALA A 107 5 ? 5  
HELX_P HELX_P7 AA7 TRP A 108 ? CYS A 115 ? TRP A 108 CYS A 115 1 ? 8  
HELX_P HELX_P8 AA8 ASP A 119 ? ARG A 125 ? ASP A 119 ARG A 125 5 ? 7  
# 
_struct_conf_type.id          HELX_P 
_struct_conf_type.criteria    ? 
_struct_conf_type.reference   ? 
# 
loop_
_struct_conn.id 
_struct_conn.conn_type_id 
_struct_conn.pdbx_leaving_atom_flag 
_struct_conn.pdbx_PDB_id 
_struct_conn.ptnr1_label_asym_id 
_struct_conn.ptnr1_label_comp_id 
_struct_conn.ptnr1_label_seq_id 
_struct_conn.ptnr1_label_atom_id 
_struct_conn.pdbx_ptnr1_label_alt_id 
_struct_conn.pdbx_ptnr1_PDB_ins_code 
_struct_conn.pdbx_ptnr1_standard_comp_id 
_struct_conn.ptnr1_symmetry 
_struct_conn.ptnr2_label_asym_id 
_struct_conn.ptnr2_label_comp_id 
_struct_conn.ptnr2_label_seq_id 
_struct_conn.ptnr2_label_atom_id 
_struct_conn.pdbx_ptnr2_label_alt_id 
_struct_conn.pdbx_ptnr2_PDB_ins_code 
_struct_conn.ptnr1_auth_asym_id 
_struct_conn.ptnr1_auth_comp_id 
_struct_conn.ptnr1_auth_seq_id 
_struct_conn.ptnr2_auth_asym_id 
_struct_conn.ptnr2_auth_comp_id 
_struct_conn.ptnr2_auth_seq_id 
_struct_conn.ptnr2_symmetry 
_struct_conn.pdbx_ptnr3_label_atom_id 
_struct_conn.pdbx_ptnr3_label_seq_id 
_struct_conn.pdbx_ptnr3_label_comp_id 
_struct_conn.pdbx_ptnr3_label_asym_id 
_struct_conn.pdbx_ptnr3_label_alt_id 
_struct_conn.pdbx_ptnr3_PDB_ins_code 
_struct_conn.details 
_struct_conn.pdbx_dist_value 
_struct_conn.pdbx_value_order 
_struct_conn.pdbx_role 
disulf1  disulf ? ? A CYS 6  SG ? ? ? 1_555 A CYS 127 SG ? ? A CYS 6   A CYS 127 1_555 ? ? ? ? ? ? ? 2.042 ? ? 
disulf2  disulf ? ? A CYS 30 SG ? ? ? 1_555 A CYS 115 SG ? ? A CYS 30  A CYS 115 1_555 ? ? ? ? ? ? ? 2.045 ? ? 
disulf3  disulf ? ? A CYS 64 SG ? ? ? 1_555 A CYS 80  SG ? ? A CYS 64  A CYS 80  1_555 ? ? ? ? ? ? ? 2.053 ? ? 
disulf4  disulf ? ? A CYS 76 SG ? ? ? 1_555 A CYS 94  SG ? ? A CYS 76  A CYS 94  1_555 ? ? ? ? ? ? ? 2.015 ? ? 
metalc1  metalc ? ? A SER 60 O  ? ? ? 1_555 C NA  .   NA ? ? A SER 60  A NA  202 1_555 ? ? ? ? ? ? ? 2.315 ? ? 
metalc2  metalc ? ? A CYS 64 O  ? ? ? 1_555 C NA  .   NA ? ? A CYS 64  A NA  202 1_555 ? ? ? ? ? ? ? 2.416 ? ? 
metalc3  metalc ? ? A SER 72 OG ? ? ? 1_555 C NA  .   NA ? ? A SER 72  A NA  202 1_555 ? ? ? ? ? ? ? 2.492 ? ? 
metalc4  metalc ? ? A ARG 73 O  A ? ? 1_555 C NA  .   NA ? ? A ARG 73  A NA  202 1_555 ? ? ? ? ? ? ? 2.462 ? ? 
metalc5  metalc ? ? A ARG 73 O  B ? ? 1_555 C NA  .   NA ? ? A ARG 73  A NA  202 1_555 ? ? ? ? ? ? ? 2.389 ? ? 
metalc6  metalc ? ? C NA  .  NA ? ? ? 1_555 M HOH .   O  ? ? A NA  202 A HOH 388 1_555 ? ? ? ? ? ? ? 2.443 ? ? 
metalc7  metalc ? ? C NA  .  NA ? ? ? 1_555 M HOH .   O  ? ? A NA  202 A HOH 397 1_555 ? ? ? ? ? ? ? 2.428 ? ? 
metalc8  metalc ? ? D NA  .  NA ? ? ? 1_555 M HOH .   O  ? ? A NA  203 A HOH 366 1_555 ? ? ? ? ? ? ? 3.074 ? ? 
metalc9  metalc ? ? D NA  .  NA ? ? ? 1_555 M HOH .   O  ? ? A NA  203 A HOH 417 1_555 ? ? ? ? ? ? ? 3.193 ? ? 
metalc10 metalc ? ? D NA  .  NA ? ? ? 1_555 M HOH .   O  A ? A NA  203 A HOH 424 1_555 ? ? ? ? ? ? ? 3.146 ? ? 
# 
loop_
_struct_conn_type.id 
_struct_conn_type.criteria 
_struct_conn_type.reference 
disulf ? ? 
metalc ? ? 
# 
loop_
_pdbx_struct_conn_angle.id 
_pdbx_struct_conn_angle.ptnr1_label_atom_id 
_pdbx_struct_conn_angle.ptnr1_label_alt_id 
_pdbx_struct_conn_angle.ptnr1_label_asym_id 
_pdbx_struct_conn_angle.ptnr1_label_comp_id 
_pdbx_struct_conn_angle.ptnr1_label_seq_id 
_pdbx_struct_conn_angle.ptnr1_auth_atom_id 
_pdbx_struct_conn_angle.ptnr1_auth_asym_id 
_pdbx_struct_conn_angle.ptnr1_auth_comp_id 
_pdbx_struct_conn_angle.ptnr1_auth_seq_id 
_pdbx_struct_conn_angle.ptnr1_PDB_ins_code 
_pdbx_struct_conn_angle.ptnr1_symmetry 
_pdbx_struct_conn_angle.ptnr2_label_atom_id 
_pdbx_struct_conn_angle.ptnr2_label_alt_id 
_pdbx_struct_conn_angle.ptnr2_label_asym_id 
_pdbx_struct_conn_angle.ptnr2_label_comp_id 
_pdbx_struct_conn_angle.ptnr2_label_seq_id 
_pdbx_struct_conn_angle.ptnr2_auth_atom_id 
_pdbx_struct_conn_angle.ptnr2_auth_asym_id 
_pdbx_struct_conn_angle.ptnr2_auth_comp_id 
_pdbx_struct_conn_angle.ptnr2_auth_seq_id 
_pdbx_struct_conn_angle.ptnr2_PDB_ins_code 
_pdbx_struct_conn_angle.ptnr2_symmetry 
_pdbx_struct_conn_angle.ptnr3_label_atom_id 
_pdbx_struct_conn_angle.ptnr3_label_alt_id 
_pdbx_struct_conn_angle.ptnr3_label_asym_id 
_pdbx_struct_conn_angle.ptnr3_label_comp_id 
_pdbx_struct_conn_angle.ptnr3_label_seq_id 
_pdbx_struct_conn_angle.ptnr3_auth_atom_id 
_pdbx_struct_conn_angle.ptnr3_auth_asym_id 
_pdbx_struct_conn_angle.ptnr3_auth_comp_id 
_pdbx_struct_conn_angle.ptnr3_auth_seq_id 
_pdbx_struct_conn_angle.ptnr3_PDB_ins_code 
_pdbx_struct_conn_angle.ptnr3_symmetry 
_pdbx_struct_conn_angle.value 
_pdbx_struct_conn_angle.value_esd 
1  O  ? A SER 60 ? A SER 60  ? 1_555 NA ? C NA . ? A NA 202 ? 1_555 O  ? A CYS 64 ? A CYS 64  ? 1_555 89.5  ? 
2  O  ? A SER 60 ? A SER 60  ? 1_555 NA ? C NA . ? A NA 202 ? 1_555 OG ? A SER 72 ? A SER 72  ? 1_555 88.5  ? 
3  O  ? A CYS 64 ? A CYS 64  ? 1_555 NA ? C NA . ? A NA 202 ? 1_555 OG ? A SER 72 ? A SER 72  ? 1_555 168.8 ? 
4  O  ? A SER 60 ? A SER 60  ? 1_555 NA ? C NA . ? A NA 202 ? 1_555 O  A A ARG 73 ? A ARG 73  ? 1_555 93.3  ? 
5  O  ? A CYS 64 ? A CYS 64  ? 1_555 NA ? C NA . ? A NA 202 ? 1_555 O  A A ARG 73 ? A ARG 73  ? 1_555 92.2  ? 
6  OG ? A SER 72 ? A SER 72  ? 1_555 NA ? C NA . ? A NA 202 ? 1_555 O  A A ARG 73 ? A ARG 73  ? 1_555 98.9  ? 
7  O  ? A SER 60 ? A SER 60  ? 1_555 NA ? C NA . ? A NA 202 ? 1_555 O  B A ARG 73 ? A ARG 73  ? 1_555 97.6  ? 
8  O  ? A CYS 64 ? A CYS 64  ? 1_555 NA ? C NA . ? A NA 202 ? 1_555 O  B A ARG 73 ? A ARG 73  ? 1_555 89.8  ? 
9  OG ? A SER 72 ? A SER 72  ? 1_555 NA ? C NA . ? A NA 202 ? 1_555 O  B A ARG 73 ? A ARG 73  ? 1_555 101.4 ? 
10 O  A A ARG 73 ? A ARG 73  ? 1_555 NA ? C NA . ? A NA 202 ? 1_555 O  B A ARG 73 ? A ARG 73  ? 1_555 5.0   ? 
11 O  ? A SER 60 ? A SER 60  ? 1_555 NA ? C NA . ? A NA 202 ? 1_555 O  ? M HOH .  ? A HOH 388 ? 1_555 97.5  ? 
12 O  ? A CYS 64 ? A CYS 64  ? 1_555 NA ? C NA . ? A NA 202 ? 1_555 O  ? M HOH .  ? A HOH 388 ? 1_555 88.4  ? 
13 OG ? A SER 72 ? A SER 72  ? 1_555 NA ? C NA . ? A NA 202 ? 1_555 O  ? M HOH .  ? A HOH 388 ? 1_555 81.0  ? 
14 O  A A ARG 73 ? A ARG 73  ? 1_555 NA ? C NA . ? A NA 202 ? 1_555 O  ? M HOH .  ? A HOH 388 ? 1_555 169.2 ? 
15 O  B A ARG 73 ? A ARG 73  ? 1_555 NA ? C NA . ? A NA 202 ? 1_555 O  ? M HOH .  ? A HOH 388 ? 1_555 164.7 ? 
16 O  ? A SER 60 ? A SER 60  ? 1_555 NA ? C NA . ? A NA 202 ? 1_555 O  ? M HOH .  ? A HOH 397 ? 1_555 171.4 ? 
17 O  ? A CYS 64 ? A CYS 64  ? 1_555 NA ? C NA . ? A NA 202 ? 1_555 O  ? M HOH .  ? A HOH 397 ? 1_555 97.9  ? 
18 OG ? A SER 72 ? A SER 72  ? 1_555 NA ? C NA . ? A NA 202 ? 1_555 O  ? M HOH .  ? A HOH 397 ? 1_555 83.4  ? 
19 O  A A ARG 73 ? A ARG 73  ? 1_555 NA ? C NA . ? A NA 202 ? 1_555 O  ? M HOH .  ? A HOH 397 ? 1_555 90.9  ? 
20 O  B A ARG 73 ? A ARG 73  ? 1_555 NA ? C NA . ? A NA 202 ? 1_555 O  ? M HOH .  ? A HOH 397 ? 1_555 86.9  ? 
21 O  ? M HOH .  ? A HOH 388 ? 1_555 NA ? C NA . ? A NA 202 ? 1_555 O  ? M HOH .  ? A HOH 397 ? 1_555 78.4  ? 
22 O  ? M HOH .  ? A HOH 366 ? 1_555 NA ? D NA . ? A NA 203 ? 1_555 O  ? M HOH .  ? A HOH 417 ? 1_555 60.2  ? 
23 O  ? M HOH .  ? A HOH 366 ? 1_555 NA ? D NA . ? A NA 203 ? 1_555 O  A M HOH .  ? A HOH 424 ? 1_555 102.3 ? 
24 O  ? M HOH .  ? A HOH 417 ? 1_555 NA ? D NA . ? A NA 203 ? 1_555 O  A M HOH .  ? A HOH 424 ? 1_555 123.0 ? 
# 
loop_
_pdbx_modification_feature.ordinal 
_pdbx_modification_feature.label_comp_id 
_pdbx_modification_feature.label_asym_id 
_pdbx_modification_feature.label_seq_id 
_pdbx_modification_feature.label_alt_id 
_pdbx_modification_feature.modified_residue_label_comp_id 
_pdbx_modification_feature.modified_residue_label_asym_id 
_pdbx_modification_feature.modified_residue_label_seq_id 
_pdbx_modification_feature.modified_residue_label_alt_id 
_pdbx_modification_feature.auth_comp_id 
_pdbx_modification_feature.auth_asym_id 
_pdbx_modification_feature.auth_seq_id 
_pdbx_modification_feature.PDB_ins_code 
_pdbx_modification_feature.symmetry 
_pdbx_modification_feature.modified_residue_auth_comp_id 
_pdbx_modification_feature.modified_residue_auth_asym_id 
_pdbx_modification_feature.modified_residue_auth_seq_id 
_pdbx_modification_feature.modified_residue_PDB_ins_code 
_pdbx_modification_feature.modified_residue_symmetry 
_pdbx_modification_feature.comp_id_linking_atom 
_pdbx_modification_feature.modified_residue_id_linking_atom 
_pdbx_modification_feature.modified_residue_id 
_pdbx_modification_feature.ref_pcm_id 
_pdbx_modification_feature.ref_comp_id 
_pdbx_modification_feature.type 
_pdbx_modification_feature.category 
1 CYS A 6  ? CYS A 127 ? CYS A 6  ? 1_555 CYS A 127 ? 1_555 SG SG . . . None 'Disulfide bridge' 
2 CYS A 30 ? CYS A 115 ? CYS A 30 ? 1_555 CYS A 115 ? 1_555 SG SG . . . None 'Disulfide bridge' 
3 CYS A 64 ? CYS A 80  ? CYS A 64 ? 1_555 CYS A 80  ? 1_555 SG SG . . . None 'Disulfide bridge' 
4 CYS A 76 ? CYS A 94  ? CYS A 76 ? 1_555 CYS A 94  ? 1_555 SG SG . . . None 'Disulfide bridge' 
# 
_struct_sheet.id               AA1 
_struct_sheet.type             ? 
_struct_sheet.number_strands   3 
_struct_sheet.details          ? 
# 
loop_
_struct_sheet_order.sheet_id 
_struct_sheet_order.range_id_1 
_struct_sheet_order.range_id_2 
_struct_sheet_order.offset 
_struct_sheet_order.sense 
AA1 1 2 ? anti-parallel 
AA1 2 3 ? anti-parallel 
# 
loop_
_struct_sheet_range.sheet_id 
_struct_sheet_range.id 
_struct_sheet_range.beg_label_comp_id 
_struct_sheet_range.beg_label_asym_id 
_struct_sheet_range.beg_label_seq_id 
_struct_sheet_range.pdbx_beg_PDB_ins_code 
_struct_sheet_range.end_label_comp_id 
_struct_sheet_range.end_label_asym_id 
_struct_sheet_range.end_label_seq_id 
_struct_sheet_range.pdbx_end_PDB_ins_code 
_struct_sheet_range.beg_auth_comp_id 
_struct_sheet_range.beg_auth_asym_id 
_struct_sheet_range.beg_auth_seq_id 
_struct_sheet_range.end_auth_comp_id 
_struct_sheet_range.end_auth_asym_id 
_struct_sheet_range.end_auth_seq_id 
AA1 1 THR A 43 ? ARG A 45 ? THR A 43 ARG A 45 
AA1 2 THR A 51 ? TYR A 53 ? THR A 51 TYR A 53 
AA1 3 ILE A 58 ? ASN A 59 ? ILE A 58 ASN A 59 
# 
loop_
_pdbx_struct_sheet_hbond.sheet_id 
_pdbx_struct_sheet_hbond.range_id_1 
_pdbx_struct_sheet_hbond.range_id_2 
_pdbx_struct_sheet_hbond.range_1_label_atom_id 
_pdbx_struct_sheet_hbond.range_1_label_comp_id 
_pdbx_struct_sheet_hbond.range_1_label_asym_id 
_pdbx_struct_sheet_hbond.range_1_label_seq_id 
_pdbx_struct_sheet_hbond.range_1_PDB_ins_code 
_pdbx_struct_sheet_hbond.range_1_auth_atom_id 
_pdbx_struct_sheet_hbond.range_1_auth_comp_id 
_pdbx_struct_sheet_hbond.range_1_auth_asym_id 
_pdbx_struct_sheet_hbond.range_1_auth_seq_id 
_pdbx_struct_sheet_hbond.range_2_label_atom_id 
_pdbx_struct_sheet_hbond.range_2_label_comp_id 
_pdbx_struct_sheet_hbond.range_2_label_asym_id 
_pdbx_struct_sheet_hbond.range_2_label_seq_id 
_pdbx_struct_sheet_hbond.range_2_PDB_ins_code 
_pdbx_struct_sheet_hbond.range_2_auth_atom_id 
_pdbx_struct_sheet_hbond.range_2_auth_comp_id 
_pdbx_struct_sheet_hbond.range_2_auth_asym_id 
_pdbx_struct_sheet_hbond.range_2_auth_seq_id 
AA1 1 2 N ASN A 44 ? N ASN A 44 O ASP A 52 ? O ASP A 52 
AA1 2 3 N TYR A 53 ? N TYR A 53 O ILE A 58 ? O ILE A 58 
# 
loop_
_struct_site.id 
_struct_site.pdbx_evidence_code 
_struct_site.pdbx_auth_asym_id 
_struct_site.pdbx_auth_comp_id 
_struct_site.pdbx_auth_seq_id 
_struct_site.pdbx_auth_ins_code 
_struct_site.pdbx_num_residues 
_struct_site.details 
AC1 Software A EDO 201 ? 10 'binding site for residue EDO A 201' 
AC2 Software A NA  202 ? 6  'binding site for residue NA A 202'  
AC3 Software A NA  203 ? 2  'binding site for residue NA A 203'  
AC4 Software A CL  204 ? 2  'binding site for residue CL A 204'  
AC5 Software A CL  205 ? 2  'binding site for residue CL A 205'  
AC6 Software A CL  206 ? 4  'binding site for residue CL A 206'  
AC7 Software A CL  207 ? 1  'binding site for residue CL A 207'  
AC8 Software A CL  208 ? 7  'binding site for residue CL A 208'  
AC9 Software A BEN 209 ? 8  'binding site for residue BEN A 209' 
AD1 Software A K5V 210 ? 8  'binding site for residue K5V A 210' 
AD2 Software A K5V 211 ? 8  'binding site for residue K5V A 211' 
# 
loop_
_struct_site_gen.id 
_struct_site_gen.site_id 
_struct_site_gen.pdbx_num_res 
_struct_site_gen.label_comp_id 
_struct_site_gen.label_asym_id 
_struct_site_gen.label_seq_id 
_struct_site_gen.pdbx_auth_ins_code 
_struct_site_gen.auth_comp_id 
_struct_site_gen.auth_asym_id 
_struct_site_gen.auth_seq_id 
_struct_site_gen.label_atom_id 
_struct_site_gen.label_alt_id 
_struct_site_gen.symmetry 
_struct_site_gen.details 
1  AC1 10 GLN A 57  ? GLN A 57  . ? 1_555 ? 
2  AC1 10 ILE A 58  ? ILE A 58  . ? 1_555 ? 
3  AC1 10 ASN A 59  ? ASN A 59  . ? 1_555 ? 
4  AC1 10 TRP A 63  ? TRP A 63  . ? 1_555 ? 
5  AC1 10 ALA A 107 ? ALA A 107 . ? 1_555 ? 
6  AC1 10 TRP A 108 ? TRP A 108 . ? 1_555 ? 
7  AC1 10 HOH M .   ? HOH A 310 . ? 1_555 ? 
8  AC1 10 HOH M .   ? HOH A 315 . ? 1_555 ? 
9  AC1 10 HOH M .   ? HOH A 322 . ? 1_555 ? 
10 AC1 10 HOH M .   ? HOH A 407 . ? 1_555 ? 
11 AC2 6  SER A 60  ? SER A 60  . ? 1_555 ? 
12 AC2 6  CYS A 64  ? CYS A 64  . ? 1_555 ? 
13 AC2 6  SER A 72  ? SER A 72  . ? 1_555 ? 
14 AC2 6  ARG A 73  ? ARG A 73  . ? 1_555 ? 
15 AC2 6  HOH M .   ? HOH A 388 . ? 1_555 ? 
16 AC2 6  HOH M .   ? HOH A 397 . ? 1_555 ? 
17 AC3 2  BEN J .   ? BEN A 209 . ? 1_555 ? 
18 AC3 2  HOH M .   ? HOH A 366 . ? 1_555 ? 
19 AC4 2  ILE A 88  ? ILE A 88  . ? 1_555 ? 
20 AC4 2  HOH M .   ? HOH A 495 . ? 1_555 ? 
21 AC5 2  TYR A 23  ? TYR A 23  . ? 1_555 ? 
22 AC5 2  ASN A 113 ? ASN A 113 . ? 4_545 ? 
23 AC6 4  SER A 24  ? SER A 24  . ? 1_555 ? 
24 AC6 4  GLY A 26  ? GLY A 26  . ? 1_555 ? 
25 AC6 4  GLN A 121 ? GLN A 121 . ? 1_555 ? 
26 AC6 4  HOH M .   ? HOH A 500 . ? 1_555 ? 
27 AC7 1  LYS A 33  ? LYS A 33  . ? 1_555 ? 
28 AC8 7  ASN A 65  ? ASN A 65  . ? 1_555 ? 
29 AC8 7  GLY A 67  ? GLY A 67  . ? 1_555 ? 
30 AC8 7  ARG A 68  ? ARG A 68  . ? 1_555 ? 
31 AC8 7  THR A 69  ? THR A 69  . ? 1_555 ? 
32 AC8 7  SER A 72  ? SER A 72  . ? 1_555 ? 
33 AC8 7  K5V L .   ? K5V A 211 . ? 7_556 ? 
34 AC8 7  HOH M .   ? HOH A 388 . ? 1_555 ? 
35 AC9 8  ASN A 19  ? ASN A 19  . ? 1_555 ? 
36 AC9 8  GLY A 22  ? GLY A 22  . ? 1_555 ? 
37 AC9 8  LYS A 33  ? LYS A 33  . ? 4_545 ? 
38 AC9 8  PHE A 34  ? PHE A 34  . ? 4_545 ? 
39 AC9 8  GLU A 35  ? GLU A 35  . ? 4_545 ? 
40 AC9 8  ASN A 37  ? ASN A 37  . ? 4_545 ? 
41 AC9 8  NA  D .   ? NA  A 203 . ? 1_555 ? 
42 AC9 8  HOH M .   ? HOH A 424 . ? 1_555 ? 
43 AD1 8  PHE A 34  ? PHE A 34  . ? 4_545 ? 
44 AD1 8  ARG A 114 ? ARG A 114 . ? 4_545 ? 
45 AD1 8  GLY A 117 ? GLY A 117 . ? 1_555 ? 
46 AD1 8  THR A 118 ? THR A 118 . ? 4_545 ? 
47 AD1 8  ASP A 119 ? ASP A 119 . ? 4_545 ? 
48 AD1 8  TRP A 123 ? TRP A 123 . ? 4_545 ? 
49 AD1 8  HOH M .   ? HOH A 332 . ? 1_555 ? 
50 AD1 8  HOH M .   ? HOH A 354 . ? 4_545 ? 
51 AD2 8  GLY A 67  ? GLY A 67  . ? 7_556 ? 
52 AD2 8  ARG A 68  ? ARG A 68  . ? 7_556 ? 
53 AD2 8  GLY A 71  ? GLY A 71  . ? 1_555 ? 
54 AD2 8  SER A 72  ? SER A 72  . ? 1_555 ? 
55 AD2 8  CL  I .   ? CL  A 208 . ? 7_556 ? 
56 AD2 8  HOH M .   ? HOH A 301 . ? 1_555 ? 
57 AD2 8  HOH M .   ? HOH A 317 . ? 1_555 ? 
58 AD2 8  HOH M .   ? HOH A 351 . ? 1_555 ? 
# 
_pdbx_entry_details.entry_id                   6MX9 
_pdbx_entry_details.compound_details           ? 
_pdbx_entry_details.source_details             ? 
_pdbx_entry_details.nonpolymer_details         ? 
_pdbx_entry_details.sequence_details           ? 
_pdbx_entry_details.has_ligand_of_interest     ? 
_pdbx_entry_details.has_protein_modification   Y 
# 
_pdbx_validate_close_contact.id               1 
_pdbx_validate_close_contact.PDB_model_num    1 
_pdbx_validate_close_contact.auth_atom_id_1   C1 
_pdbx_validate_close_contact.auth_asym_id_1   A 
_pdbx_validate_close_contact.auth_comp_id_1   K5V 
_pdbx_validate_close_contact.auth_seq_id_1    211 
_pdbx_validate_close_contact.PDB_ins_code_1   ? 
_pdbx_validate_close_contact.label_alt_id_1   ? 
_pdbx_validate_close_contact.auth_atom_id_2   O 
_pdbx_validate_close_contact.auth_asym_id_2   A 
_pdbx_validate_close_contact.auth_comp_id_2   HOH 
_pdbx_validate_close_contact.auth_seq_id_2    351 
_pdbx_validate_close_contact.PDB_ins_code_2   ? 
_pdbx_validate_close_contact.label_alt_id_2   ? 
_pdbx_validate_close_contact.dist             1.81 
# 
_pdbx_validate_symm_contact.id                1 
_pdbx_validate_symm_contact.PDB_model_num     1 
_pdbx_validate_symm_contact.auth_atom_id_1    O 
_pdbx_validate_symm_contact.auth_asym_id_1    A 
_pdbx_validate_symm_contact.auth_comp_id_1    HOH 
_pdbx_validate_symm_contact.auth_seq_id_1     518 
_pdbx_validate_symm_contact.PDB_ins_code_1    ? 
_pdbx_validate_symm_contact.label_alt_id_1    ? 
_pdbx_validate_symm_contact.site_symmetry_1   1_555 
_pdbx_validate_symm_contact.auth_atom_id_2    O 
_pdbx_validate_symm_contact.auth_asym_id_2    A 
_pdbx_validate_symm_contact.auth_comp_id_2    HOH 
_pdbx_validate_symm_contact.auth_seq_id_2     518 
_pdbx_validate_symm_contact.PDB_ins_code_2    ? 
_pdbx_validate_symm_contact.label_alt_id_2    ? 
_pdbx_validate_symm_contact.site_symmetry_2   7_556 
_pdbx_validate_symm_contact.dist              1.82 
# 
loop_
_pdbx_validate_rmsd_angle.id 
_pdbx_validate_rmsd_angle.PDB_model_num 
_pdbx_validate_rmsd_angle.auth_atom_id_1 
_pdbx_validate_rmsd_angle.auth_asym_id_1 
_pdbx_validate_rmsd_angle.auth_comp_id_1 
_pdbx_validate_rmsd_angle.auth_seq_id_1 
_pdbx_validate_rmsd_angle.PDB_ins_code_1 
_pdbx_validate_rmsd_angle.label_alt_id_1 
_pdbx_validate_rmsd_angle.auth_atom_id_2 
_pdbx_validate_rmsd_angle.auth_asym_id_2 
_pdbx_validate_rmsd_angle.auth_comp_id_2 
_pdbx_validate_rmsd_angle.auth_seq_id_2 
_pdbx_validate_rmsd_angle.PDB_ins_code_2 
_pdbx_validate_rmsd_angle.label_alt_id_2 
_pdbx_validate_rmsd_angle.auth_atom_id_3 
_pdbx_validate_rmsd_angle.auth_asym_id_3 
_pdbx_validate_rmsd_angle.auth_comp_id_3 
_pdbx_validate_rmsd_angle.auth_seq_id_3 
_pdbx_validate_rmsd_angle.PDB_ins_code_3 
_pdbx_validate_rmsd_angle.label_alt_id_3 
_pdbx_validate_rmsd_angle.angle_value 
_pdbx_validate_rmsd_angle.angle_target_value 
_pdbx_validate_rmsd_angle.angle_deviation 
_pdbx_validate_rmsd_angle.angle_standard_deviation 
_pdbx_validate_rmsd_angle.linker_flag 
1 1 NE A ARG 5  ? ? CZ A ARG 5  ? ? NH1 A ARG 5  ? ? 125.36 120.30 5.06  0.50 N 
2 1 CB A ASP 18 ? ? CG A ASP 18 ? ? OD2 A ASP 18 ? ? 129.71 118.30 11.41 0.90 N 
3 1 CG A ARG 45 ? ? CD A ARG 45 ? ? NE  A ARG 45 ? ? 125.51 111.80 13.71 2.10 N 
4 1 NE A ARG 45 ? ? CZ A ARG 45 ? ? NH1 A ARG 45 ? ? 116.50 120.30 -3.80 0.50 N 
5 1 CB A ASP 66 ? ? CG A ASP 66 ? ? OD1 A ASP 66 ? ? 125.21 118.30 6.91  0.90 N 
6 1 NE A ARG 68 ? ? CZ A ARG 68 ? ? NH2 A ARG 68 ? ? 124.40 120.30 4.10  0.50 N 
# 
loop_
_pdbx_validate_torsion.id 
_pdbx_validate_torsion.PDB_model_num 
_pdbx_validate_torsion.auth_comp_id 
_pdbx_validate_torsion.auth_asym_id 
_pdbx_validate_torsion.auth_seq_id 
_pdbx_validate_torsion.PDB_ins_code 
_pdbx_validate_torsion.label_alt_id 
_pdbx_validate_torsion.phi 
_pdbx_validate_torsion.psi 
1 1 ARG A 21 ? A 49.50   29.01 
2 1 ARG A 68 ? ? -140.50 19.20 
# 
_pdbx_struct_special_symmetry.id              1 
_pdbx_struct_special_symmetry.PDB_model_num   1 
_pdbx_struct_special_symmetry.auth_asym_id    A 
_pdbx_struct_special_symmetry.auth_comp_id    HOH 
_pdbx_struct_special_symmetry.auth_seq_id     514 
_pdbx_struct_special_symmetry.PDB_ins_code    ? 
_pdbx_struct_special_symmetry.label_asym_id   M 
_pdbx_struct_special_symmetry.label_comp_id   HOH 
_pdbx_struct_special_symmetry.label_seq_id    . 
# 
_pdbx_distant_solvent_atoms.id                                1 
_pdbx_distant_solvent_atoms.PDB_model_num                     1 
_pdbx_distant_solvent_atoms.auth_atom_id                      O 
_pdbx_distant_solvent_atoms.label_alt_id                      ? 
_pdbx_distant_solvent_atoms.auth_asym_id                      A 
_pdbx_distant_solvent_atoms.auth_comp_id                      HOH 
_pdbx_distant_solvent_atoms.auth_seq_id                       518 
_pdbx_distant_solvent_atoms.PDB_ins_code                      ? 
_pdbx_distant_solvent_atoms.neighbor_macromolecule_distance   6.42 
_pdbx_distant_solvent_atoms.neighbor_ligand_distance          . 
# 
loop_
_chem_comp_atom.comp_id 
_chem_comp_atom.atom_id 
_chem_comp_atom.type_symbol 
_chem_comp_atom.pdbx_aromatic_flag 
_chem_comp_atom.pdbx_stereo_config 
_chem_comp_atom.pdbx_ordinal 
ALA N    N  N N 1   
ALA CA   C  N S 2   
ALA C    C  N N 3   
ALA O    O  N N 4   
ALA CB   C  N N 5   
ALA OXT  O  N N 6   
ALA H    H  N N 7   
ALA H2   H  N N 8   
ALA HA   H  N N 9   
ALA HB1  H  N N 10  
ALA HB2  H  N N 11  
ALA HB3  H  N N 12  
ALA HXT  H  N N 13  
ARG N    N  N N 14  
ARG CA   C  N S 15  
ARG C    C  N N 16  
ARG O    O  N N 17  
ARG CB   C  N N 18  
ARG CG   C  N N 19  
ARG CD   C  N N 20  
ARG NE   N  N N 21  
ARG CZ   C  N N 22  
ARG NH1  N  N N 23  
ARG NH2  N  N N 24  
ARG OXT  O  N N 25  
ARG H    H  N N 26  
ARG H2   H  N N 27  
ARG HA   H  N N 28  
ARG HB2  H  N N 29  
ARG HB3  H  N N 30  
ARG HG2  H  N N 31  
ARG HG3  H  N N 32  
ARG HD2  H  N N 33  
ARG HD3  H  N N 34  
ARG HE   H  N N 35  
ARG HH11 H  N N 36  
ARG HH12 H  N N 37  
ARG HH21 H  N N 38  
ARG HH22 H  N N 39  
ARG HXT  H  N N 40  
ASN N    N  N N 41  
ASN CA   C  N S 42  
ASN C    C  N N 43  
ASN O    O  N N 44  
ASN CB   C  N N 45  
ASN CG   C  N N 46  
ASN OD1  O  N N 47  
ASN ND2  N  N N 48  
ASN OXT  O  N N 49  
ASN H    H  N N 50  
ASN H2   H  N N 51  
ASN HA   H  N N 52  
ASN HB2  H  N N 53  
ASN HB3  H  N N 54  
ASN HD21 H  N N 55  
ASN HD22 H  N N 56  
ASN HXT  H  N N 57  
ASP N    N  N N 58  
ASP CA   C  N S 59  
ASP C    C  N N 60  
ASP O    O  N N 61  
ASP CB   C  N N 62  
ASP CG   C  N N 63  
ASP OD1  O  N N 64  
ASP OD2  O  N N 65  
ASP OXT  O  N N 66  
ASP H    H  N N 67  
ASP H2   H  N N 68  
ASP HA   H  N N 69  
ASP HB2  H  N N 70  
ASP HB3  H  N N 71  
ASP HD2  H  N N 72  
ASP HXT  H  N N 73  
BEN C1   C  Y N 74  
BEN C2   C  Y N 75  
BEN C3   C  Y N 76  
BEN C4   C  Y N 77  
BEN C5   C  Y N 78  
BEN C6   C  Y N 79  
BEN C    C  N N 80  
BEN N1   N  N N 81  
BEN N2   N  N N 82  
BEN H2   H  N N 83  
BEN H3   H  N N 84  
BEN H4   H  N N 85  
BEN H5   H  N N 86  
BEN H6   H  N N 87  
BEN HN1  H  N N 88  
BEN HN21 H  N N 89  
BEN HN22 H  N N 90  
CL  CL   CL N N 91  
CYS N    N  N N 92  
CYS CA   C  N R 93  
CYS C    C  N N 94  
CYS O    O  N N 95  
CYS CB   C  N N 96  
CYS SG   S  N N 97  
CYS OXT  O  N N 98  
CYS H    H  N N 99  
CYS H2   H  N N 100 
CYS HA   H  N N 101 
CYS HB2  H  N N 102 
CYS HB3  H  N N 103 
CYS HG   H  N N 104 
CYS HXT  H  N N 105 
EDO C1   C  N N 106 
EDO O1   O  N N 107 
EDO C2   C  N N 108 
EDO O2   O  N N 109 
EDO H11  H  N N 110 
EDO H12  H  N N 111 
EDO HO1  H  N N 112 
EDO H21  H  N N 113 
EDO H22  H  N N 114 
EDO HO2  H  N N 115 
GLN N    N  N N 116 
GLN CA   C  N S 117 
GLN C    C  N N 118 
GLN O    O  N N 119 
GLN CB   C  N N 120 
GLN CG   C  N N 121 
GLN CD   C  N N 122 
GLN OE1  O  N N 123 
GLN NE2  N  N N 124 
GLN OXT  O  N N 125 
GLN H    H  N N 126 
GLN H2   H  N N 127 
GLN HA   H  N N 128 
GLN HB2  H  N N 129 
GLN HB3  H  N N 130 
GLN HG2  H  N N 131 
GLN HG3  H  N N 132 
GLN HE21 H  N N 133 
GLN HE22 H  N N 134 
GLN HXT  H  N N 135 
GLU N    N  N N 136 
GLU CA   C  N S 137 
GLU C    C  N N 138 
GLU O    O  N N 139 
GLU CB   C  N N 140 
GLU CG   C  N N 141 
GLU CD   C  N N 142 
GLU OE1  O  N N 143 
GLU OE2  O  N N 144 
GLU OXT  O  N N 145 
GLU H    H  N N 146 
GLU H2   H  N N 147 
GLU HA   H  N N 148 
GLU HB2  H  N N 149 
GLU HB3  H  N N 150 
GLU HG2  H  N N 151 
GLU HG3  H  N N 152 
GLU HE2  H  N N 153 
GLU HXT  H  N N 154 
GLY N    N  N N 155 
GLY CA   C  N N 156 
GLY C    C  N N 157 
GLY O    O  N N 158 
GLY OXT  O  N N 159 
GLY H    H  N N 160 
GLY H2   H  N N 161 
GLY HA2  H  N N 162 
GLY HA3  H  N N 163 
GLY HXT  H  N N 164 
HIS N    N  N N 165 
HIS CA   C  N S 166 
HIS C    C  N N 167 
HIS O    O  N N 168 
HIS CB   C  N N 169 
HIS CG   C  Y N 170 
HIS ND1  N  Y N 171 
HIS CD2  C  Y N 172 
HIS CE1  C  Y N 173 
HIS NE2  N  Y N 174 
HIS OXT  O  N N 175 
HIS H    H  N N 176 
HIS H2   H  N N 177 
HIS HA   H  N N 178 
HIS HB2  H  N N 179 
HIS HB3  H  N N 180 
HIS HD1  H  N N 181 
HIS HD2  H  N N 182 
HIS HE1  H  N N 183 
HIS HE2  H  N N 184 
HIS HXT  H  N N 185 
HOH O    O  N N 186 
HOH H1   H  N N 187 
HOH H2   H  N N 188 
ILE N    N  N N 189 
ILE CA   C  N S 190 
ILE C    C  N N 191 
ILE O    O  N N 192 
ILE CB   C  N S 193 
ILE CG1  C  N N 194 
ILE CG2  C  N N 195 
ILE CD1  C  N N 196 
ILE OXT  O  N N 197 
ILE H    H  N N 198 
ILE H2   H  N N 199 
ILE HA   H  N N 200 
ILE HB   H  N N 201 
ILE HG12 H  N N 202 
ILE HG13 H  N N 203 
ILE HG21 H  N N 204 
ILE HG22 H  N N 205 
ILE HG23 H  N N 206 
ILE HD11 H  N N 207 
ILE HD12 H  N N 208 
ILE HD13 H  N N 209 
ILE HXT  H  N N 210 
K5V C2   C  Y N 211 
K5V C3   C  Y N 212 
K5V C4   C  Y N 213 
K5V C5   C  Y N 214 
K5V C6   C  Y N 215 
K5V C1   C  Y N 216 
K5V N4   N  N N 217 
K5V O2   O  N N 218 
K5V H1   H  N N 219 
K5V H2   H  N N 220 
K5V H3   H  N N 221 
K5V H4   H  N N 222 
K5V H5   H  N N 223 
K5V H6   H  N N 224 
K5V H7   H  N N 225 
LEU N    N  N N 226 
LEU CA   C  N S 227 
LEU C    C  N N 228 
LEU O    O  N N 229 
LEU CB   C  N N 230 
LEU CG   C  N N 231 
LEU CD1  C  N N 232 
LEU CD2  C  N N 233 
LEU OXT  O  N N 234 
LEU H    H  N N 235 
LEU H2   H  N N 236 
LEU HA   H  N N 237 
LEU HB2  H  N N 238 
LEU HB3  H  N N 239 
LEU HG   H  N N 240 
LEU HD11 H  N N 241 
LEU HD12 H  N N 242 
LEU HD13 H  N N 243 
LEU HD21 H  N N 244 
LEU HD22 H  N N 245 
LEU HD23 H  N N 246 
LEU HXT  H  N N 247 
LYS N    N  N N 248 
LYS CA   C  N S 249 
LYS C    C  N N 250 
LYS O    O  N N 251 
LYS CB   C  N N 252 
LYS CG   C  N N 253 
LYS CD   C  N N 254 
LYS CE   C  N N 255 
LYS NZ   N  N N 256 
LYS OXT  O  N N 257 
LYS H    H  N N 258 
LYS H2   H  N N 259 
LYS HA   H  N N 260 
LYS HB2  H  N N 261 
LYS HB3  H  N N 262 
LYS HG2  H  N N 263 
LYS HG3  H  N N 264 
LYS HD2  H  N N 265 
LYS HD3  H  N N 266 
LYS HE2  H  N N 267 
LYS HE3  H  N N 268 
LYS HZ1  H  N N 269 
LYS HZ2  H  N N 270 
LYS HZ3  H  N N 271 
LYS HXT  H  N N 272 
MET N    N  N N 273 
MET CA   C  N S 274 
MET C    C  N N 275 
MET O    O  N N 276 
MET CB   C  N N 277 
MET CG   C  N N 278 
MET SD   S  N N 279 
MET CE   C  N N 280 
MET OXT  O  N N 281 
MET H    H  N N 282 
MET H2   H  N N 283 
MET HA   H  N N 284 
MET HB2  H  N N 285 
MET HB3  H  N N 286 
MET HG2  H  N N 287 
MET HG3  H  N N 288 
MET HE1  H  N N 289 
MET HE2  H  N N 290 
MET HE3  H  N N 291 
MET HXT  H  N N 292 
NA  NA   NA N N 293 
PHE N    N  N N 294 
PHE CA   C  N S 295 
PHE C    C  N N 296 
PHE O    O  N N 297 
PHE CB   C  N N 298 
PHE CG   C  Y N 299 
PHE CD1  C  Y N 300 
PHE CD2  C  Y N 301 
PHE CE1  C  Y N 302 
PHE CE2  C  Y N 303 
PHE CZ   C  Y N 304 
PHE OXT  O  N N 305 
PHE H    H  N N 306 
PHE H2   H  N N 307 
PHE HA   H  N N 308 
PHE HB2  H  N N 309 
PHE HB3  H  N N 310 
PHE HD1  H  N N 311 
PHE HD2  H  N N 312 
PHE HE1  H  N N 313 
PHE HE2  H  N N 314 
PHE HZ   H  N N 315 
PHE HXT  H  N N 316 
PRO N    N  N N 317 
PRO CA   C  N S 318 
PRO C    C  N N 319 
PRO O    O  N N 320 
PRO CB   C  N N 321 
PRO CG   C  N N 322 
PRO CD   C  N N 323 
PRO OXT  O  N N 324 
PRO H    H  N N 325 
PRO HA   H  N N 326 
PRO HB2  H  N N 327 
PRO HB3  H  N N 328 
PRO HG2  H  N N 329 
PRO HG3  H  N N 330 
PRO HD2  H  N N 331 
PRO HD3  H  N N 332 
PRO HXT  H  N N 333 
SER N    N  N N 334 
SER CA   C  N S 335 
SER C    C  N N 336 
SER O    O  N N 337 
SER CB   C  N N 338 
SER OG   O  N N 339 
SER OXT  O  N N 340 
SER H    H  N N 341 
SER H2   H  N N 342 
SER HA   H  N N 343 
SER HB2  H  N N 344 
SER HB3  H  N N 345 
SER HG   H  N N 346 
SER HXT  H  N N 347 
THR N    N  N N 348 
THR CA   C  N S 349 
THR C    C  N N 350 
THR O    O  N N 351 
THR CB   C  N R 352 
THR OG1  O  N N 353 
THR CG2  C  N N 354 
THR OXT  O  N N 355 
THR H    H  N N 356 
THR H2   H  N N 357 
THR HA   H  N N 358 
THR HB   H  N N 359 
THR HG1  H  N N 360 
THR HG21 H  N N 361 
THR HG22 H  N N 362 
THR HG23 H  N N 363 
THR HXT  H  N N 364 
TRP N    N  N N 365 
TRP CA   C  N S 366 
TRP C    C  N N 367 
TRP O    O  N N 368 
TRP CB   C  N N 369 
TRP CG   C  Y N 370 
TRP CD1  C  Y N 371 
TRP CD2  C  Y N 372 
TRP NE1  N  Y N 373 
TRP CE2  C  Y N 374 
TRP CE3  C  Y N 375 
TRP CZ2  C  Y N 376 
TRP CZ3  C  Y N 377 
TRP CH2  C  Y N 378 
TRP OXT  O  N N 379 
TRP H    H  N N 380 
TRP H2   H  N N 381 
TRP HA   H  N N 382 
TRP HB2  H  N N 383 
TRP HB3  H  N N 384 
TRP HD1  H  N N 385 
TRP HE1  H  N N 386 
TRP HE3  H  N N 387 
TRP HZ2  H  N N 388 
TRP HZ3  H  N N 389 
TRP HH2  H  N N 390 
TRP HXT  H  N N 391 
TYR N    N  N N 392 
TYR CA   C  N S 393 
TYR C    C  N N 394 
TYR O    O  N N 395 
TYR CB   C  N N 396 
TYR CG   C  Y N 397 
TYR CD1  C  Y N 398 
TYR CD2  C  Y N 399 
TYR CE1  C  Y N 400 
TYR CE2  C  Y N 401 
TYR CZ   C  Y N 402 
TYR OH   O  N N 403 
TYR OXT  O  N N 404 
TYR H    H  N N 405 
TYR H2   H  N N 406 
TYR HA   H  N N 407 
TYR HB2  H  N N 408 
TYR HB3  H  N N 409 
TYR HD1  H  N N 410 
TYR HD2  H  N N 411 
TYR HE1  H  N N 412 
TYR HE2  H  N N 413 
TYR HH   H  N N 414 
TYR HXT  H  N N 415 
VAL N    N  N N 416 
VAL CA   C  N S 417 
VAL C    C  N N 418 
VAL O    O  N N 419 
VAL CB   C  N N 420 
VAL CG1  C  N N 421 
VAL CG2  C  N N 422 
VAL OXT  O  N N 423 
VAL H    H  N N 424 
VAL H2   H  N N 425 
VAL HA   H  N N 426 
VAL HB   H  N N 427 
VAL HG11 H  N N 428 
VAL HG12 H  N N 429 
VAL HG13 H  N N 430 
VAL HG21 H  N N 431 
VAL HG22 H  N N 432 
VAL HG23 H  N N 433 
VAL HXT  H  N N 434 
# 
loop_
_chem_comp_bond.comp_id 
_chem_comp_bond.atom_id_1 
_chem_comp_bond.atom_id_2 
_chem_comp_bond.value_order 
_chem_comp_bond.pdbx_aromatic_flag 
_chem_comp_bond.pdbx_stereo_config 
_chem_comp_bond.pdbx_ordinal 
ALA N   CA   sing N N 1   
ALA N   H    sing N N 2   
ALA N   H2   sing N N 3   
ALA CA  C    sing N N 4   
ALA CA  CB   sing N N 5   
ALA CA  HA   sing N N 6   
ALA C   O    doub N N 7   
ALA C   OXT  sing N N 8   
ALA CB  HB1  sing N N 9   
ALA CB  HB2  sing N N 10  
ALA CB  HB3  sing N N 11  
ALA OXT HXT  sing N N 12  
ARG N   CA   sing N N 13  
ARG N   H    sing N N 14  
ARG N   H2   sing N N 15  
ARG CA  C    sing N N 16  
ARG CA  CB   sing N N 17  
ARG CA  HA   sing N N 18  
ARG C   O    doub N N 19  
ARG C   OXT  sing N N 20  
ARG CB  CG   sing N N 21  
ARG CB  HB2  sing N N 22  
ARG CB  HB3  sing N N 23  
ARG CG  CD   sing N N 24  
ARG CG  HG2  sing N N 25  
ARG CG  HG3  sing N N 26  
ARG CD  NE   sing N N 27  
ARG CD  HD2  sing N N 28  
ARG CD  HD3  sing N N 29  
ARG NE  CZ   sing N N 30  
ARG NE  HE   sing N N 31  
ARG CZ  NH1  sing N N 32  
ARG CZ  NH2  doub N N 33  
ARG NH1 HH11 sing N N 34  
ARG NH1 HH12 sing N N 35  
ARG NH2 HH21 sing N N 36  
ARG NH2 HH22 sing N N 37  
ARG OXT HXT  sing N N 38  
ASN N   CA   sing N N 39  
ASN N   H    sing N N 40  
ASN N   H2   sing N N 41  
ASN CA  C    sing N N 42  
ASN CA  CB   sing N N 43  
ASN CA  HA   sing N N 44  
ASN C   O    doub N N 45  
ASN C   OXT  sing N N 46  
ASN CB  CG   sing N N 47  
ASN CB  HB2  sing N N 48  
ASN CB  HB3  sing N N 49  
ASN CG  OD1  doub N N 50  
ASN CG  ND2  sing N N 51  
ASN ND2 HD21 sing N N 52  
ASN ND2 HD22 sing N N 53  
ASN OXT HXT  sing N N 54  
ASP N   CA   sing N N 55  
ASP N   H    sing N N 56  
ASP N   H2   sing N N 57  
ASP CA  C    sing N N 58  
ASP CA  CB   sing N N 59  
ASP CA  HA   sing N N 60  
ASP C   O    doub N N 61  
ASP C   OXT  sing N N 62  
ASP CB  CG   sing N N 63  
ASP CB  HB2  sing N N 64  
ASP CB  HB3  sing N N 65  
ASP CG  OD1  doub N N 66  
ASP CG  OD2  sing N N 67  
ASP OD2 HD2  sing N N 68  
ASP OXT HXT  sing N N 69  
BEN C1  C2   doub Y N 70  
BEN C1  C6   sing Y N 71  
BEN C1  C    sing N N 72  
BEN C2  C3   sing Y N 73  
BEN C2  H2   sing N N 74  
BEN C3  C4   doub Y N 75  
BEN C3  H3   sing N N 76  
BEN C4  C5   sing Y N 77  
BEN C4  H4   sing N N 78  
BEN C5  C6   doub Y N 79  
BEN C5  H5   sing N N 80  
BEN C6  H6   sing N N 81  
BEN C   N1   doub N E 82  
BEN C   N2   sing N N 83  
BEN N1  HN1  sing N N 84  
BEN N2  HN21 sing N N 85  
BEN N2  HN22 sing N N 86  
CYS N   CA   sing N N 87  
CYS N   H    sing N N 88  
CYS N   H2   sing N N 89  
CYS CA  C    sing N N 90  
CYS CA  CB   sing N N 91  
CYS CA  HA   sing N N 92  
CYS C   O    doub N N 93  
CYS C   OXT  sing N N 94  
CYS CB  SG   sing N N 95  
CYS CB  HB2  sing N N 96  
CYS CB  HB3  sing N N 97  
CYS SG  HG   sing N N 98  
CYS OXT HXT  sing N N 99  
EDO C1  O1   sing N N 100 
EDO C1  C2   sing N N 101 
EDO C1  H11  sing N N 102 
EDO C1  H12  sing N N 103 
EDO O1  HO1  sing N N 104 
EDO C2  O2   sing N N 105 
EDO C2  H21  sing N N 106 
EDO C2  H22  sing N N 107 
EDO O2  HO2  sing N N 108 
GLN N   CA   sing N N 109 
GLN N   H    sing N N 110 
GLN N   H2   sing N N 111 
GLN CA  C    sing N N 112 
GLN CA  CB   sing N N 113 
GLN CA  HA   sing N N 114 
GLN C   O    doub N N 115 
GLN C   OXT  sing N N 116 
GLN CB  CG   sing N N 117 
GLN CB  HB2  sing N N 118 
GLN CB  HB3  sing N N 119 
GLN CG  CD   sing N N 120 
GLN CG  HG2  sing N N 121 
GLN CG  HG3  sing N N 122 
GLN CD  OE1  doub N N 123 
GLN CD  NE2  sing N N 124 
GLN NE2 HE21 sing N N 125 
GLN NE2 HE22 sing N N 126 
GLN OXT HXT  sing N N 127 
GLU N   CA   sing N N 128 
GLU N   H    sing N N 129 
GLU N   H2   sing N N 130 
GLU CA  C    sing N N 131 
GLU CA  CB   sing N N 132 
GLU CA  HA   sing N N 133 
GLU C   O    doub N N 134 
GLU C   OXT  sing N N 135 
GLU CB  CG   sing N N 136 
GLU CB  HB2  sing N N 137 
GLU CB  HB3  sing N N 138 
GLU CG  CD   sing N N 139 
GLU CG  HG2  sing N N 140 
GLU CG  HG3  sing N N 141 
GLU CD  OE1  doub N N 142 
GLU CD  OE2  sing N N 143 
GLU OE2 HE2  sing N N 144 
GLU OXT HXT  sing N N 145 
GLY N   CA   sing N N 146 
GLY N   H    sing N N 147 
GLY N   H2   sing N N 148 
GLY CA  C    sing N N 149 
GLY CA  HA2  sing N N 150 
GLY CA  HA3  sing N N 151 
GLY C   O    doub N N 152 
GLY C   OXT  sing N N 153 
GLY OXT HXT  sing N N 154 
HIS N   CA   sing N N 155 
HIS N   H    sing N N 156 
HIS N   H2   sing N N 157 
HIS CA  C    sing N N 158 
HIS CA  CB   sing N N 159 
HIS CA  HA   sing N N 160 
HIS C   O    doub N N 161 
HIS C   OXT  sing N N 162 
HIS CB  CG   sing N N 163 
HIS CB  HB2  sing N N 164 
HIS CB  HB3  sing N N 165 
HIS CG  ND1  sing Y N 166 
HIS CG  CD2  doub Y N 167 
HIS ND1 CE1  doub Y N 168 
HIS ND1 HD1  sing N N 169 
HIS CD2 NE2  sing Y N 170 
HIS CD2 HD2  sing N N 171 
HIS CE1 NE2  sing Y N 172 
HIS CE1 HE1  sing N N 173 
HIS NE2 HE2  sing N N 174 
HIS OXT HXT  sing N N 175 
HOH O   H1   sing N N 176 
HOH O   H2   sing N N 177 
ILE N   CA   sing N N 178 
ILE N   H    sing N N 179 
ILE N   H2   sing N N 180 
ILE CA  C    sing N N 181 
ILE CA  CB   sing N N 182 
ILE CA  HA   sing N N 183 
ILE C   O    doub N N 184 
ILE C   OXT  sing N N 185 
ILE CB  CG1  sing N N 186 
ILE CB  CG2  sing N N 187 
ILE CB  HB   sing N N 188 
ILE CG1 CD1  sing N N 189 
ILE CG1 HG12 sing N N 190 
ILE CG1 HG13 sing N N 191 
ILE CG2 HG21 sing N N 192 
ILE CG2 HG22 sing N N 193 
ILE CG2 HG23 sing N N 194 
ILE CD1 HD11 sing N N 195 
ILE CD1 HD12 sing N N 196 
ILE CD1 HD13 sing N N 197 
ILE OXT HXT  sing N N 198 
K5V C6  C5   doub Y N 199 
K5V C6  C1   sing Y N 200 
K5V C5  C4   sing Y N 201 
K5V C1  C2   doub Y N 202 
K5V C4  N4   sing N N 203 
K5V C4  C3   doub Y N 204 
K5V C2  C3   sing Y N 205 
K5V C2  O2   sing N N 206 
K5V C3  H1   sing N N 207 
K5V C5  H2   sing N N 208 
K5V C6  H3   sing N N 209 
K5V C1  H4   sing N N 210 
K5V N4  H5   sing N N 211 
K5V N4  H6   sing N N 212 
K5V O2  H7   sing N N 213 
LEU N   CA   sing N N 214 
LEU N   H    sing N N 215 
LEU N   H2   sing N N 216 
LEU CA  C    sing N N 217 
LEU CA  CB   sing N N 218 
LEU CA  HA   sing N N 219 
LEU C   O    doub N N 220 
LEU C   OXT  sing N N 221 
LEU CB  CG   sing N N 222 
LEU CB  HB2  sing N N 223 
LEU CB  HB3  sing N N 224 
LEU CG  CD1  sing N N 225 
LEU CG  CD2  sing N N 226 
LEU CG  HG   sing N N 227 
LEU CD1 HD11 sing N N 228 
LEU CD1 HD12 sing N N 229 
LEU CD1 HD13 sing N N 230 
LEU CD2 HD21 sing N N 231 
LEU CD2 HD22 sing N N 232 
LEU CD2 HD23 sing N N 233 
LEU OXT HXT  sing N N 234 
LYS N   CA   sing N N 235 
LYS N   H    sing N N 236 
LYS N   H2   sing N N 237 
LYS CA  C    sing N N 238 
LYS CA  CB   sing N N 239 
LYS CA  HA   sing N N 240 
LYS C   O    doub N N 241 
LYS C   OXT  sing N N 242 
LYS CB  CG   sing N N 243 
LYS CB  HB2  sing N N 244 
LYS CB  HB3  sing N N 245 
LYS CG  CD   sing N N 246 
LYS CG  HG2  sing N N 247 
LYS CG  HG3  sing N N 248 
LYS CD  CE   sing N N 249 
LYS CD  HD2  sing N N 250 
LYS CD  HD3  sing N N 251 
LYS CE  NZ   sing N N 252 
LYS CE  HE2  sing N N 253 
LYS CE  HE3  sing N N 254 
LYS NZ  HZ1  sing N N 255 
LYS NZ  HZ2  sing N N 256 
LYS NZ  HZ3  sing N N 257 
LYS OXT HXT  sing N N 258 
MET N   CA   sing N N 259 
MET N   H    sing N N 260 
MET N   H2   sing N N 261 
MET CA  C    sing N N 262 
MET CA  CB   sing N N 263 
MET CA  HA   sing N N 264 
MET C   O    doub N N 265 
MET C   OXT  sing N N 266 
MET CB  CG   sing N N 267 
MET CB  HB2  sing N N 268 
MET CB  HB3  sing N N 269 
MET CG  SD   sing N N 270 
MET CG  HG2  sing N N 271 
MET CG  HG3  sing N N 272 
MET SD  CE   sing N N 273 
MET CE  HE1  sing N N 274 
MET CE  HE2  sing N N 275 
MET CE  HE3  sing N N 276 
MET OXT HXT  sing N N 277 
PHE N   CA   sing N N 278 
PHE N   H    sing N N 279 
PHE N   H2   sing N N 280 
PHE CA  C    sing N N 281 
PHE CA  CB   sing N N 282 
PHE CA  HA   sing N N 283 
PHE C   O    doub N N 284 
PHE C   OXT  sing N N 285 
PHE CB  CG   sing N N 286 
PHE CB  HB2  sing N N 287 
PHE CB  HB3  sing N N 288 
PHE CG  CD1  doub Y N 289 
PHE CG  CD2  sing Y N 290 
PHE CD1 CE1  sing Y N 291 
PHE CD1 HD1  sing N N 292 
PHE CD2 CE2  doub Y N 293 
PHE CD2 HD2  sing N N 294 
PHE CE1 CZ   doub Y N 295 
PHE CE1 HE1  sing N N 296 
PHE CE2 CZ   sing Y N 297 
PHE CE2 HE2  sing N N 298 
PHE CZ  HZ   sing N N 299 
PHE OXT HXT  sing N N 300 
PRO N   CA   sing N N 301 
PRO N   CD   sing N N 302 
PRO N   H    sing N N 303 
PRO CA  C    sing N N 304 
PRO CA  CB   sing N N 305 
PRO CA  HA   sing N N 306 
PRO C   O    doub N N 307 
PRO C   OXT  sing N N 308 
PRO CB  CG   sing N N 309 
PRO CB  HB2  sing N N 310 
PRO CB  HB3  sing N N 311 
PRO CG  CD   sing N N 312 
PRO CG  HG2  sing N N 313 
PRO CG  HG3  sing N N 314 
PRO CD  HD2  sing N N 315 
PRO CD  HD3  sing N N 316 
PRO OXT HXT  sing N N 317 
SER N   CA   sing N N 318 
SER N   H    sing N N 319 
SER N   H2   sing N N 320 
SER CA  C    sing N N 321 
SER CA  CB   sing N N 322 
SER CA  HA   sing N N 323 
SER C   O    doub N N 324 
SER C   OXT  sing N N 325 
SER CB  OG   sing N N 326 
SER CB  HB2  sing N N 327 
SER CB  HB3  sing N N 328 
SER OG  HG   sing N N 329 
SER OXT HXT  sing N N 330 
THR N   CA   sing N N 331 
THR N   H    sing N N 332 
THR N   H2   sing N N 333 
THR CA  C    sing N N 334 
THR CA  CB   sing N N 335 
THR CA  HA   sing N N 336 
THR C   O    doub N N 337 
THR C   OXT  sing N N 338 
THR CB  OG1  sing N N 339 
THR CB  CG2  sing N N 340 
THR CB  HB   sing N N 341 
THR OG1 HG1  sing N N 342 
THR CG2 HG21 sing N N 343 
THR CG2 HG22 sing N N 344 
THR CG2 HG23 sing N N 345 
THR OXT HXT  sing N N 346 
TRP N   CA   sing N N 347 
TRP N   H    sing N N 348 
TRP N   H2   sing N N 349 
TRP CA  C    sing N N 350 
TRP CA  CB   sing N N 351 
TRP CA  HA   sing N N 352 
TRP C   O    doub N N 353 
TRP C   OXT  sing N N 354 
TRP CB  CG   sing N N 355 
TRP CB  HB2  sing N N 356 
TRP CB  HB3  sing N N 357 
TRP CG  CD1  doub Y N 358 
TRP CG  CD2  sing Y N 359 
TRP CD1 NE1  sing Y N 360 
TRP CD1 HD1  sing N N 361 
TRP CD2 CE2  doub Y N 362 
TRP CD2 CE3  sing Y N 363 
TRP NE1 CE2  sing Y N 364 
TRP NE1 HE1  sing N N 365 
TRP CE2 CZ2  sing Y N 366 
TRP CE3 CZ3  doub Y N 367 
TRP CE3 HE3  sing N N 368 
TRP CZ2 CH2  doub Y N 369 
TRP CZ2 HZ2  sing N N 370 
TRP CZ3 CH2  sing Y N 371 
TRP CZ3 HZ3  sing N N 372 
TRP CH2 HH2  sing N N 373 
TRP OXT HXT  sing N N 374 
TYR N   CA   sing N N 375 
TYR N   H    sing N N 376 
TYR N   H2   sing N N 377 
TYR CA  C    sing N N 378 
TYR CA  CB   sing N N 379 
TYR CA  HA   sing N N 380 
TYR C   O    doub N N 381 
TYR C   OXT  sing N N 382 
TYR CB  CG   sing N N 383 
TYR CB  HB2  sing N N 384 
TYR CB  HB3  sing N N 385 
TYR CG  CD1  doub Y N 386 
TYR CG  CD2  sing Y N 387 
TYR CD1 CE1  sing Y N 388 
TYR CD1 HD1  sing N N 389 
TYR CD2 CE2  doub Y N 390 
TYR CD2 HD2  sing N N 391 
TYR CE1 CZ   doub Y N 392 
TYR CE1 HE1  sing N N 393 
TYR CE2 CZ   sing Y N 394 
TYR CE2 HE2  sing N N 395 
TYR CZ  OH   sing N N 396 
TYR OH  HH   sing N N 397 
TYR OXT HXT  sing N N 398 
VAL N   CA   sing N N 399 
VAL N   H    sing N N 400 
VAL N   H2   sing N N 401 
VAL CA  C    sing N N 402 
VAL CA  CB   sing N N 403 
VAL CA  HA   sing N N 404 
VAL C   O    doub N N 405 
VAL C   OXT  sing N N 406 
VAL CB  CG1  sing N N 407 
VAL CB  CG2  sing N N 408 
VAL CB  HB   sing N N 409 
VAL CG1 HG11 sing N N 410 
VAL CG1 HG12 sing N N 411 
VAL CG1 HG13 sing N N 412 
VAL CG2 HG21 sing N N 413 
VAL CG2 HG22 sing N N 414 
VAL CG2 HG23 sing N N 415 
VAL OXT HXT  sing N N 416 
# 
loop_
_pdbx_audit_support.funding_organization 
_pdbx_audit_support.country 
_pdbx_audit_support.grant_number 
_pdbx_audit_support.ordinal 
'National Institutes of Health/National Institute of General Medical Sciences (NIH/NIGMS)' 'United States' P41GM111244 1 
'Department of Energy (DOE, United States)'                                                'United States' KP1605010   2 
# 
_pdbx_initial_refinement_model.id               1 
_pdbx_initial_refinement_model.entity_id_list   ? 
_pdbx_initial_refinement_model.type             'experimental model' 
_pdbx_initial_refinement_model.source_name      PDB 
_pdbx_initial_refinement_model.accession_code   4N8Z 
_pdbx_initial_refinement_model.details          ? 
# 
_atom_sites.entry_id                    6MX9 
_atom_sites.fract_transf_matrix[1][1]   0.00295225 
_atom_sites.fract_transf_matrix[1][2]   0.01059136 
_atom_sites.fract_transf_matrix[1][3]   -0.00591883 
_atom_sites.fract_transf_matrix[2][1]   0.01014420 
_atom_sites.fract_transf_matrix[2][2]   0.00118713 
_atom_sites.fract_transf_matrix[2][3]   0.00718409 
_atom_sites.fract_transf_matrix[3][1]   0.01433047 
_atom_sites.fract_transf_matrix[3][2]   -0.01400898 
_atom_sites.fract_transf_matrix[3][3]   -0.01792025 
_atom_sites.fract_transf_vector[1]      -0.000204 
_atom_sites.fract_transf_vector[2]      -0.259819 
_atom_sites.fract_transf_vector[3]      0.009917 
# 
loop_
_atom_type.symbol 
C  
CL 
N  
NA 
O  
S  
# 
loop_
_atom_site.group_PDB 
_atom_site.id 
_atom_site.type_symbol 
_atom_site.label_atom_id 
_atom_site.label_alt_id 
_atom_site.label_comp_id 
_atom_site.label_asym_id 
_atom_site.label_entity_id 
_atom_site.label_seq_id 
_atom_site.pdbx_PDB_ins_code 
_atom_site.Cartn_x 
_atom_site.Cartn_y 
_atom_site.Cartn_z 
_atom_site.occupancy 
_atom_site.B_iso_or_equiv 
_atom_site.pdbx_formal_charge 
_atom_site.auth_seq_id 
_atom_site.auth_comp_id 
_atom_site.auth_asym_id 
_atom_site.auth_atom_id 
_atom_site.pdbx_PDB_model_num 
ATOM   1    N  N   A LYS A 1 1   ? 2.214   2.207   13.742  0.50 12.87 ? 1   LYS A N   1 
ATOM   2    N  N   B LYS A 1 1   ? 2.225   2.193   13.841  0.50 14.12 ? 1   LYS A N   1 
ATOM   3    C  CA  A LYS A 1 1   ? 1.604   3.603   13.874  0.50 13.19 ? 1   LYS A CA  1 
ATOM   4    C  CA  B LYS A 1 1   ? 1.502   3.501   14.023  0.50 14.16 ? 1   LYS A CA  1 
ATOM   5    C  C   A LYS A 1 1   ? 0.207   3.456   13.232  0.50 13.51 ? 1   LYS A C   1 
ATOM   6    C  C   B LYS A 1 1   ? 0.206   3.419   13.260  0.50 14.04 ? 1   LYS A C   1 
ATOM   7    O  O   A LYS A 1 1   ? 0.074   2.880   12.166  0.50 13.04 ? 1   LYS A O   1 
ATOM   8    O  O   B LYS A 1 1   ? 0.180   2.942   12.117  0.50 13.57 ? 1   LYS A O   1 
ATOM   9    C  CB  A LYS A 1 1   ? 2.506   4.604   13.102  0.50 14.15 ? 1   LYS A CB  1 
ATOM   10   C  CB  B LYS A 1 1   ? 2.330   4.584   13.369  0.50 15.81 ? 1   LYS A CB  1 
ATOM   11   C  CG  A LYS A 1 1   ? 1.891   5.966   12.937  0.50 15.27 ? 1   LYS A CG  1 
ATOM   12   C  CG  B LYS A 1 1   ? 1.618   5.907   13.304  0.50 16.67 ? 1   LYS A CG  1 
ATOM   13   C  CD  A LYS A 1 1   ? 2.838   7.004   12.413  0.50 16.40 ? 1   LYS A CD  1 
ATOM   14   C  CD  B LYS A 1 1   ? 2.563   6.953   12.776  0.50 17.81 ? 1   LYS A CD  1 
ATOM   15   C  CE  A LYS A 1 1   ? 2.043   8.300   12.163  0.50 16.47 ? 1   LYS A CE  1 
ATOM   16   C  CE  B LYS A 1 1   ? 1.861   8.283   12.490  0.50 18.31 ? 1   LYS A CE  1 
ATOM   17   N  NZ  A LYS A 1 1   ? 1.766   9.097   13.399  0.50 18.91 ? 1   LYS A NZ  1 
ATOM   18   N  NZ  B LYS A 1 1   ? 2.908   9.298   12.129  0.50 21.93 ? 1   LYS A NZ  1 
ATOM   19   N  N   . VAL A 1 2   ? -0.814  3.956   13.852  1.00 13.86 ? 2   VAL A N   1 
ATOM   20   C  CA  . VAL A 1 2   ? -2.101  4.141   13.242  1.00 12.90 ? 2   VAL A CA  1 
ATOM   21   C  C   . VAL A 1 2   ? -2.275  5.556   12.800  1.00 14.10 ? 2   VAL A C   1 
ATOM   22   O  O   . VAL A 1 2   ? -2.303  6.486   13.689  1.00 17.22 ? 2   VAL A O   1 
ATOM   23   C  CB  . VAL A 1 2   ? -3.214  3.667   14.134  1.00 14.61 ? 2   VAL A CB  1 
ATOM   24   C  CG1 . VAL A 1 2   ? -4.624  3.891   13.456  1.00 16.29 ? 2   VAL A CG1 1 
ATOM   25   C  CG2 . VAL A 1 2   ? -3.091  2.186   14.492  1.00 15.09 ? 2   VAL A CG2 1 
ATOM   26   N  N   . PHE A 1 3   ? -2.239  5.832   11.512  1.00 13.34 ? 3   PHE A N   1 
ATOM   27   C  CA  . PHE A 1 3   ? -2.378  7.198   10.982  1.00 13.60 ? 3   PHE A CA  1 
ATOM   28   C  C   . PHE A 1 3   ? -3.807  7.621   11.095  1.00 14.52 ? 3   PHE A C   1 
ATOM   29   O  O   . PHE A 1 3   ? -4.740  6.879   10.996  1.00 15.34 ? 3   PHE A O   1 
ATOM   30   C  CB  . PHE A 1 3   ? -2.020  7.214   9.508   1.00 12.84 ? 3   PHE A CB  1 
ATOM   31   C  CG  . PHE A 1 3   ? -0.583  7.315   9.246   1.00 12.77 ? 3   PHE A CG  1 
ATOM   32   C  CD1 . PHE A 1 3   ? 0.277   6.199   9.291   1.00 13.65 ? 3   PHE A CD1 1 
ATOM   33   C  CD2 . PHE A 1 3   ? 0.050   8.592   8.972   1.00 14.88 ? 3   PHE A CD2 1 
ATOM   34   C  CE1 . PHE A 1 3   ? 1.596   6.327   9.031   1.00 14.19 ? 3   PHE A CE1 1 
ATOM   35   C  CE2 . PHE A 1 3   ? 1.345   8.691   8.694   1.00 14.19 ? 3   PHE A CE2 1 
ATOM   36   C  CZ  . PHE A 1 3   ? 2.175   7.595   8.721   1.00 15.24 ? 3   PHE A CZ  1 
ATOM   37   N  N   . GLY A 1 4   ? -3.964  8.969   11.255  1.00 16.96 ? 4   GLY A N   1 
ATOM   38   C  CA  . GLY A 1 4   ? -5.287  9.627   10.890  1.00 17.67 ? 4   GLY A CA  1 
ATOM   39   C  C   . GLY A 1 4   ? -5.401  9.718   9.391   1.00 15.84 ? 4   GLY A C   1 
ATOM   40   O  O   . GLY A 1 4   ? -4.416  9.705   8.662   1.00 15.92 ? 4   GLY A O   1 
ATOM   41   N  N   . ARG A 1 5   ? -6.645  9.924   8.934   1.00 17.01 ? 5   ARG A N   1 
ATOM   42   C  CA  . ARG A 1 5   ? -6.891  10.043  7.534   1.00 17.12 ? 5   ARG A CA  1 
ATOM   43   C  C   . ARG A 1 5   ? -6.092  11.129  6.849   1.00 15.66 ? 5   ARG A C   1 
ATOM   44   O  O   . ARG A 1 5   ? -5.382  10.962  5.891   1.00 15.17 ? 5   ARG A O   1 
ATOM   45   C  CB  . ARG A 1 5   ? -8.414  10.249  7.384   1.00 19.22 ? 5   ARG A CB  1 
ATOM   46   C  CG  . ARG A 1 5   ? -8.779  10.420  5.991   1.00 16.77 ? 5   ARG A CG  1 
ATOM   47   C  CD  . ARG A 1 5   ? -10.315 10.605  5.855   1.00 18.54 ? 5   ARG A CD  1 
ATOM   48   N  NE  . ARG A 1 5   ? -10.877 11.825  6.519   1.00 20.38 ? 5   ARG A NE  1 
ATOM   49   C  CZ  . ARG A 1 5   ? -10.987 13.026  5.954   1.00 20.29 ? 5   ARG A CZ  1 
ATOM   50   N  NH1 . ARG A 1 5   ? -10.530 13.349  4.796   1.00 20.55 ? 5   ARG A NH1 1 
ATOM   51   N  NH2 . ARG A 1 5   ? -11.512 14.045  6.664   1.00 23.65 ? 5   ARG A NH2 1 
ATOM   52   N  N   . CYS A 1 6   ? -6.247  12.396  7.364   1.00 15.23 ? 6   CYS A N   1 
ATOM   53   C  CA  . CYS A 1 6   ? -5.513  13.484  6.767   1.00 16.46 ? 6   CYS A CA  1 
ATOM   54   C  C   . CYS A 1 6   ? -3.993  13.464  6.905   1.00 13.03 ? 6   CYS A C   1 
ATOM   55   O  O   . CYS A 1 6   ? -3.227  13.868  6.088   1.00 14.94 ? 6   CYS A O   1 
ATOM   56   C  CB  . CYS A 1 6   ? -6.094  14.866  7.255   1.00 17.76 ? 6   CYS A CB  1 
ATOM   57   S  SG  . CYS A 1 6   ? -7.749  15.218  6.587   1.00 20.57 ? 6   CYS A SG  1 
ATOM   58   N  N   . GLU A 1 7   ? -3.586  12.905  8.105   1.00 15.55 ? 7   GLU A N   1 
ATOM   59   C  CA  . GLU A 1 7   ? -2.180  12.717  8.419   1.00 16.38 ? 7   GLU A CA  1 
ATOM   60   C  C   . GLU A 1 7   ? -1.533  11.798  7.329   1.00 14.27 ? 7   GLU A C   1 
ATOM   61   O  O   . GLU A 1 7   ? -0.500  12.059  6.777   1.00 14.73 ? 7   GLU A O   1 
ATOM   62   C  CB  . GLU A 1 7   ? -2.033  12.063  9.810   1.00 16.59 ? 7   GLU A CB  1 
ATOM   63   C  CG  . GLU A 1 7   ? -0.626  11.913  10.255  1.00 17.52 ? 7   GLU A CG  1 
ATOM   64   C  CD  . GLU A 1 7   ? -0.522  11.093  11.523  1.00 19.92 ? 7   GLU A CD  1 
ATOM   65   O  OE1 . GLU A 1 7   ? -1.431  10.388  11.950  1.00 19.03 ? 7   GLU A OE1 1 
ATOM   66   O  OE2 . GLU A 1 7   ? 0.576   11.276  12.160  1.00 22.91 ? 7   GLU A OE2 1 
ATOM   67   N  N   . LEU A 1 8   ? -2.280  10.696  7.027   1.00 14.56 ? 8   LEU A N   1 
ATOM   68   C  CA  . LEU A 1 8   ? -1.800  9.797   5.955   1.00 13.63 ? 8   LEU A CA  1 
ATOM   69   C  C   . LEU A 1 8   ? -1.810  10.383  4.562   1.00 12.27 ? 8   LEU A C   1 
ATOM   70   O  O   . LEU A 1 8   ? -0.911  10.228  3.798   1.00 14.27 ? 8   LEU A O   1 
ATOM   71   C  CB  . LEU A 1 8   ? -2.601  8.496   6.023   1.00 14.13 ? 8   LEU A CB  1 
ATOM   72   C  CG  . LEU A 1 8   ? -2.081  7.428   5.055   1.00 13.67 ? 8   LEU A CG  1 
ATOM   73   C  CD1 . LEU A 1 8   ? -0.631  7.024   5.413   1.00 14.06 ? 8   LEU A CD1 1 
ATOM   74   C  CD2 . LEU A 1 8   ? -2.955  6.196   5.065   1.00 13.30 ? 8   LEU A CD2 1 
ATOM   75   N  N   . ALA A 1 9   ? -2.907  11.134  4.290   1.00 13.67 ? 9   ALA A N   1 
ATOM   76   C  CA  . ALA A 1 9   ? -2.964  11.803  2.991   1.00 15.16 ? 9   ALA A CA  1 
ATOM   77   C  C   . ALA A 1 9   ? -1.757  12.710  2.701   1.00 12.70 ? 9   ALA A C   1 
ATOM   78   O  O   . ALA A 1 9   ? -1.092  12.717  1.701   1.00 15.46 ? 9   ALA A O   1 
ATOM   79   C  CB  . ALA A 1 9   ? -4.254  12.586  2.928   1.00 14.43 ? 9   ALA A CB  1 
ATOM   80   N  N   . ALA A 1 10  ? -1.444  13.501  3.795   1.00 16.13 ? 10  ALA A N   1 
ATOM   81   C  CA  . ALA A 1 10  ? -0.266  14.401  3.753   1.00 16.17 ? 10  ALA A CA  1 
ATOM   82   C  C   . ALA A 1 10  ? 1.003   13.678  3.591   1.00 15.06 ? 10  ALA A C   1 
ATOM   83   O  O   . ALA A 1 10  ? 1.883   14.026  2.756   1.00 16.91 ? 10  ALA A O   1 
ATOM   84   C  CB  . ALA A 1 10  ? -0.222  15.277  4.987   1.00 19.58 ? 10  ALA A CB  1 
ATOM   85   N  N   . ALA A 1 11  ? 1.198   12.555  4.335   1.00 15.45 ? 11  ALA A N   1 
ATOM   86   C  CA  . ALA A 1 11  ? 2.430   11.752  4.249   1.00 15.03 ? 11  ALA A CA  1 
ATOM   87   C  C   . ALA A 1 11  ? 2.600   11.125  2.817   1.00 13.86 ? 11  ALA A C   1 
ATOM   88   O  O   . ALA A 1 11  ? 3.634   11.068  2.224   1.00 16.75 ? 11  ALA A O   1 
ATOM   89   C  CB  . ALA A 1 11  ? 2.435   10.727  5.354   1.00 16.28 ? 11  ALA A CB  1 
ATOM   90   N  N   . MET A 1 12  ? 1.447   10.587  2.311   1.00 14.00 ? 12  MET A N   1 
ATOM   91   C  CA  . MET A 1 12  ? 1.458   10.018  0.951   1.00 14.87 ? 12  MET A CA  1 
ATOM   92   C  C   . MET A 1 12  ? 1.744   11.073  -0.093  1.00 13.06 ? 12  MET A C   1 
ATOM   93   O  O   . MET A 1 12  ? 2.478   10.759  -1.016  1.00 14.60 ? 12  MET A O   1 
ATOM   94   C  CB  . MET A 1 12  ? 0.125   9.314   0.701   1.00 14.07 ? 12  MET A CB  1 
ATOM   95   C  CG  . MET A 1 12  ? -0.004  8.022   1.466   1.00 14.47 ? 12  MET A CG  1 
ATOM   96   S  SD  . MET A 1 12  ? -1.647  7.248   1.145   1.00 13.64 ? 12  MET A SD  1 
ATOM   97   C  CE  . MET A 1 12  ? -1.279  5.564   1.455   1.00 15.64 ? 12  MET A CE  1 
ATOM   98   N  N   . LYS A 1 13  ? 1.176   12.252  0.072   1.00 14.85 ? 13  LYS A N   1 
ATOM   99   C  CA  . LYS A 1 13  ? 1.508   13.360  -0.860  1.00 17.55 ? 13  LYS A CA  1 
ATOM   100  C  C   . LYS A 1 13  ? 3.006   13.756  -0.819  1.00 16.19 ? 13  LYS A C   1 
ATOM   101  O  O   . LYS A 1 13  ? 3.625   13.859  -1.836  1.00 19.02 ? 13  LYS A O   1 
ATOM   102  C  CB  . LYS A 1 13  ? 0.606   14.531  -0.552  1.00 18.97 ? 13  LYS A CB  1 
ATOM   103  C  CG  . LYS A 1 13  ? 0.737   15.565  -1.692  1.00 23.06 ? 13  LYS A CG  1 
ATOM   104  C  CD  . LYS A 1 13  ? -0.280  16.687  -1.570  1.00 26.15 ? 13  LYS A CD  1 
ATOM   105  C  CE  . LYS A 1 13  ? 0.070   17.755  -2.643  1.00 32.72 ? 13  LYS A CE  1 
ATOM   106  N  NZ  . LYS A 1 13  ? -0.840  18.910  -2.510  1.00 39.89 ? 13  LYS A NZ  1 
ATOM   107  N  N   A ARG A 1 14  ? 3.541   13.783  0.381   0.60 15.99 ? 14  ARG A N   1 
ATOM   108  N  N   B ARG A 1 14  ? 3.529   13.817  0.427   0.40 16.69 ? 14  ARG A N   1 
ATOM   109  C  CA  A ARG A 1 14  ? 4.962   14.153  0.510   0.60 18.42 ? 14  ARG A CA  1 
ATOM   110  C  CA  B ARG A 1 14  ? 4.984   14.098  0.707   0.40 18.72 ? 14  ARG A CA  1 
ATOM   111  C  C   A ARG A 1 14  ? 5.859   13.129  -0.127  0.60 18.44 ? 14  ARG A C   1 
ATOM   112  C  C   B ARG A 1 14  ? 5.887   13.098  0.028   0.40 18.37 ? 14  ARG A C   1 
ATOM   113  O  O   A ARG A 1 14  ? 6.886   13.417  -0.776  0.60 20.29 ? 14  ARG A O   1 
ATOM   114  O  O   B ARG A 1 14  ? 6.998   13.387  -0.401  0.40 19.90 ? 14  ARG A O   1 
ATOM   115  C  CB  A ARG A 1 14  ? 5.276   14.385  2.014   0.60 20.39 ? 14  ARG A CB  1 
ATOM   116  C  CB  B ARG A 1 14  ? 5.304   14.133  2.263   0.40 19.37 ? 14  ARG A CB  1 
ATOM   117  C  CG  A ARG A 1 14  ? 6.750   14.560  2.302   0.60 25.96 ? 14  ARG A CG  1 
ATOM   118  C  CG  B ARG A 1 14  ? 6.796   14.001  2.640   0.40 24.58 ? 14  ARG A CG  1 
ATOM   119  C  CD  A ARG A 1 14  ? 7.383   15.890  1.889   0.60 28.18 ? 14  ARG A CD  1 
ATOM   120  C  CD  B ARG A 1 14  ? 7.453   15.293  3.246   0.40 27.73 ? 14  ARG A CD  1 
ATOM   121  N  NE  A ARG A 1 14  ? 8.844   15.868  2.059   0.60 30.95 ? 14  ARG A NE  1 
ATOM   122  N  NE  B ARG A 1 14  ? 8.850   15.598  2.821   0.40 28.61 ? 14  ARG A NE  1 
ATOM   123  C  CZ  A ARG A 1 14  ? 9.734   16.466  1.288   0.60 28.28 ? 14  ARG A CZ  1 
ATOM   124  C  CZ  B ARG A 1 14  ? 9.983   15.281  3.463   0.40 27.22 ? 14  ARG A CZ  1 
ATOM   125  N  NH1 A ARG A 1 14  ? 9.352   17.220  0.261   0.60 30.07 ? 14  ARG A NH1 1 
ATOM   126  N  NH1 B ARG A 1 14  ? 11.152  15.604  2.931   0.40 27.19 ? 14  ARG A NH1 1 
ATOM   127  N  NH2 A ARG A 1 14  ? 11.026  16.301  1.536   0.60 32.51 ? 14  ARG A NH2 1 
ATOM   128  N  NH2 B ARG A 1 14  ? 9.972   14.591  4.588   0.40 22.28 ? 14  ARG A NH2 1 
ATOM   129  N  N   . HIS A 1 15  ? 5.389   11.852  -0.111  1.00 17.22 ? 15  HIS A N   1 
ATOM   130  C  CA  . HIS A 1 15  ? 6.130   10.770  -0.705  1.00 17.51 ? 15  HIS A CA  1 
ATOM   131  C  C   . HIS A 1 15  ? 5.781   10.485  -2.136  1.00 16.57 ? 15  HIS A C   1 
ATOM   132  O  O   . HIS A 1 15  ? 6.274   9.544   -2.741  1.00 19.86 ? 15  HIS A O   1 
ATOM   133  C  CB  . HIS A 1 15  ? 5.953   9.461   0.101   1.00 18.51 ? 15  HIS A CB  1 
ATOM   134  C  CG  . HIS A 1 15  ? 6.620   9.477   1.432   1.00 17.96 ? 15  HIS A CG  1 
ATOM   135  N  ND1 . HIS A 1 15  ? 7.831   8.861   1.660   1.00 26.96 ? 15  HIS A ND1 1 
ATOM   136  C  CD2 . HIS A 1 15  ? 6.216   9.982   2.601   1.00 19.78 ? 15  HIS A CD2 1 
ATOM   137  C  CE1 . HIS A 1 15  ? 8.166   9.058   2.920   1.00 26.84 ? 15  HIS A CE1 1 
ATOM   138  N  NE2 . HIS A 1 15  ? 7.202   9.689   3.533   1.00 24.49 ? 15  HIS A NE2 1 
ATOM   139  N  N   . GLY A 1 16  ? 5.060   11.402  -2.772  1.00 18.07 ? 16  GLY A N   1 
ATOM   140  C  CA  . GLY A 1 16  ? 4.925   11.351  -4.199  1.00 17.53 ? 16  GLY A CA  1 
ATOM   141  C  C   . GLY A 1 16  ? 3.787   10.529  -4.778  1.00 17.85 ? 16  GLY A C   1 
ATOM   142  O  O   . GLY A 1 16  ? 3.809   10.246  -5.978  1.00 18.96 ? 16  GLY A O   1 
ATOM   143  N  N   . LEU A 1 17  ? 2.857   10.110  -3.915  1.00 18.62 ? 17  LEU A N   1 
ATOM   144  C  CA  . LEU A 1 17  ? 1.707   9.275   -4.455  1.00 17.68 ? 17  LEU A CA  1 
ATOM   145  C  C   . LEU A 1 17  ? 0.614   10.023  -5.165  1.00 17.11 ? 17  LEU A C   1 
ATOM   146  O  O   . LEU A 1 17  ? -0.118  9.415   -5.941  1.00 16.12 ? 17  LEU A O   1 
ATOM   147  C  CB  . LEU A 1 17  ? 1.120   8.395   -3.358  1.00 16.46 ? 17  LEU A CB  1 
ATOM   148  C  CG  . LEU A 1 17  ? 2.013   7.207   -3.013  1.00 17.01 ? 17  LEU A CG  1 
ATOM   149  C  CD1 . LEU A 1 17  ? 1.313   6.395   -1.908  1.00 16.91 ? 17  LEU A CD1 1 
ATOM   150  C  CD2 . LEU A 1 17  ? 2.294   6.241   -4.167  1.00 15.52 ? 17  LEU A CD2 1 
ATOM   151  N  N   . ASP A 1 18  ? 0.471   11.324  -4.972  1.00 15.71 ? 18  ASP A N   1 
ATOM   152  C  CA  . ASP A 1 18  ? -0.608  12.024  -5.561  1.00 17.74 ? 18  ASP A CA  1 
ATOM   153  C  C   . ASP A 1 18  ? -0.507  12.088  -7.076  1.00 18.84 ? 18  ASP A C   1 
ATOM   154  O  O   . ASP A 1 18  ? 0.450   12.637  -7.652  1.00 20.01 ? 18  ASP A O   1 
ATOM   155  C  CB  . ASP A 1 18  ? -0.734  13.446  -5.089  1.00 18.20 ? 18  ASP A CB  1 
ATOM   156  C  CG  . ASP A 1 18  ? -2.102  14.105  -5.508  1.00 23.70 ? 18  ASP A CG  1 
ATOM   157  O  OD1 . ASP A 1 18  ? -2.148  15.390  -5.327  1.00 28.41 ? 18  ASP A OD1 1 
ATOM   158  O  OD2 . ASP A 1 18  ? -3.191  13.546  -6.005  1.00 21.76 ? 18  ASP A OD2 1 
ATOM   159  N  N   . ASN A 1 19  ? -1.460  11.473  -7.785  1.00 14.90 ? 19  ASN A N   1 
ATOM   160  C  CA  . ASN A 1 19  ? -1.402  11.318  -9.202  1.00 15.47 ? 19  ASN A CA  1 
ATOM   161  C  C   . ASN A 1 19  ? -0.289  10.486  -9.735  1.00 15.93 ? 19  ASN A C   1 
ATOM   162  O  O   . ASN A 1 19  ? 0.041   10.446  -10.930 1.00 16.72 ? 19  ASN A O   1 
ATOM   163  C  CB  . ASN A 1 19  ? -1.552  12.718  -9.961  1.00 18.03 ? 19  ASN A CB  1 
ATOM   164  C  CG  . ASN A 1 19  ? -2.889  13.423  -9.628  1.00 19.56 ? 19  ASN A CG  1 
ATOM   165  O  OD1 . ASN A 1 19  ? -2.914  14.722  -9.496  1.00 26.57 ? 19  ASN A OD1 1 
ATOM   166  N  ND2 . ASN A 1 19  ? -3.973  12.691  -9.582  1.00 17.39 ? 19  ASN A ND2 1 
ATOM   167  N  N   . TYR A 1 20  ? 0.317   9.615   -8.915  1.00 14.18 ? 20  TYR A N   1 
ATOM   168  C  CA  . TYR A 1 20  ? 1.328   8.651   -9.377  1.00 15.08 ? 20  TYR A CA  1 
ATOM   169  C  C   . TYR A 1 20  ? 0.695   7.666   -10.263 1.00 16.23 ? 20  TYR A C   1 
ATOM   170  O  O   . TYR A 1 20  ? -0.325  7.037   -9.860  1.00 14.88 ? 20  TYR A O   1 
ATOM   171  C  CB  . TYR A 1 20  ? 2.057   7.946   -8.206  1.00 15.68 ? 20  TYR A CB  1 
ATOM   172  C  CG  . TYR A 1 20  ? 3.244   7.153   -8.613  1.00 15.67 ? 20  TYR A CG  1 
ATOM   173  C  CD1 . TYR A 1 20  ? 4.507   7.741   -8.698  1.00 17.12 ? 20  TYR A CD1 1 
ATOM   174  C  CD2 . TYR A 1 20  ? 3.192   5.825   -8.996  1.00 17.27 ? 20  TYR A CD2 1 
ATOM   175  C  CE1 . TYR A 1 20  ? 5.557   7.037   -9.184  1.00 15.69 ? 20  TYR A CE1 1 
ATOM   176  C  CE2 . TYR A 1 20  ? 4.230   5.156   -9.420  1.00 17.73 ? 20  TYR A CE2 1 
ATOM   177  C  CZ  . TYR A 1 20  ? 5.472   5.790   -9.569  1.00 18.56 ? 20  TYR A CZ  1 
ATOM   178  O  OH  . TYR A 1 20  ? 6.552   5.004   -10.001 1.00 21.50 ? 20  TYR A OH  1 
ATOM   179  N  N   A ARG A 1 21  ? 1.255   7.462   -11.470 0.50 16.50 ? 21  ARG A N   1 
ATOM   180  N  N   B ARG A 1 21  ? 1.164   7.557   -11.509 0.50 16.57 ? 21  ARG A N   1 
ATOM   181  C  CA  A ARG A 1 21  ? 0.639   6.654   -12.492 0.50 17.21 ? 21  ARG A CA  1 
ATOM   182  C  CA  B ARG A 1 21  ? 0.538   6.758   -12.526 0.50 17.51 ? 21  ARG A CA  1 
ATOM   183  C  C   A ARG A 1 21  ? -0.838  7.068   -12.696 0.50 16.45 ? 21  ARG A C   1 
ATOM   184  C  C   B ARG A 1 21  ? -0.893  7.089   -12.693 0.50 16.81 ? 21  ARG A C   1 
ATOM   185  O  O   A ARG A 1 21  ? -1.617  6.202   -13.150 0.50 18.20 ? 21  ARG A O   1 
ATOM   186  O  O   B ARG A 1 21  ? -1.680  6.225   -13.129 0.50 18.52 ? 21  ARG A O   1 
ATOM   187  C  CB  A ARG A 1 21  ? 0.849   5.125   -12.153 0.50 20.65 ? 21  ARG A CB  1 
ATOM   188  C  CB  B ARG A 1 21  ? 0.776   5.271   -12.222 0.50 22.53 ? 21  ARG A CB  1 
ATOM   189  C  CG  A ARG A 1 21  ? 2.059   4.358   -12.743 0.50 23.35 ? 21  ARG A CG  1 
ATOM   190  C  CG  B ARG A 1 21  ? 2.209   4.883   -12.321 0.50 25.79 ? 21  ARG A CG  1 
ATOM   191  C  CD  A ARG A 1 21  ? 2.032   4.189   -14.289 0.50 24.65 ? 21  ARG A CD  1 
ATOM   192  C  CD  B ARG A 1 21  ? 2.755   5.290   -13.682 0.50 31.71 ? 21  ARG A CD  1 
ATOM   193  N  NE  A ARG A 1 21  ? 2.417   2.875   -14.892 0.50 30.16 ? 21  ARG A NE  1 
ATOM   194  N  NE  B ARG A 1 21  ? 3.480   4.246   -14.391 0.50 42.49 ? 21  ARG A NE  1 
ATOM   195  C  CZ  A ARG A 1 21  ? 3.659   2.502   -15.286 0.50 29.10 ? 21  ARG A CZ  1 
ATOM   196  C  CZ  B ARG A 1 21  ? 3.224   3.907   -15.661 0.50 48.62 ? 21  ARG A CZ  1 
ATOM   197  N  NH1 A ARG A 1 21  ? 4.715   3.270   -15.104 0.50 32.29 ? 21  ARG A NH1 1 
ATOM   198  N  NH1 B ARG A 1 21  ? 2.264   4.529   -16.341 0.50 54.31 ? 21  ARG A NH1 1 
ATOM   199  N  NH2 A ARG A 1 21  ? 3.851   1.312   -15.842 0.50 35.07 ? 21  ARG A NH2 1 
ATOM   200  N  NH2 B ARG A 1 21  ? 3.919   2.945   -16.253 0.50 50.58 ? 21  ARG A NH2 1 
ATOM   201  N  N   . GLY A 1 22  ? -1.245  8.342   -12.458 1.00 15.78 ? 22  GLY A N   1 
ATOM   202  C  CA  . GLY A 1 22  ? -2.572  8.809   -12.715 1.00 15.72 ? 22  GLY A CA  1 
ATOM   203  C  C   . GLY A 1 22  ? -3.596  8.601   -11.622 1.00 16.05 ? 22  GLY A C   1 
ATOM   204  O  O   . GLY A 1 22  ? -4.748  8.890   -11.755 1.00 15.31 ? 22  GLY A O   1 
ATOM   205  N  N   . TYR A 1 23  ? -3.137  7.998   -10.471 1.00 13.84 ? 23  TYR A N   1 
ATOM   206  C  CA  . TYR A 1 23  ? -3.980  7.712   -9.351  1.00 13.49 ? 23  TYR A CA  1 
ATOM   207  C  C   . TYR A 1 23  ? -3.985  8.817   -8.336  1.00 12.06 ? 23  TYR A C   1 
ATOM   208  O  O   . TYR A 1 23  ? -2.967  9.030   -7.665  1.00 13.22 ? 23  TYR A O   1 
ATOM   209  C  CB  . TYR A 1 23  ? -3.571  6.353   -8.702  1.00 13.38 ? 23  TYR A CB  1 
ATOM   210  C  CG  . TYR A 1 23  ? -3.882  5.178   -9.576  1.00 11.45 ? 23  TYR A CG  1 
ATOM   211  C  CD1 . TYR A 1 23  ? -5.148  4.593   -9.536  1.00 11.40 ? 23  TYR A CD1 1 
ATOM   212  C  CD2 . TYR A 1 23  ? -2.943  4.654   -10.421 1.00 11.47 ? 23  TYR A CD2 1 
ATOM   213  C  CE1 . TYR A 1 23  ? -5.410  3.538   -10.374 1.00 10.83 ? 23  TYR A CE1 1 
ATOM   214  C  CE2 . TYR A 1 23  ? -3.258  3.575   -11.237 1.00 11.14 ? 23  TYR A CE2 1 
ATOM   215  C  CZ  . TYR A 1 23  ? -4.506  3.046   -11.195 1.00 10.90 ? 23  TYR A CZ  1 
ATOM   216  O  OH  . TYR A 1 23  ? -4.797  1.933   -12.014 1.00 13.09 ? 23  TYR A OH  1 
ATOM   217  N  N   . SER A 1 24  ? -5.079  9.553   -8.264  1.00 13.03 ? 24  SER A N   1 
ATOM   218  C  CA  . SER A 1 24  ? -5.146  10.656  -7.330  1.00 13.64 ? 24  SER A CA  1 
ATOM   219  C  C   . SER A 1 24  ? -5.024  10.181  -5.911  1.00 15.04 ? 24  SER A C   1 
ATOM   220  O  O   . SER A 1 24  ? -5.287  9.018   -5.566  1.00 13.62 ? 24  SER A O   1 
ATOM   221  C  CB  . SER A 1 24  ? -6.493  11.356  -7.519  1.00 16.37 ? 24  SER A CB  1 
ATOM   222  O  OG  . SER A 1 24  ? -7.591  10.477  -7.194  1.00 17.90 ? 24  SER A OG  1 
ATOM   223  N  N   . LEU A 1 25  ? -4.679  11.125  -5.029  1.00 13.40 ? 25  LEU A N   1 
ATOM   224  C  CA  . LEU A 1 25  ? -4.368  10.834  -3.634  1.00 13.10 ? 25  LEU A CA  1 
ATOM   225  C  C   . LEU A 1 25  ? -5.422  10.071  -2.927  1.00 12.69 ? 25  LEU A C   1 
ATOM   226  O  O   . LEU A 1 25  ? -5.153  9.146   -2.136  1.00 12.78 ? 25  LEU A O   1 
ATOM   227  C  CB  . LEU A 1 25  ? -4.049  12.137  -2.905  1.00 14.10 ? 25  LEU A CB  1 
ATOM   228  C  CG  . LEU A 1 25  ? -3.478  12.014  -1.537  1.00 15.52 ? 25  LEU A CG  1 
ATOM   229  C  CD1 . LEU A 1 25  ? -2.150  11.304  -1.552  1.00 16.02 ? 25  LEU A CD1 1 
ATOM   230  C  CD2 . LEU A 1 25  ? -3.267  13.445  -0.978  1.00 16.98 ? 25  LEU A CD2 1 
ATOM   231  N  N   . GLY A 1 26  ? -6.699  10.376  -3.132  1.00 12.08 ? 26  GLY A N   1 
ATOM   232  C  CA  . GLY A 1 26  ? -7.775  9.713   -2.441  1.00 12.71 ? 26  GLY A CA  1 
ATOM   233  C  C   . GLY A 1 26  ? -7.824  8.201   -2.759  1.00 11.82 ? 26  GLY A C   1 
ATOM   234  O  O   . GLY A 1 26  ? -8.271  7.472   -1.891  1.00 12.05 ? 26  GLY A O   1 
ATOM   235  N  N   . ASN A 1 27  ? -7.383  7.805   -3.938  1.00 10.82 ? 27  ASN A N   1 
ATOM   236  C  CA  . ASN A 1 27  ? -7.294  6.353   -4.226  1.00 10.59 ? 27  ASN A CA  1 
ATOM   237  C  C   . ASN A 1 27  ? -6.382  5.627   -3.258  1.00 11.50 ? 27  ASN A C   1 
ATOM   238  O  O   . ASN A 1 27  ? -6.725  4.514   -2.784  1.00 11.51 ? 27  ASN A O   1 
ATOM   239  C  CB  . ASN A 1 27  ? -6.794  6.114   -5.618  1.00 11.47 ? 27  ASN A CB  1 
ATOM   240  C  CG  . ASN A 1 27  ? -7.835  6.331   -6.657  1.00 12.61 ? 27  ASN A CG  1 
ATOM   241  O  OD1 . ASN A 1 27  ? -8.759  5.555   -6.796  1.00 12.98 ? 27  ASN A OD1 1 
ATOM   242  N  ND2 . ASN A 1 27  ? -7.673  7.495   -7.359  1.00 13.54 ? 27  ASN A ND2 1 
ATOM   243  N  N   . TRP A 1 28  ? -5.248  6.261   -2.970  1.00 10.49 ? 28  TRP A N   1 
ATOM   244  C  CA  . TRP A 1 28  ? -4.270  5.648   -2.058  1.00 10.54 ? 28  TRP A CA  1 
ATOM   245  C  C   . TRP A 1 28  ? -4.707  5.632   -0.635  1.00 11.72 ? 28  TRP A C   1 
ATOM   246  O  O   . TRP A 1 28  ? -4.505  4.648   0.108   1.00 11.57 ? 28  TRP A O   1 
ATOM   247  C  CB  . TRP A 1 28  ? -2.958  6.380   -2.209  1.00 11.81 ? 28  TRP A CB  1 
ATOM   248  C  CG  . TRP A 1 28  ? -2.355  6.333   -3.590  1.00 11.72 ? 28  TRP A CG  1 
ATOM   249  C  CD1 . TRP A 1 28  ? -2.413  7.293   -4.572  1.00 12.55 ? 28  TRP A CD1 1 
ATOM   250  C  CD2 . TRP A 1 28  ? -1.661  5.244   -4.163  1.00 11.25 ? 28  TRP A CD2 1 
ATOM   251  N  NE1 . TRP A 1 28  ? -1.827  6.839   -5.675  1.00 12.73 ? 28  TRP A NE1 1 
ATOM   252  C  CE2 . TRP A 1 28  ? -1.314  5.594   -5.486  1.00 12.07 ? 28  TRP A CE2 1 
ATOM   253  C  CE3 . TRP A 1 28  ? -1.342  3.955   -3.715  1.00 11.61 ? 28  TRP A CE3 1 
ATOM   254  C  CZ2 . TRP A 1 28  ? -0.645  4.714   -6.346  1.00 14.68 ? 28  TRP A CZ2 1 
ATOM   255  C  CZ3 . TRP A 1 28  ? -0.684  3.124   -4.535  1.00 13.07 ? 28  TRP A CZ3 1 
ATOM   256  C  CH2 . TRP A 1 28  ? -0.328  3.505   -5.862  1.00 14.42 ? 28  TRP A CH2 1 
ATOM   257  N  N   . VAL A 1 29  ? -5.359  6.706   -0.179  1.00 10.76 ? 29  VAL A N   1 
ATOM   258  C  CA  . VAL A 1 29  ? -5.892  6.737   1.149   1.00 10.90 ? 29  VAL A CA  1 
ATOM   259  C  C   . VAL A 1 29  ? -7.017  5.730   1.354   1.00 10.97 ? 29  VAL A C   1 
ATOM   260  O  O   . VAL A 1 29  ? -7.136  5.015   2.340   1.00 11.82 ? 29  VAL A O   1 
ATOM   261  C  CB  . VAL A 1 29  ? -6.345  8.205   1.555   1.00 11.72 ? 29  VAL A CB  1 
ATOM   262  C  CG1 . VAL A 1 29  ? -6.979  8.253   2.927   1.00 11.77 ? 29  VAL A CG1 1 
ATOM   263  C  CG2 . VAL A 1 29  ? -5.163  9.161   1.419   1.00 13.13 ? 29  VAL A CG2 1 
ATOM   264  N  N   . CYS A 1 30  ? -7.924  5.677   0.360   1.00 11.89 ? 30  CYS A N   1 
ATOM   265  C  CA  . CYS A 1 30  ? -9.020  4.704   0.416   1.00 11.30 ? 30  CYS A CA  1 
ATOM   266  C  C   . CYS A 1 30  ? -8.439  3.255   0.476   1.00 11.08 ? 30  CYS A C   1 
ATOM   267  O  O   . CYS A 1 30  ? -8.904  2.440   1.280   1.00 11.56 ? 30  CYS A O   1 
ATOM   268  C  CB  . CYS A 1 30  ? -9.887  4.885   -0.888  1.00 12.59 ? 30  CYS A CB  1 
ATOM   269  S  SG  . CYS A 1 30  ? -11.357 3.833   -0.947  1.00 12.32 ? 30  CYS A SG  1 
ATOM   270  N  N   . ALA A 1 31  ? -7.465  3.017   -0.356  1.00 10.48 ? 31  ALA A N   1 
ATOM   271  C  CA  . ALA A 1 31  ? -6.889  1.665   -0.360  1.00 10.34 ? 31  ALA A CA  1 
ATOM   272  C  C   . ALA A 1 31  ? -6.291  1.342   0.989   1.00 10.05 ? 31  ALA A C   1 
ATOM   273  O  O   . ALA A 1 31  ? -6.514  0.251   1.567   1.00 11.08 ? 31  ALA A O   1 
ATOM   274  C  CB  . ALA A 1 31  ? -5.849  1.546   -1.370  1.00 12.47 ? 31  ALA A CB  1 
ATOM   275  N  N   . ALA A 1 32  ? -5.611  2.285   1.607   1.00 10.52 ? 32  ALA A N   1 
ATOM   276  C  CA  . ALA A 1 32  ? -4.979  2.034   2.923   1.00 9.85  ? 32  ALA A CA  1 
ATOM   277  C  C   . ALA A 1 32  ? -6.008  1.805   3.931   1.00 10.46 ? 32  ALA A C   1 
ATOM   278  O  O   . ALA A 1 32  ? -5.818  0.977   4.881   1.00 12.14 ? 32  ALA A O   1 
ATOM   279  C  CB  . ALA A 1 32  ? -4.083  3.161   3.278   1.00 10.79 ? 32  ALA A CB  1 
ATOM   280  N  N   . LYS A 1 33  ? -7.148  2.543   3.945   1.00 10.17 ? 33  LYS A N   1 
ATOM   281  C  CA  . LYS A 1 33  ? -8.140  2.360   4.906   1.00 10.59 ? 33  LYS A CA  1 
ATOM   282  C  C   . LYS A 1 33  ? -8.658  0.916   4.917   1.00 11.31 ? 33  LYS A C   1 
ATOM   283  O  O   . LYS A 1 33  ? -8.812  0.311   5.983   1.00 11.36 ? 33  LYS A O   1 
ATOM   284  C  CB  . LYS A 1 33  ? -9.346  3.292   4.678   1.00 12.51 ? 33  LYS A CB  1 
ATOM   285  C  CG  . LYS A 1 33  ? -10.482 3.133   5.702   1.00 14.72 ? 33  LYS A CG  1 
ATOM   286  C  CD  . LYS A 1 33  ? -10.171 3.527   7.149   1.00 18.43 ? 33  LYS A CD  1 
ATOM   287  C  CE  . LYS A 1 33  ? -11.392 3.494   8.109   1.00 21.44 ? 33  LYS A CE  1 
ATOM   288  N  NZ  . LYS A 1 33  ? -10.911 3.837   9.430   1.00 25.60 ? 33  LYS A NZ  1 
ATOM   289  N  N   . PHE A 1 34  ? -8.955  0.405   3.724   1.00 10.79 ? 34  PHE A N   1 
ATOM   290  C  CA  . PHE A 1 34  ? -9.586  -0.912  3.653   1.00 12.47 ? 34  PHE A CA  1 
ATOM   291  C  C   . PHE A 1 34  ? -8.576  -2.024  3.691   1.00 11.49 ? 34  PHE A C   1 
ATOM   292  O  O   . PHE A 1 34  ? -8.933  -3.156  4.043   1.00 13.73 ? 34  PHE A O   1 
ATOM   293  C  CB  . PHE A 1 34  ? -10.517 -0.979  2.453   1.00 12.79 ? 34  PHE A CB  1 
ATOM   294  C  CG  . PHE A 1 34  ? -11.676 -0.002  2.608   1.00 12.38 ? 34  PHE A CG  1 
ATOM   295  C  CD1 . PHE A 1 34  ? -12.454 -0.027  3.700   1.00 13.26 ? 34  PHE A CD1 1 
ATOM   296  C  CD2 . PHE A 1 34  ? -11.931 0.941   1.652   1.00 14.86 ? 34  PHE A CD2 1 
ATOM   297  C  CE1 . PHE A 1 34  ? -13.517 0.893   3.865   1.00 13.14 ? 34  PHE A CE1 1 
ATOM   298  C  CE2 . PHE A 1 34  ? -13.013 1.782   1.740   1.00 17.46 ? 34  PHE A CE2 1 
ATOM   299  C  CZ  . PHE A 1 34  ? -13.744 1.776   2.908   1.00 15.27 ? 34  PHE A CZ  1 
ATOM   300  N  N   . GLU A 1 35  ? -7.337  -1.782  3.336   1.00 10.48 ? 35  GLU A N   1 
ATOM   301  C  CA  . GLU A 1 35  ? -6.276  -2.765  3.466   1.00 11.21 ? 35  GLU A CA  1 
ATOM   302  C  C   . GLU A 1 35  ? -5.893  -3.019  4.888   1.00 11.89 ? 35  GLU A C   1 
ATOM   303  O  O   . GLU A 1 35  ? -5.673  -4.114  5.370   1.00 11.79 ? 35  GLU A O   1 
ATOM   304  C  CB  . GLU A 1 35  ? -5.050  -2.426  2.602   1.00 10.81 ? 35  GLU A CB  1 
ATOM   305  C  CG  . GLU A 1 35  ? -5.282  -2.568  1.109   1.00 12.25 ? 35  GLU A CG  1 
ATOM   306  C  CD  . GLU A 1 35  ? -5.514  -3.965  0.622   1.00 14.06 ? 35  GLU A CD  1 
ATOM   307  O  OE1 . GLU A 1 35  ? -5.404  -4.920  1.442   1.00 15.12 ? 35  GLU A OE1 1 
ATOM   308  O  OE2 . GLU A 1 35  ? -5.882  -4.125  -0.569  1.00 15.25 ? 35  GLU A OE2 1 
ATOM   309  N  N   . SER A 1 36  ? -5.629  -1.911  5.612   1.00 12.28 ? 36  SER A N   1 
ATOM   310  C  CA  . SER A 1 36  ? -4.957  -2.005  6.935   1.00 12.20 ? 36  SER A CA  1 
ATOM   311  C  C   . SER A 1 36  ? -5.601  -1.212  8.028   1.00 11.58 ? 36  SER A C   1 
ATOM   312  O  O   . SER A 1 36  ? -5.103  -1.142  9.158   1.00 12.18 ? 36  SER A O   1 
ATOM   313  C  CB  . SER A 1 36  ? -3.542  -1.445  6.805   1.00 12.83 ? 36  SER A CB  1 
ATOM   314  O  OG  . SER A 1 36  ? -3.546  -0.029  6.548   1.00 11.76 ? 36  SER A OG  1 
ATOM   315  N  N   . ASN A 1 37  ? -6.691  -0.478  7.750   1.00 11.78 ? 37  ASN A N   1 
ATOM   316  C  CA  . ASN A 1 37  ? -7.288  0.433   8.725   1.00 12.58 ? 37  ASN A CA  1 
ATOM   317  C  C   . ASN A 1 37  ? -6.249  1.498   9.108   1.00 11.06 ? 37  ASN A C   1 
ATOM   318  O  O   . ASN A 1 37  ? -6.239  1.980   10.301  1.00 12.45 ? 37  ASN A O   1 
ATOM   319  C  CB  . ASN A 1 37  ? -7.827  -0.268  9.980   1.00 14.10 ? 37  ASN A CB  1 
ATOM   320  C  CG  . ASN A 1 37  ? -9.069  0.356   10.496  1.00 21.43 ? 37  ASN A CG  1 
ATOM   321  O  OD1 . ASN A 1 37  ? -9.603  1.310   9.970   1.00 20.53 ? 37  ASN A OD1 1 
ATOM   322  N  ND2 . ASN A 1 37  ? -9.495  -0.202  11.596  1.00 26.93 ? 37  ASN A ND2 1 
ATOM   323  N  N   . PHE A 1 38  ? -5.371  1.853   8.250   1.00 11.36 ? 38  PHE A N   1 
ATOM   324  C  CA  . PHE A 1 38  ? -4.388  2.874   8.447   1.00 11.62 ? 38  PHE A CA  1 
ATOM   325  C  C   . PHE A 1 38  ? -3.305  2.485   9.478   1.00 11.93 ? 38  PHE A C   1 
ATOM   326  O  O   . PHE A 1 38  ? -2.549  3.351   9.949   1.00 12.14 ? 38  PHE A O   1 
ATOM   327  C  CB  . PHE A 1 38  ? -4.939  4.245   8.881   1.00 12.97 ? 38  PHE A CB  1 
ATOM   328  C  CG  . PHE A 1 38  ? -5.899  4.899   7.895   1.00 12.46 ? 38  PHE A CG  1 
ATOM   329  C  CD1 . PHE A 1 38  ? -5.803  4.772   6.571   1.00 12.69 ? 38  PHE A CD1 1 
ATOM   330  C  CD2 . PHE A 1 38  ? -6.883  5.750   8.395   1.00 13.48 ? 38  PHE A CD2 1 
ATOM   331  C  CE1 . PHE A 1 38  ? -6.700  5.457   5.709   1.00 13.28 ? 38  PHE A CE1 1 
ATOM   332  C  CE2 . PHE A 1 38  ? -7.752  6.440   7.567   1.00 13.57 ? 38  PHE A CE2 1 
ATOM   333  C  CZ  . PHE A 1 38  ? -7.661  6.314   6.240   1.00 13.45 ? 38  PHE A CZ  1 
ATOM   334  N  N   . ASN A 1 39  ? -3.144  1.210   9.685   1.00 11.01 ? 39  ASN A N   1 
ATOM   335  C  CA  . ASN A 1 39  ? -2.179  0.677   10.702  1.00 10.96 ? 39  ASN A CA  1 
ATOM   336  C  C   . ASN A 1 39  ? -0.909  0.158   10.004  1.00 9.77  ? 39  ASN A C   1 
ATOM   337  O  O   . ASN A 1 39  ? -0.974  -0.837  9.283   1.00 11.43 ? 39  ASN A O   1 
ATOM   338  C  CB  . ASN A 1 39  ? -2.821  -0.444  11.505  1.00 10.34 ? 39  ASN A CB  1 
ATOM   339  C  CG  . ASN A 1 39  ? -1.985  -0.950  12.612  1.00 12.17 ? 39  ASN A CG  1 
ATOM   340  O  OD1 . ASN A 1 39  ? -0.879  -0.579  12.795  1.00 10.84 ? 39  ASN A OD1 1 
ATOM   341  N  ND2 . ASN A 1 39  ? -2.562  -1.890  13.329  1.00 16.87 ? 39  ASN A ND2 1 
ATOM   342  N  N   . THR A 1 40  ? 0.208   0.798   10.176  1.00 10.68 ? 40  THR A N   1 
ATOM   343  C  CA  . THR A 1 40  ? 1.459   0.362   9.540   1.00 10.21 ? 40  THR A CA  1 
ATOM   344  C  C   . THR A 1 40  ? 1.872   -1.017  10.010  1.00 10.78 ? 40  THR A C   1 
ATOM   345  O  O   . THR A 1 40  ? 2.620   -1.675  9.256   1.00 12.35 ? 40  THR A O   1 
ATOM   346  C  CB  . THR A 1 40  ? 2.629   1.288   9.750   1.00 12.53 ? 40  THR A CB  1 
ATOM   347  O  OG1 . THR A 1 40  ? 2.990   1.295   11.166  1.00 13.70 ? 40  THR A OG1 1 
ATOM   348  C  CG2 . THR A 1 40  ? 2.305   2.724   9.401   1.00 12.62 ? 40  THR A CG2 1 
ATOM   349  N  N   . GLN A 1 41  ? 1.404   -1.500  11.171  1.00 10.05 ? 41  GLN A N   1 
ATOM   350  C  CA  . GLN A 1 41  ? 1.898   -2.809  11.688  1.00 10.03 ? 41  GLN A CA  1 
ATOM   351  C  C   . GLN A 1 41  ? 1.001   -3.944  11.291  1.00 10.77 ? 41  GLN A C   1 
ATOM   352  O  O   . GLN A 1 41  ? 1.311   -5.084  11.661  1.00 12.63 ? 41  GLN A O   1 
ATOM   353  C  CB  . GLN A 1 41  ? 1.987   -2.744  13.223  1.00 10.80 ? 41  GLN A CB  1 
ATOM   354  C  CG  . GLN A 1 41  ? 3.022   -1.729  13.662  1.00 13.18 ? 41  GLN A CG  1 
ATOM   355  C  CD  . GLN A 1 41  ? 3.427   -1.886  15.106  1.00 14.18 ? 41  GLN A CD  1 
ATOM   356  O  OE1 . GLN A 1 41  ? 4.261   -2.802  15.379  1.00 16.21 ? 41  GLN A OE1 1 
ATOM   357  N  NE2 . GLN A 1 41  ? 2.849   -1.185  15.977  1.00 13.50 ? 41  GLN A NE2 1 
ATOM   358  N  N   . ALA A 1 42  ? -0.028  -3.724  10.481  1.00 9.90  ? 42  ALA A N   1 
ATOM   359  C  CA  . ALA A 1 42  ? -0.910  -4.812  10.094  1.00 11.12 ? 42  ALA A CA  1 
ATOM   360  C  C   . ALA A 1 42  ? -0.178  -5.930  9.295   1.00 11.12 ? 42  ALA A C   1 
ATOM   361  O  O   . ALA A 1 42  ? 0.559   -5.658  8.340   1.00 10.44 ? 42  ALA A O   1 
ATOM   362  C  CB  . ALA A 1 42  ? -2.032  -4.337  9.209   1.00 11.73 ? 42  ALA A CB  1 
ATOM   363  N  N   . THR A 1 43  ? -0.433  -7.191  9.708   1.00 10.75 ? 43  THR A N   1 
ATOM   364  C  CA  . THR A 1 43  ? 0.069   -8.379  8.996   1.00 11.67 ? 43  THR A CA  1 
ATOM   365  C  C   . THR A 1 43  ? -1.041  -9.301  8.810   1.00 12.37 ? 43  THR A C   1 
ATOM   366  O  O   . THR A 1 43  ? -1.782  -9.598  9.784   1.00 15.47 ? 43  THR A O   1 
ATOM   367  C  CB  . THR A 1 43  ? 1.245   -9.019  9.645   1.00 13.08 ? 43  THR A CB  1 
ATOM   368  O  OG1 . THR A 1 43  ? 0.870   -9.500  10.984  1.00 14.15 ? 43  THR A OG1 1 
ATOM   369  C  CG2 . THR A 1 43  ? 2.418   -8.120  9.780   1.00 12.45 ? 43  THR A CG2 1 
ATOM   370  N  N   . ASN A 1 44  ? -1.202  -9.974  7.693   1.00 11.36 ? 44  ASN A N   1 
ATOM   371  C  CA  . ASN A 1 44  ? -2.263  -10.914 7.488   1.00 12.67 ? 44  ASN A CA  1 
ATOM   372  C  C   . ASN A 1 44  ? -1.798  -12.070 6.611   1.00 11.50 ? 44  ASN A C   1 
ATOM   373  O  O   . ASN A 1 44  ? -1.335  -11.845 5.513   1.00 12.46 ? 44  ASN A O   1 
ATOM   374  C  CB  . ASN A 1 44  ? -3.509  -10.276 6.913   1.00 14.01 ? 44  ASN A CB  1 
ATOM   375  C  CG  . ASN A 1 44  ? -4.173  -9.330  7.930   1.00 16.88 ? 44  ASN A CG  1 
ATOM   376  O  OD1 . ASN A 1 44  ? -4.847  -9.793  8.904   1.00 19.19 ? 44  ASN A OD1 1 
ATOM   377  N  ND2 . ASN A 1 44  ? -4.039  -8.055  7.744   1.00 17.46 ? 44  ASN A ND2 1 
ATOM   378  N  N   . ARG A 1 45  ? -1.933  -13.314 7.101   1.00 13.34 ? 45  ARG A N   1 
ATOM   379  C  CA  . ARG A 1 45  ? -1.468  -14.518 6.386   1.00 13.64 ? 45  ARG A CA  1 
ATOM   380  C  C   . ARG A 1 45  ? -2.526  -14.756 5.334   1.00 15.71 ? 45  ARG A C   1 
ATOM   381  O  O   . ARG A 1 45  ? -3.731  -14.738 5.578   1.00 18.34 ? 45  ARG A O   1 
ATOM   382  C  CB  . ARG A 1 45  ? -1.366  -15.690 7.330   1.00 16.32 ? 45  ARG A CB  1 
ATOM   383  C  CG  . ARG A 1 45  ? -0.695  -16.919 6.675   1.00 20.32 ? 45  ARG A CG  1 
ATOM   384  C  CD  . ARG A 1 45  ? 0.694   -16.825 6.914   1.00 21.82 ? 45  ARG A CD  1 
ATOM   385  N  NE  . ARG A 1 45  ? 1.703   -17.736 6.398   1.00 21.81 ? 45  ARG A NE  1 
ATOM   386  C  CZ  . ARG A 1 45  ? 2.446   -18.571 7.077   1.00 23.59 ? 45  ARG A CZ  1 
ATOM   387  N  NH1 . ARG A 1 45  ? 3.368   -19.183 6.420   1.00 22.17 ? 45  ARG A NH1 1 
ATOM   388  N  NH2 . ARG A 1 45  ? 2.337   -18.732 8.387   1.00 22.78 ? 45  ARG A NH2 1 
ATOM   389  N  N   . ASN A 1 46  ? -2.114  -15.127 4.105   1.00 15.17 ? 46  ASN A N   1 
ATOM   390  C  CA  . ASN A 1 46  ? -2.992  -15.465 2.940   1.00 16.25 ? 46  ASN A CA  1 
ATOM   391  C  C   . ASN A 1 46  ? -3.109  -16.964 2.855   1.00 17.88 ? 46  ASN A C   1 
ATOM   392  O  O   . ASN A 1 46  ? -2.373  -17.719 3.358   1.00 17.76 ? 46  ASN A O   1 
ATOM   393  C  CB  . ASN A 1 46  ? -2.429  -14.904 1.725   1.00 16.77 ? 46  ASN A CB  1 
ATOM   394  C  CG  . ASN A 1 46  ? -2.194  -13.391 1.791   1.00 17.84 ? 46  ASN A CG  1 
ATOM   395  O  OD1 . ASN A 1 46  ? -3.181  -12.705 2.130   1.00 24.66 ? 46  ASN A OD1 1 
ATOM   396  N  ND2 . ASN A 1 46  ? -1.055  -12.856 1.399   1.00 20.50 ? 46  ASN A ND2 1 
ATOM   397  N  N   . THR A 1 47  ? -4.143  -17.337 2.063   1.00 21.63 ? 47  THR A N   1 
ATOM   398  C  CA  . THR A 1 47  ? -4.435  -18.740 1.890   1.00 23.86 ? 47  THR A CA  1 
ATOM   399  C  C   . THR A 1 47  ? -3.315  -19.539 1.255   1.00 21.86 ? 47  THR A C   1 
ATOM   400  O  O   . THR A 1 47  ? -3.063  -20.646 1.650   1.00 27.55 ? 47  THR A O   1 
ATOM   401  C  CB  . THR A 1 47  ? -5.725  -18.991 1.079   1.00 24.59 ? 47  THR A CB  1 
ATOM   402  O  OG1 . THR A 1 47  ? -5.679  -18.296 -0.133  1.00 34.62 ? 47  THR A OG1 1 
ATOM   403  C  CG2 . THR A 1 47  ? -6.932  -18.466 1.811   1.00 24.94 ? 47  THR A CG2 1 
ATOM   404  N  N   . ASP A 1 48  ? -2.503  -18.911 0.428   1.00 19.32 ? 48  ASP A N   1 
ATOM   405  C  CA  . ASP A 1 48  ? -1.363  -19.550 -0.270  1.00 18.38 ? 48  ASP A CA  1 
ATOM   406  C  C   . ASP A 1 48  ? -0.096  -19.626 0.586   1.00 20.56 ? 48  ASP A C   1 
ATOM   407  O  O   . ASP A 1 48  ? 0.996   -20.017 0.086   1.00 20.00 ? 48  ASP A O   1 
ATOM   408  C  CB  . ASP A 1 48  ? -1.094  -18.863 -1.619  1.00 20.11 ? 48  ASP A CB  1 
ATOM   409  C  CG  . ASP A 1 48  ? -0.529  -17.436 -1.539  1.00 21.64 ? 48  ASP A CG  1 
ATOM   410  O  OD1 . ASP A 1 48  ? -0.329  -16.947 -0.402  1.00 18.15 ? 48  ASP A OD1 1 
ATOM   411  O  OD2 . ASP A 1 48  ? -0.111  -16.843 -2.558  1.00 24.50 ? 48  ASP A OD2 1 
ATOM   412  N  N   . GLY A 1 49  ? -0.142  -19.119 1.855   1.00 18.09 ? 49  GLY A N   1 
ATOM   413  C  CA  . GLY A 1 49  ? 0.964   -19.115 2.755   1.00 17.91 ? 49  GLY A CA  1 
ATOM   414  C  C   . GLY A 1 49  ? 1.841   -17.881 2.756   1.00 15.03 ? 49  GLY A C   1 
ATOM   415  O  O   . GLY A 1 49  ? 2.721   -17.699 3.613   1.00 16.62 ? 49  GLY A O   1 
ATOM   416  N  N   . SER A 1 50  ? 1.653   -17.006 1.787   1.00 14.05 ? 50  SER A N   1 
ATOM   417  C  CA  . SER A 1 50  ? 2.250   -15.692 1.783   1.00 12.19 ? 50  SER A CA  1 
ATOM   418  C  C   . SER A 1 50  ? 1.601   -14.845 2.921   1.00 11.04 ? 50  SER A C   1 
ATOM   419  O  O   . SER A 1 50  ? 0.583   -15.271 3.467   1.00 12.22 ? 50  SER A O   1 
ATOM   420  C  CB  . SER A 1 50  ? 2.133   -15.035 0.403   1.00 11.73 ? 50  SER A CB  1 
ATOM   421  O  OG  . SER A 1 50  ? 0.815   -14.707 0.156   1.00 13.31 ? 50  SER A OG  1 
ATOM   422  N  N   . THR A 1 51  ? 2.189   -13.705 3.156   1.00 9.90  ? 51  THR A N   1 
ATOM   423  C  CA  . THR A 1 51  ? 1.632   -12.775 4.149   1.00 9.88  ? 51  THR A CA  1 
ATOM   424  C  C   . THR A 1 51  ? 1.635   -11.399 3.516   1.00 9.84  ? 51  THR A C   1 
ATOM   425  O  O   . THR A 1 51  ? 2.547   -11.055 2.756   1.00 10.71 ? 51  THR A O   1 
ATOM   426  C  CB  . THR A 1 51  ? 2.473   -12.808 5.411   1.00 10.25 ? 51  THR A CB  1 
ATOM   427  O  OG1 . THR A 1 51  ? 2.522   -14.119 5.944   1.00 10.93 ? 51  THR A OG1 1 
ATOM   428  C  CG2 . THR A 1 51  ? 2.052   -11.898 6.526   1.00 11.18 ? 51  THR A CG2 1 
ATOM   429  N  N   . ASP A 1 52  ? 0.626   -10.633 3.863   1.00 10.14 ? 52  ASP A N   1 
ATOM   430  C  CA  . ASP A 1 52  ? 0.554   -9.202  3.529   1.00 11.02 ? 52  ASP A CA  1 
ATOM   431  C  C   . ASP A 1 52  ? 1.024   -8.295  4.637   1.00 10.34 ? 52  ASP A C   1 
ATOM   432  O  O   . ASP A 1 52  ? 0.625   -8.560  5.793   1.00 10.92 ? 52  ASP A O   1 
ATOM   433  C  CB  . ASP A 1 52  ? -0.904  -8.844  3.160   1.00 12.98 ? 52  ASP A CB  1 
ATOM   434  C  CG  . ASP A 1 52  ? -1.426  -9.430  1.907   1.00 18.13 ? 52  ASP A CG  1 
ATOM   435  O  OD1 . ASP A 1 52  ? -0.697  -9.853  1.063   1.00 15.86 ? 52  ASP A OD1 1 
ATOM   436  O  OD2 . ASP A 1 52  ? -2.662  -9.266  1.734   1.00 23.76 ? 52  ASP A OD2 1 
ATOM   437  N  N   . TYR A 1 53  ? 1.789   -7.260  4.304   1.00 10.24 ? 53  TYR A N   1 
ATOM   438  C  CA  . TYR A 1 53  ? 2.435   -6.409  5.333   1.00 10.26 ? 53  TYR A CA  1 
ATOM   439  C  C   . TYR A 1 53  ? 2.139   -4.974  5.132   1.00 10.61 ? 53  TYR A C   1 
ATOM   440  O  O   . TYR A 1 53  ? 2.336   -4.430  4.022   1.00 10.99 ? 53  TYR A O   1 
ATOM   441  C  CB  . TYR A 1 53  ? 3.941   -6.634  5.225   1.00 10.43 ? 53  TYR A CB  1 
ATOM   442  C  CG  . TYR A 1 53  ? 4.419   -8.042  5.558   1.00 9.32  ? 53  TYR A CG  1 
ATOM   443  C  CD1 . TYR A 1 53  ? 4.438   -9.022  4.617   1.00 10.19 ? 53  TYR A CD1 1 
ATOM   444  C  CD2 . TYR A 1 53  ? 4.828   -8.340  6.829   1.00 9.79  ? 53  TYR A CD2 1 
ATOM   445  C  CE1 . TYR A 1 53  ? 4.887   -10.306 4.928   1.00 9.64  ? 53  TYR A CE1 1 
ATOM   446  C  CE2 . TYR A 1 53  ? 5.259   -9.588  7.167   1.00 10.59 ? 53  TYR A CE2 1 
ATOM   447  C  CZ  . TYR A 1 53  ? 5.256   -10.583 6.225   1.00 10.78 ? 53  TYR A CZ  1 
ATOM   448  O  OH  . TYR A 1 53  ? 5.660   -11.867 6.575   1.00 11.02 ? 53  TYR A OH  1 
ATOM   449  N  N   . GLY A 1 54  ? 1.815   -4.302  6.229   1.00 10.53 ? 54  GLY A N   1 
ATOM   450  C  CA  . GLY A 1 54  ? 1.814   -2.834  6.322   1.00 10.60 ? 54  GLY A CA  1 
ATOM   451  C  C   . GLY A 1 54  ? 0.529   -2.187  5.850   1.00 10.37 ? 54  GLY A C   1 
ATOM   452  O  O   . GLY A 1 54  ? -0.461  -2.758  5.595   1.00 10.52 ? 54  GLY A O   1 
ATOM   453  N  N   . ILE A 1 55  ? 0.709   -0.853  5.751   1.00 11.09 ? 55  ILE A N   1 
ATOM   454  C  CA  . ILE A 1 55  ? -0.445  0.040   5.504   1.00 12.98 ? 55  ILE A CA  1 
ATOM   455  C  C   . ILE A 1 55  ? -1.105  -0.226  4.188   1.00 11.62 ? 55  ILE A C   1 
ATOM   456  O  O   . ILE A 1 55  ? -2.300  -0.024  4.050   1.00 13.39 ? 55  ILE A O   1 
ATOM   457  C  CB  . ILE A 1 55  ? 0.047   1.483   5.668   1.00 17.80 ? 55  ILE A CB  1 
ATOM   458  C  CG1 . ILE A 1 55  ? -1.183  2.279   6.123   1.00 21.61 ? 55  ILE A CG1 1 
ATOM   459  C  CG2 . ILE A 1 55  ? 0.897   1.898   4.533   1.00 19.05 ? 55  ILE A CG2 1 
ATOM   460  C  CD1 . ILE A 1 55  ? -0.968  3.498   6.840   1.00 17.87 ? 55  ILE A CD1 1 
ATOM   461  N  N   . LEU A 1 56  ? -0.344  -0.786  3.192   1.00 12.82 ? 56  LEU A N   1 
ATOM   462  C  CA  . LEU A 1 56  ? -0.919  -1.198  1.903   1.00 12.49 ? 56  LEU A CA  1 
ATOM   463  C  C   . LEU A 1 56  ? -0.829  -2.663  1.639   1.00 12.48 ? 56  LEU A C   1 
ATOM   464  O  O   . LEU A 1 56  ? -1.097  -3.172  0.542   1.00 13.00 ? 56  LEU A O   1 
ATOM   465  C  CB  . LEU A 1 56  ? -0.242  -0.433  0.748   1.00 13.78 ? 56  LEU A CB  1 
ATOM   466  C  CG  . LEU A 1 56  ? -0.680  1.044   0.662   1.00 13.83 ? 56  LEU A CG  1 
ATOM   467  C  CD1 . LEU A 1 56  ? 0.294   1.806   -0.216  1.00 16.09 ? 56  LEU A CD1 1 
ATOM   468  C  CD2 . LEU A 1 56  ? -2.120  1.204   0.224   1.00 15.77 ? 56  LEU A CD2 1 
ATOM   469  N  N   . GLN A 1 57  ? -0.635  -3.471  2.738   1.00 10.98 ? 57  GLN A N   1 
ATOM   470  C  CA  . GLN A 1 57  ? -0.763  -4.917  2.647   1.00 11.18 ? 57  GLN A CA  1 
ATOM   471  C  C   . GLN A 1 57  ? -0.066  -5.562  1.449   1.00 11.32 ? 57  GLN A C   1 
ATOM   472  O  O   . GLN A 1 57  ? -0.663  -6.270  0.646   1.00 12.03 ? 57  GLN A O   1 
ATOM   473  C  CB  . GLN A 1 57  ? -2.223  -5.324  2.766   1.00 11.35 ? 57  GLN A CB  1 
ATOM   474  C  CG  . GLN A 1 57  ? -2.842  -5.018  4.147   1.00 10.83 ? 57  GLN A CG  1 
ATOM   475  C  CD  . GLN A 1 57  ? -2.332  -5.981  5.191   1.00 10.80 ? 57  GLN A CD  1 
ATOM   476  O  OE1 . GLN A 1 57  ? -2.808  -7.117  5.298   1.00 12.44 ? 57  GLN A OE1 1 
ATOM   477  N  NE2 . GLN A 1 57  ? -1.329  -5.546  5.920   1.00 11.47 ? 57  GLN A NE2 1 
ATOM   478  N  N   . ILE A 1 58  ? 1.198   -5.270  1.397   1.00 10.63 ? 58  ILE A N   1 
ATOM   479  C  CA  . ILE A 1 58  ? 2.093   -5.721  0.296   1.00 12.01 ? 58  ILE A CA  1 
ATOM   480  C  C   . ILE A 1 58  ? 2.526   -7.154  0.554   1.00 11.97 ? 58  ILE A C   1 
ATOM   481  O  O   . ILE A 1 58  ? 2.903   -7.507  1.716   1.00 10.30 ? 58  ILE A O   1 
ATOM   482  C  CB  . ILE A 1 58  ? 3.248   -4.775  0.163   1.00 15.13 ? 58  ILE A CB  1 
ATOM   483  C  CG1 . ILE A 1 58  ? 2.691   -3.458  -0.407  1.00 15.52 ? 58  ILE A CG1 1 
ATOM   484  C  CG2 . ILE A 1 58  ? 4.411   -5.398  -0.635  1.00 13.43 ? 58  ILE A CG2 1 
ATOM   485  C  CD1 . ILE A 1 58  ? 3.694   -2.346  -0.421  1.00 19.22 ? 58  ILE A CD1 1 
ATOM   486  N  N   A ASN A 1 59  ? 2.515   -7.993  -0.480  0.50 11.54 ? 59  ASN A N   1 
ATOM   487  N  N   B ASN A 1 59  ? 2.302   -8.041  -0.435  0.50 11.64 ? 59  ASN A N   1 
ATOM   488  C  CA  A ASN A 1 59  ? 2.461   -9.443  -0.336  0.50 11.06 ? 59  ASN A CA  1 
ATOM   489  C  CA  B ASN A 1 59  ? 2.474   -9.458  -0.227  0.50 11.37 ? 59  ASN A CA  1 
ATOM   490  C  C   A ASN A 1 59  ? 3.840   -10.033 -0.531  0.50 12.15 ? 59  ASN A C   1 
ATOM   491  C  C   B ASN A 1 59  ? 3.912   -9.946  -0.420  0.50 12.17 ? 59  ASN A C   1 
ATOM   492  O  O   A ASN A 1 59  ? 4.490   -9.737  -1.524  0.50 11.79 ? 59  ASN A O   1 
ATOM   493  O  O   B ASN A 1 59  ? 4.740   -9.421  -1.147  0.50 12.47 ? 59  ASN A O   1 
ATOM   494  C  CB  A ASN A 1 59  ? 1.593   -10.026 -1.385  0.50 12.58 ? 59  ASN A CB  1 
ATOM   495  C  CB  B ASN A 1 59  ? 1.434   -10.267 -0.951  0.50 12.40 ? 59  ASN A CB  1 
ATOM   496  C  CG  A ASN A 1 59  ? 1.371   -11.521 -1.205  0.50 14.01 ? 59  ASN A CG  1 
ATOM   497  C  CG  B ASN A 1 59  ? 1.662   -10.320 -2.410  0.50 14.66 ? 59  ASN A CG  1 
ATOM   498  O  OD1 A ASN A 1 59  ? 2.014   -12.339 -1.846  0.50 17.09 ? 59  ASN A OD1 1 
ATOM   499  O  OD1 B ASN A 1 59  ? 0.974   -9.654  -3.197  0.50 18.42 ? 59  ASN A OD1 1 
ATOM   500  N  ND2 A ASN A 1 59  ? 0.479   -11.880 -0.360  0.50 15.18 ? 59  ASN A ND2 1 
ATOM   501  N  ND2 B ASN A 1 59  ? 2.648   -10.984 -2.776  0.50 15.39 ? 59  ASN A ND2 1 
ATOM   502  N  N   . SER A 1 60  ? 4.209   -11.007 0.310   1.00 10.54 ? 60  SER A N   1 
ATOM   503  C  CA  . SER A 1 60  ? 5.502   -11.675 0.269   1.00 11.57 ? 60  SER A CA  1 
ATOM   504  C  C   . SER A 1 60  ? 5.610   -12.698 -0.880  1.00 11.93 ? 60  SER A C   1 
ATOM   505  O  O   . SER A 1 60  ? 6.765   -13.180 -1.059  1.00 13.82 ? 60  SER A O   1 
ATOM   506  C  CB  . SER A 1 60  ? 5.748   -12.430 1.596   1.00 11.96 ? 60  SER A CB  1 
ATOM   507  O  OG  . SER A 1 60  ? 4.819   -13.436 1.776   1.00 11.23 ? 60  SER A OG  1 
ATOM   508  N  N   . ARG A 1 61  ? 4.581   -13.013 -1.593  1.00 13.65 ? 61  ARG A N   1 
ATOM   509  C  CA  . ARG A 1 61  ? 4.724   -13.961 -2.766  1.00 15.64 ? 61  ARG A CA  1 
ATOM   510  C  C   . ARG A 1 61  ? 5.554   -13.265 -3.772  1.00 17.30 ? 61  ARG A C   1 
ATOM   511  O  O   . ARG A 1 61  ? 6.355   -13.958 -4.459  1.00 17.72 ? 61  ARG A O   1 
ATOM   512  C  CB  . ARG A 1 61  ? 3.330   -14.318 -3.230  1.00 20.20 ? 61  ARG A CB  1 
ATOM   513  C  CG  . ARG A 1 61  ? 3.174   -15.088 -4.575  1.00 25.32 ? 61  ARG A CG  1 
ATOM   514  C  CD  . ARG A 1 61  ? 3.313   -16.590 -4.602  1.00 26.58 ? 61  ARG A CD  1 
ATOM   515  N  NE  . ARG A 1 61  ? 2.898   -17.366 -3.424  1.00 26.63 ? 61  ARG A NE  1 
ATOM   516  C  CZ  . ARG A 1 61  ? 3.660   -18.296 -2.852  1.00 28.45 ? 61  ARG A CZ  1 
ATOM   517  N  NH1 . ARG A 1 61  ? 4.876   -18.624 -3.370  1.00 28.44 ? 61  ARG A NH1 1 
ATOM   518  N  NH2 . ARG A 1 61  ? 3.199   -18.897 -1.751  1.00 29.37 ? 61  ARG A NH2 1 
ATOM   519  N  N   . TRP A 1 62  ? 5.445   -11.976 -3.976  1.00 15.21 ? 62  TRP A N   1 
ATOM   520  C  CA  . TRP A 1 62  ? 6.128   -11.275 -5.048  1.00 15.13 ? 62  TRP A CA  1 
ATOM   521  C  C   . TRP A 1 62  ? 7.039   -10.244 -4.655  1.00 13.73 ? 62  TRP A C   1 
ATOM   522  O  O   . TRP A 1 62  ? 8.062   -9.949  -5.224  1.00 16.10 ? 62  TRP A O   1 
ATOM   523  C  CB  . TRP A 1 62  ? 5.048   -10.659 -5.986  1.00 18.86 ? 62  TRP A CB  1 
ATOM   524  C  CG  . TRP A 1 62  ? 4.142   -11.663 -6.577  1.00 22.52 ? 62  TRP A CG  1 
ATOM   525  C  CD1 . TRP A 1 62  ? 2.802   -11.869 -6.288  1.00 23.10 ? 62  TRP A CD1 1 
ATOM   526  C  CD2 . TRP A 1 62  ? 4.490   -12.663 -7.548  1.00 27.91 ? 62  TRP A CD2 1 
ATOM   527  N  NE1 . TRP A 1 62  ? 2.329   -12.941 -7.020  1.00 33.56 ? 62  TRP A NE1 1 
ATOM   528  C  CE2 . TRP A 1 62  ? 3.347   -13.453 -7.778  1.00 31.27 ? 62  TRP A CE2 1 
ATOM   529  C  CE3 . TRP A 1 62  ? 5.670   -12.966 -8.213  1.00 30.75 ? 62  TRP A CE3 1 
ATOM   530  C  CZ2 . TRP A 1 62  ? 3.341   -14.536 -8.677  1.00 41.71 ? 62  TRP A CZ2 1 
ATOM   531  C  CZ3 . TRP A 1 62  ? 5.667   -14.043 -9.146  1.00 43.55 ? 62  TRP A CZ3 1 
ATOM   532  C  CH2 . TRP A 1 62  ? 4.516   -14.810 -9.350  1.00 44.51 ? 62  TRP A CH2 1 
ATOM   533  N  N   . TRP A 1 63  ? 6.793   -9.466  -3.532  1.00 13.19 ? 63  TRP A N   1 
ATOM   534  C  CA  . TRP A 1 63  ? 7.303   -8.127  -3.374  1.00 11.08 ? 63  TRP A CA  1 
ATOM   535  C  C   . TRP A 1 63  ? 8.389   -7.873  -2.345  1.00 11.70 ? 63  TRP A C   1 
ATOM   536  O  O   . TRP A 1 63  ? 9.118   -6.923  -2.352  1.00 13.85 ? 63  TRP A O   1 
ATOM   537  C  CB  . TRP A 1 63  ? 6.182   -7.095  -3.208  1.00 12.35 ? 63  TRP A CB  1 
ATOM   538  C  CG  . TRP A 1 63  ? 5.163   -7.129  -4.279  1.00 13.67 ? 63  TRP A CG  1 
ATOM   539  C  CD1 . TRP A 1 63  ? 3.970   -7.607  -4.235  1.00 15.11 ? 63  TRP A CD1 1 
ATOM   540  C  CD2 . TRP A 1 63  ? 5.393   -6.741  -5.641  1.00 15.23 ? 63  TRP A CD2 1 
ATOM   541  N  NE1 . TRP A 1 63  ? 3.332   -7.599  -5.505  1.00 16.09 ? 63  TRP A NE1 1 
ATOM   542  C  CE2 . TRP A 1 63  ? 4.248   -7.050  -6.345  1.00 14.70 ? 63  TRP A CE2 1 
ATOM   543  C  CE3 . TRP A 1 63  ? 6.405   -6.115  -6.257  1.00 15.51 ? 63  TRP A CE3 1 
ATOM   544  C  CZ2 . TRP A 1 63  ? 4.139   -6.788  -7.743  1.00 17.82 ? 63  TRP A CZ2 1 
ATOM   545  C  CZ3 . TRP A 1 63  ? 6.325   -5.856  -7.678  1.00 17.46 ? 63  TRP A CZ3 1 
ATOM   546  C  CH2 . TRP A 1 63  ? 5.179   -6.217  -8.348  1.00 18.38 ? 63  TRP A CH2 1 
ATOM   547  N  N   . CYS A 1 64  ? 8.367   -8.743  -1.281  1.00 11.92 ? 64  CYS A N   1 
ATOM   548  C  CA  . CYS A 1 64  ? 9.242   -8.594  -0.177  1.00 12.22 ? 64  CYS A CA  1 
ATOM   549  C  C   . CYS A 1 64  ? 9.651   -10.000 0.364   1.00 10.99 ? 64  CYS A C   1 
ATOM   550  O  O   . CYS A 1 64  ? 8.978   -10.970 0.082   1.00 12.13 ? 64  CYS A O   1 
ATOM   551  C  CB  . CYS A 1 64  ? 8.640   -7.781  1.002   1.00 12.22 ? 64  CYS A CB  1 
ATOM   552  S  SG  . CYS A 1 64  ? 7.150   -8.415  1.754   1.00 12.14 ? 64  CYS A SG  1 
ATOM   553  N  N   . ASN A 1 65  ? 10.804  -9.979  1.071   1.00 11.23 ? 65  ASN A N   1 
ATOM   554  C  CA  . ASN A 1 65  ? 11.254  -11.172 1.720   1.00 12.88 ? 65  ASN A CA  1 
ATOM   555  C  C   . ASN A 1 65  ? 10.861  -11.331 3.203   1.00 10.50 ? 65  ASN A C   1 
ATOM   556  O  O   . ASN A 1 65  ? 11.245  -10.464 3.926   1.00 11.43 ? 65  ASN A O   1 
ATOM   557  C  CB  . ASN A 1 65  ? 12.752  -11.381 1.570   1.00 13.70 ? 65  ASN A CB  1 
ATOM   558  C  CG  . ASN A 1 65  ? 13.192  -12.679 2.254   1.00 14.05 ? 65  ASN A CG  1 
ATOM   559  O  OD1 . ASN A 1 65  ? 12.727  -13.722 1.932   1.00 15.90 ? 65  ASN A OD1 1 
ATOM   560  N  ND2 . ASN A 1 65  ? 14.075  -12.508 3.205   1.00 16.08 ? 65  ASN A ND2 1 
ATOM   561  N  N   . ASP A 1 66  ? 10.185  -12.435 3.504   1.00 10.81 ? 66  ASP A N   1 
ATOM   562  C  CA  . ASP A 1 66  ? 9.898   -12.725 4.900   1.00 12.35 ? 66  ASP A CA  1 
ATOM   563  C  C   . ASP A 1 66  ? 10.556  -14.073 5.336   1.00 12.52 ? 66  ASP A C   1 
ATOM   564  O  O   . ASP A 1 66  ? 10.299  -14.463 6.514   1.00 12.32 ? 66  ASP A O   1 
ATOM   565  C  CB  . ASP A 1 66  ? 8.400   -12.707 5.223   1.00 11.54 ? 66  ASP A CB  1 
ATOM   566  C  CG  . ASP A 1 66  ? 7.599   -13.702 4.566   1.00 11.62 ? 66  ASP A CG  1 
ATOM   567  O  OD1 . ASP A 1 66  ? 8.059   -14.699 3.887   1.00 11.90 ? 66  ASP A OD1 1 
ATOM   568  O  OD2 . ASP A 1 66  ? 6.330   -13.669 4.723   1.00 11.27 ? 66  ASP A OD2 1 
ATOM   569  N  N   . GLY A 1 67  ? 11.255  -14.748 4.438   1.00 12.79 ? 67  GLY A N   1 
ATOM   570  C  CA  . GLY A 1 67  ? 11.981  -15.997 4.835   1.00 13.73 ? 67  GLY A CA  1 
ATOM   571  C  C   . GLY A 1 67  ? 11.052  -17.131 5.064   1.00 16.02 ? 67  GLY A C   1 
ATOM   572  O  O   . GLY A 1 67  ? 11.544  -18.216 5.465   1.00 18.07 ? 67  GLY A O   1 
ATOM   573  N  N   . ARG A 1 68  ? 9.780   -17.050 4.771   1.00 13.03 ? 68  ARG A N   1 
ATOM   574  C  CA  . ARG A 1 68  ? 8.860   -18.149 5.057   1.00 14.05 ? 68  ARG A CA  1 
ATOM   575  C  C   . ARG A 1 68  ? 7.836   -18.365 3.956   1.00 13.93 ? 68  ARG A C   1 
ATOM   576  O  O   . ARG A 1 68  ? 6.797   -18.998 4.183   1.00 17.55 ? 68  ARG A O   1 
ATOM   577  C  CB  . ARG A 1 68  ? 8.216   -18.083 6.438   1.00 13.28 ? 68  ARG A CB  1 
ATOM   578  C  CG  . ARG A 1 68  ? 7.222   -16.949 6.552   1.00 14.97 ? 68  ARG A CG  1 
ATOM   579  C  CD  . ARG A 1 68  ? 6.377   -17.118 7.728   1.00 15.03 ? 68  ARG A CD  1 
ATOM   580  N  NE  . ARG A 1 68  ? 5.199   -16.337 7.580   1.00 14.77 ? 68  ARG A NE  1 
ATOM   581  C  CZ  . ARG A 1 68  ? 4.416   -15.972 8.623   1.00 13.27 ? 68  ARG A CZ  1 
ATOM   582  N  NH1 . ARG A 1 68  ? 4.731   -16.422 9.836   1.00 13.65 ? 68  ARG A NH1 1 
ATOM   583  N  NH2 . ARG A 1 68  ? 3.381   -15.175 8.528   1.00 12.66 ? 68  ARG A NH2 1 
ATOM   584  N  N   . THR A 1 69  ? 8.127   -17.848 2.755   1.00 13.09 ? 69  THR A N   1 
ATOM   585  C  CA  . THR A 1 69  ? 7.187   -18.012 1.638   1.00 13.56 ? 69  THR A CA  1 
ATOM   586  C  C   . THR A 1 69  ? 7.918   -18.741 0.470   1.00 14.41 ? 69  THR A C   1 
ATOM   587  O  O   . THR A 1 69  ? 8.504   -18.115 -0.358  1.00 15.80 ? 69  THR A O   1 
ATOM   588  C  CB  . THR A 1 69  ? 6.657   -16.675 1.139   1.00 14.81 ? 69  THR A CB  1 
ATOM   589  O  OG1 . THR A 1 69  ? 6.187   -15.901 2.304   1.00 13.53 ? 69  THR A OG1 1 
ATOM   590  C  CG2 . THR A 1 69  ? 5.502   -16.854 0.168   1.00 13.91 ? 69  THR A CG2 1 
ATOM   591  N  N   . PRO A 1 70  ? 7.947   -20.060 0.579   1.00 14.88 ? 70  PRO A N   1 
ATOM   592  C  CA  . PRO A 1 70  ? 8.811   -20.808 -0.420  1.00 17.66 ? 70  PRO A CA  1 
ATOM   593  C  C   . PRO A 1 70  ? 8.429   -20.499 -1.830  1.00 17.29 ? 70  PRO A C   1 
ATOM   594  O  O   . PRO A 1 70  ? 7.266   -20.469 -2.210  1.00 19.91 ? 70  PRO A O   1 
ATOM   595  C  CB  . PRO A 1 70  ? 8.450   -22.239 -0.094  1.00 19.89 ? 70  PRO A CB  1 
ATOM   596  C  CG  . PRO A 1 70  ? 8.091   -22.308 1.338   1.00 18.79 ? 70  PRO A CG  1 
ATOM   597  C  CD  . PRO A 1 70  ? 7.425   -20.921 1.591   1.00 15.22 ? 70  PRO A CD  1 
ATOM   598  N  N   . GLY A 1 71  ? 9.500   -20.376 -2.653  1.00 17.74 ? 71  GLY A N   1 
ATOM   599  C  CA  . GLY A 1 71  ? 9.342   -20.143 -4.071  1.00 20.74 ? 71  GLY A CA  1 
ATOM   600  C  C   . GLY A 1 71  ? 8.910   -18.730 -4.434  1.00 21.52 ? 71  GLY A C   1 
ATOM   601  O  O   . GLY A 1 71  ? 8.470   -18.490 -5.530  1.00 26.73 ? 71  GLY A O   1 
ATOM   602  N  N   . SER A 1 72  ? 9.020   -17.797 -3.475  1.00 17.32 ? 72  SER A N   1 
ATOM   603  C  CA  . SER A 1 72  ? 8.570   -16.440 -3.721  1.00 18.33 ? 72  SER A CA  1 
ATOM   604  C  C   . SER A 1 72  ? 9.630   -15.575 -4.252  1.00 18.37 ? 72  SER A C   1 
ATOM   605  O  O   . SER A 1 72  ? 10.839  -15.920 -4.245  1.00 21.38 ? 72  SER A O   1 
ATOM   606  C  CB  . SER A 1 72  ? 8.035   -15.917 -2.298  1.00 16.01 ? 72  SER A CB  1 
ATOM   607  O  OG  . SER A 1 72  ? 9.056   -15.596 -1.482  1.00 17.02 ? 72  SER A OG  1 
ATOM   608  N  N   A ARG A 1 73  ? 9.294   -14.350 -4.657  0.50 17.36 ? 73  ARG A N   1 
ATOM   609  N  N   B ARG A 1 73  ? 9.225   -14.377 -4.676  0.50 17.62 ? 73  ARG A N   1 
ATOM   610  C  CA  A ARG A 1 73  ? 10.271  -13.387 -5.039  0.50 18.01 ? 73  ARG A CA  1 
ATOM   611  C  CA  B ARG A 1 73  ? 10.104  -13.345 -5.105  0.50 17.83 ? 73  ARG A CA  1 
ATOM   612  C  C   A ARG A 1 73  ? 10.225  -12.203 -4.106  0.50 18.06 ? 73  ARG A C   1 
ATOM   613  C  C   B ARG A 1 73  ? 10.233  -12.179 -4.079  0.50 18.15 ? 73  ARG A C   1 
ATOM   614  O  O   A ARG A 1 73  ? 9.361   -12.245 -3.169  0.50 17.17 ? 73  ARG A O   1 
ATOM   615  O  O   B ARG A 1 73  ? 9.529   -12.186 -3.034  0.50 18.01 ? 73  ARG A O   1 
ATOM   616  C  CB  A ARG A 1 73  ? 9.991   -12.880 -6.445  0.50 19.88 ? 73  ARG A CB  1 
ATOM   617  C  CB  B ARG A 1 73  ? 9.561   -12.751 -6.426  0.50 19.29 ? 73  ARG A CB  1 
ATOM   618  C  CG  A ARG A 1 73  ? 9.818   -13.985 -7.490  0.50 23.81 ? 73  ARG A CG  1 
ATOM   619  C  CG  B ARG A 1 73  ? 9.232   -13.747 -7.527  0.50 22.73 ? 73  ARG A CG  1 
ATOM   620  C  CD  A ARG A 1 73  ? 11.124  -14.575 -7.972  0.50 27.44 ? 73  ARG A CD  1 
ATOM   621  C  CD  B ARG A 1 73  ? 10.399  -14.705 -7.750  0.50 23.71 ? 73  ARG A CD  1 
ATOM   622  N  NE  A ARG A 1 73  ? 12.184  -13.598 -8.174  0.50 30.82 ? 73  ARG A NE  1 
ATOM   623  N  NE  B ARG A 1 73  ? 10.218  -15.609 -8.908  0.50 27.29 ? 73  ARG A NE  1 
ATOM   624  C  CZ  A ARG A 1 73  ? 12.510  -13.036 -9.358  0.50 33.66 ? 73  ARG A CZ  1 
ATOM   625  C  CZ  B ARG A 1 73  ? 10.742  -15.343 -10.113 0.50 30.21 ? 73  ARG A CZ  1 
ATOM   626  N  NH1 A ARG A 1 73  ? 11.886  -13.387 -10.471 0.50 31.70 ? 73  ARG A NH1 1 
ATOM   627  N  NH1 B ARG A 1 73  ? 11.509  -14.278 -10.272 0.50 25.94 ? 73  ARG A NH1 1 
ATOM   628  N  NH2 A ARG A 1 73  ? 13.441  -12.100 -9.431  0.50 31.98 ? 73  ARG A NH2 1 
ATOM   629  N  NH2 B ARG A 1 73  ? 10.546  -16.179 -11.110 0.50 28.87 ? 73  ARG A NH2 1 
ATOM   630  N  N   . ASN A 1 74  ? 11.134  -11.279 -4.295  1.00 16.34 ? 74  ASN A N   1 
ATOM   631  C  CA  . ASN A 1 74  ? 11.426  -10.119 -3.527  1.00 15.80 ? 74  ASN A CA  1 
ATOM   632  C  C   . ASN A 1 74  ? 11.668  -8.925  -4.449  1.00 15.49 ? 74  ASN A C   1 
ATOM   633  O  O   . ASN A 1 74  ? 12.729  -8.369  -4.463  1.00 17.31 ? 74  ASN A O   1 
ATOM   634  C  CB  . ASN A 1 74  ? 12.556  -10.346 -2.565  1.00 17.11 ? 74  ASN A CB  1 
ATOM   635  C  CG  . ASN A 1 74  ? 12.866  -9.192  -1.664  1.00 16.35 ? 74  ASN A CG  1 
ATOM   636  O  OD1 . ASN A 1 74  ? 12.106  -8.178  -1.591  1.00 15.87 ? 74  ASN A OD1 1 
ATOM   637  N  ND2 . ASN A 1 74  ? 13.966  -9.214  -0.945  1.00 17.86 ? 74  ASN A ND2 1 
ATOM   638  N  N   . LEU A 1 75  ? 10.628  -8.614  -5.198  1.00 15.19 ? 75  LEU A N   1 
ATOM   639  C  CA  . LEU A 1 75  ? 10.820  -7.629  -6.318  1.00 16.09 ? 75  LEU A CA  1 
ATOM   640  C  C   . LEU A 1 75  ? 11.064  -6.269  -5.821  1.00 17.63 ? 75  LEU A C   1 
ATOM   641  O  O   . LEU A 1 75  ? 11.649  -5.420  -6.539  1.00 21.34 ? 75  LEU A O   1 
ATOM   642  C  CB  . LEU A 1 75  ? 9.649   -7.707  -7.240  1.00 18.45 ? 75  LEU A CB  1 
ATOM   643  C  CG  . LEU A 1 75  ? 9.417   -9.028  -8.014  1.00 20.36 ? 75  LEU A CG  1 
ATOM   644  C  CD1 . LEU A 1 75  ? 8.063   -9.062  -8.727  1.00 21.66 ? 75  LEU A CD1 1 
ATOM   645  C  CD2 . LEU A 1 75  ? 10.675  -9.280  -8.885  1.00 24.32 ? 75  LEU A CD2 1 
ATOM   646  N  N   . CYS A 1 76  ? 10.633  -5.864  -4.601  1.00 15.78 ? 76  CYS A N   1 
ATOM   647  C  CA  . CYS A 1 76  ? 10.997  -4.592  -4.018  1.00 15.14 ? 76  CYS A CA  1 
ATOM   648  C  C   . CYS A 1 76  ? 12.319  -4.527  -3.291  1.00 14.72 ? 76  CYS A C   1 
ATOM   649  O  O   . CYS A 1 76  ? 12.783  -3.523  -2.797  1.00 16.74 ? 76  CYS A O   1 
ATOM   650  C  CB  . CYS A 1 76  ? 9.897   -4.075  -3.031  1.00 14.38 ? 76  CYS A CB  1 
ATOM   651  S  SG  . CYS A 1 76  ? 8.395   -3.665  -3.985  1.00 16.07 ? 76  CYS A SG  1 
ATOM   652  N  N   A ASN A 1 77  ? 12.895  -5.751  -3.278  0.50 15.34 ? 77  ASN A N   1 
ATOM   653  N  N   B ASN A 1 77  ? 13.015  -5.668  -3.176  0.50 15.71 ? 77  ASN A N   1 
ATOM   654  C  CA  A ASN A 1 77  ? 14.202  -6.036  -2.701  0.50 17.16 ? 77  ASN A CA  1 
ATOM   655  C  CA  B ASN A 1 77  ? 14.345  -5.716  -2.484  0.50 15.86 ? 77  ASN A CA  1 
ATOM   656  C  C   A ASN A 1 77  ? 14.385  -5.472  -1.285  0.50 16.90 ? 77  ASN A C   1 
ATOM   657  C  C   B ASN A 1 77  ? 14.395  -5.226  -1.106  0.50 15.74 ? 77  ASN A C   1 
ATOM   658  O  O   A ASN A 1 77  ? 15.297  -4.766  -0.971  0.50 17.23 ? 77  ASN A O   1 
ATOM   659  O  O   B ASN A 1 77  ? 15.225  -4.370  -0.637  0.50 15.86 ? 77  ASN A O   1 
ATOM   660  C  CB  A ASN A 1 77  ? 15.338  -5.553  -3.672  0.50 17.58 ? 77  ASN A CB  1 
ATOM   661  C  CB  B ASN A 1 77  ? 15.453  -5.093  -3.363  0.50 16.54 ? 77  ASN A CB  1 
ATOM   662  C  CG  A ASN A 1 77  ? 16.730  -5.867  -3.139  0.50 21.88 ? 77  ASN A CG  1 
ATOM   663  C  CG  B ASN A 1 77  ? 15.439  -5.688  -4.783  0.50 20.94 ? 77  ASN A CG  1 
ATOM   664  O  OD1 A ASN A 1 77  ? 17.632  -5.030  -3.170  0.50 26.18 ? 77  ASN A OD1 1 
ATOM   665  O  OD1 B ASN A 1 77  ? 15.601  -6.902  -5.032  0.50 24.40 ? 77  ASN A OD1 1 
ATOM   666  N  ND2 A ASN A 1 77  ? 16.913  -7.081  -2.747  0.50 22.70 ? 77  ASN A ND2 1 
ATOM   667  N  ND2 B ASN A 1 77  ? 15.190  -4.815  -5.726  0.50 23.68 ? 77  ASN A ND2 1 
ATOM   668  N  N   . ILE A 1 78  ? 13.440  -5.851  -0.394  1.00 15.13 ? 78  ILE A N   1 
ATOM   669  C  CA  . ILE A 1 78  ? 13.329  -5.390  0.969   1.00 15.58 ? 78  ILE A CA  1 
ATOM   670  C  C   . ILE A 1 78  ? 12.802  -6.558  1.894   1.00 13.93 ? 78  ILE A C   1 
ATOM   671  O  O   . ILE A 1 78  ? 12.072  -7.349  1.460   1.00 14.31 ? 78  ILE A O   1 
ATOM   672  C  CB  . ILE A 1 78  ? 12.307  -4.212  1.167   1.00 16.91 ? 78  ILE A CB  1 
ATOM   673  C  CG1 . ILE A 1 78  ? 10.955  -4.484  0.555   1.00 16.56 ? 78  ILE A CG1 1 
ATOM   674  C  CG2 . ILE A 1 78  ? 12.919  -2.853  0.845   1.00 24.80 ? 78  ILE A CG2 1 
ATOM   675  C  CD1 . ILE A 1 78  ? 9.854   -3.571  0.962   1.00 20.90 ? 78  ILE A CD1 1 
ATOM   676  N  N   . PRO A 1 79  ? 13.247  -6.524  3.154   1.00 14.34 ? 79  PRO A N   1 
ATOM   677  C  CA  . PRO A 1 79  ? 12.566  -7.407  4.109   1.00 13.15 ? 79  PRO A CA  1 
ATOM   678  C  C   . PRO A 1 79  ? 11.093  -6.912  4.276   1.00 12.45 ? 79  PRO A C   1 
ATOM   679  O  O   . PRO A 1 79  ? 10.864  -5.698  4.403   1.00 12.74 ? 79  PRO A O   1 
ATOM   680  C  CB  . PRO A 1 79  ? 13.321  -7.222  5.385   1.00 14.56 ? 79  PRO A CB  1 
ATOM   681  C  CG  . PRO A 1 79  ? 13.982  -5.905  5.310   1.00 20.82 ? 79  PRO A CG  1 
ATOM   682  C  CD  . PRO A 1 79  ? 14.227  -5.657  3.821   1.00 16.42 ? 79  PRO A CD  1 
ATOM   683  N  N   . CYS A 1 80  ? 10.183  -7.850  4.414   1.00 10.82 ? 80  CYS A N   1 
ATOM   684  C  CA  . CYS A 1 80  ? 8.788   -7.518  4.679   1.00 11.84 ? 80  CYS A CA  1 
ATOM   685  C  C   . CYS A 1 80  ? 8.663   -6.662  5.913   1.00 10.98 ? 80  CYS A C   1 
ATOM   686  O  O   . CYS A 1 80  ? 7.765   -5.799  5.995   1.00 11.74 ? 80  CYS A O   1 
ATOM   687  C  CB  . CYS A 1 80  ? 7.917   -8.728  4.706   1.00 11.97 ? 80  CYS A CB  1 
ATOM   688  S  SG  . CYS A 1 80  ? 7.914   -9.704  3.157   1.00 11.80 ? 80  CYS A SG  1 
ATOM   689  N  N   . SER A 1 81  ? 9.467   -6.885  6.939   1.00 11.89 ? 81  SER A N   1 
ATOM   690  C  CA  . SER A 1 81  ? 9.409   -6.048  8.131   1.00 13.40 ? 81  SER A CA  1 
ATOM   691  C  C   . SER A 1 81  ? 9.579   -4.582  7.905   1.00 15.99 ? 81  SER A C   1 
ATOM   692  O  O   . SER A 1 81  ? 9.048   -3.739  8.637   1.00 16.52 ? 81  SER A O   1 
ATOM   693  C  CB  . SER A 1 81  ? 10.426  -6.531  9.172   1.00 16.58 ? 81  SER A CB  1 
ATOM   694  O  OG  . SER A 1 81  ? 11.750  -6.367  8.621   1.00 18.30 ? 81  SER A OG  1 
ATOM   695  N  N   . ALA A 1 82  ? 10.310  -4.236  6.851   1.00 13.87 ? 82  ALA A N   1 
ATOM   696  C  CA  . ALA A 1 82  ? 10.409  -2.756  6.492   1.00 15.98 ? 82  ALA A CA  1 
ATOM   697  C  C   . ALA A 1 82  ? 9.149   -2.164  6.165   1.00 16.93 ? 82  ALA A C   1 
ATOM   698  O  O   . ALA A 1 82  ? 8.971   -0.893  6.339   1.00 16.45 ? 82  ALA A O   1 
ATOM   699  C  CB  . ALA A 1 82  ? 11.303  -2.530  5.289   1.00 17.87 ? 82  ALA A CB  1 
ATOM   700  N  N   . LEU A 1 83  ? 8.190   -2.897  5.745   1.00 14.65 ? 83  LEU A N   1 
ATOM   701  C  CA  . LEU A 1 83  ? 6.958   -2.386  5.382   1.00 15.20 ? 83  LEU A CA  1 
ATOM   702  C  C   . LEU A 1 83  ? 6.055   -2.078  6.592   1.00 15.18 ? 83  LEU A C   1 
ATOM   703  O  O   . LEU A 1 83  ? 4.888   -1.737  6.458   1.00 15.42 ? 83  LEU A O   1 
ATOM   704  C  CB  . LEU A 1 83  ? 6.212   -3.387  4.503   1.00 15.04 ? 83  LEU A CB  1 
ATOM   705  C  CG  . LEU A 1 83  ? 6.874   -3.708  3.167   1.00 15.92 ? 83  LEU A CG  1 
ATOM   706  C  CD1 . LEU A 1 83  ? 6.234   -4.903  2.576   1.00 16.84 ? 83  LEU A CD1 1 
ATOM   707  C  CD2 . LEU A 1 83  ? 6.677   -2.499  2.195   1.00 17.80 ? 83  LEU A CD2 1 
ATOM   708  N  N   . LEU A 1 84  ? 6.495   -2.413  7.836   1.00 14.71 ? 84  LEU A N   1 
ATOM   709  C  CA  . LEU A 1 84  ? 5.742   -2.165  9.049   1.00 13.94 ? 84  LEU A CA  1 
ATOM   710  C  C   . LEU A 1 84  ? 6.176   -0.917  9.836   1.00 14.52 ? 84  LEU A C   1 
ATOM   711  O  O   . LEU A 1 84  ? 5.475   -0.583  10.877  1.00 16.43 ? 84  LEU A O   1 
ATOM   712  C  CB  . LEU A 1 84  ? 5.881   -3.408  9.957   1.00 12.90 ? 84  LEU A CB  1 
ATOM   713  C  CG  . LEU A 1 84  ? 5.465   -4.708  9.341   1.00 13.81 ? 84  LEU A CG  1 
ATOM   714  C  CD1 . LEU A 1 84  ? 5.537   -5.840  10.337  1.00 17.34 ? 84  LEU A CD1 1 
ATOM   715  C  CD2 . LEU A 1 84  ? 4.099   -4.760  8.752   1.00 13.09 ? 84  LEU A CD2 1 
ATOM   716  N  N   . SER A 1 85  ? 7.133   -0.218  9.367   1.00 15.32 ? 85  SER A N   1 
ATOM   717  C  CA  . SER A 1 85  ? 7.620   0.956   10.021  1.00 15.09 ? 85  SER A CA  1 
ATOM   718  C  C   . SER A 1 85  ? 6.636   2.070   10.195  1.00 16.20 ? 85  SER A C   1 
ATOM   719  O  O   . SER A 1 85  ? 5.730   2.243   9.359   1.00 17.24 ? 85  SER A O   1 
ATOM   720  C  CB  . SER A 1 85  ? 8.758   1.416   9.222   1.00 19.09 ? 85  SER A CB  1 
ATOM   721  O  OG  . SER A 1 85  ? 9.312   2.627   9.704   1.00 22.20 ? 85  SER A OG  1 
ATOM   722  N  N   . SER A 1 86  ? 6.792   2.943   11.188  1.00 17.12 ? 86  SER A N   1 
ATOM   723  C  CA  . SER A 1 86  ? 6.011   4.135   11.285  1.00 18.55 ? 86  SER A CA  1 
ATOM   724  C  C   . SER A 1 86  ? 6.297   5.117   10.150  1.00 18.78 ? 86  SER A C   1 
ATOM   725  O  O   . SER A 1 86  ? 5.457   5.940   9.818   1.00 22.56 ? 86  SER A O   1 
ATOM   726  C  CB  . SER A 1 86  ? 6.206   4.841   12.665  1.00 20.56 ? 86  SER A CB  1 
ATOM   727  O  OG  . SER A 1 86  ? 7.605   5.170   12.747  1.00 24.68 ? 86  SER A OG  1 
ATOM   728  N  N   . ASP A 1 87  ? 7.445   5.044   9.555   1.00 17.65 ? 87  ASP A N   1 
ATOM   729  C  CA  . ASP A 1 87  ? 7.866   5.798   8.390   1.00 19.41 ? 87  ASP A CA  1 
ATOM   730  C  C   . ASP A 1 87  ? 7.347   4.977   7.152   1.00 16.86 ? 87  ASP A C   1 
ATOM   731  O  O   . ASP A 1 87  ? 7.827   3.870   6.911   1.00 17.62 ? 87  ASP A O   1 
ATOM   732  C  CB  . ASP A 1 87  ? 9.418   5.839   8.412   1.00 20.62 ? 87  ASP A CB  1 
ATOM   733  C  CG  . ASP A 1 87  ? 10.064  6.406   7.177   1.00 25.95 ? 87  ASP A CG  1 
ATOM   734  O  OD1 . ASP A 1 87  ? 9.444   6.659   6.174   1.00 24.11 ? 87  ASP A OD1 1 
ATOM   735  O  OD2 . ASP A 1 87  ? 11.333  6.698   7.211   1.00 35.91 ? 87  ASP A OD2 1 
ATOM   736  N  N   . ILE A 1 88  ? 6.539   5.630   6.362   1.00 17.06 ? 88  ILE A N   1 
ATOM   737  C  CA  . ILE A 1 88  ? 5.914   4.950   5.165   1.00 15.53 ? 88  ILE A CA  1 
ATOM   738  C  C   . ILE A 1 88  ? 6.770   4.868   3.942   1.00 15.43 ? 88  ILE A C   1 
ATOM   739  O  O   . ILE A 1 88  ? 6.336   4.276   2.938   1.00 14.42 ? 88  ILE A O   1 
ATOM   740  C  CB  . ILE A 1 88  ? 4.503   5.487   4.833   1.00 14.80 ? 88  ILE A CB  1 
ATOM   741  C  CG1 . ILE A 1 88  ? 4.567   6.921   4.247   1.00 16.34 ? 88  ILE A CG1 1 
ATOM   742  C  CG2 . ILE A 1 88  ? 3.570   5.383   5.997   1.00 17.06 ? 88  ILE A CG2 1 
ATOM   743  C  CD1 . ILE A 1 88  ? 3.193   7.393   3.700   1.00 16.71 ? 88  ILE A CD1 1 
ATOM   744  N  N   . THR A 1 89  ? 8.044   5.298   3.989   1.00 16.42 ? 89  THR A N   1 
ATOM   745  C  CA  . THR A 1 89  ? 8.855   5.346   2.800   1.00 17.06 ? 89  THR A CA  1 
ATOM   746  C  C   . THR A 1 89  ? 8.919   4.015   2.075   1.00 15.28 ? 89  THR A C   1 
ATOM   747  O  O   . THR A 1 89  ? 8.765   3.908   0.845   1.00 15.43 ? 89  THR A O   1 
ATOM   748  C  CB  . THR A 1 89  ? 10.327  5.775   3.161   1.00 19.42 ? 89  THR A CB  1 
ATOM   749  O  OG1 . THR A 1 89  ? 10.253  7.099   3.692   1.00 21.88 ? 89  THR A OG1 1 
ATOM   750  C  CG2 . THR A 1 89  ? 11.166  5.812   1.891   1.00 20.51 ? 89  THR A CG2 1 
ATOM   751  N  N   . ALA A 1 90  ? 9.277   2.936   2.758   1.00 13.68 ? 90  ALA A N   1 
ATOM   752  C  CA  . ALA A 1 90  ? 9.465   1.674   2.118   1.00 14.03 ? 90  ALA A CA  1 
ATOM   753  C  C   . ALA A 1 90  ? 8.165   1.174   1.497   1.00 13.24 ? 90  ALA A C   1 
ATOM   754  O  O   . ALA A 1 90  ? 8.131   0.632   0.399   1.00 13.58 ? 90  ALA A O   1 
ATOM   755  C  CB  . ALA A 1 90  ? 10.053  0.646   3.081   1.00 16.58 ? 90  ALA A CB  1 
ATOM   756  N  N   . SER A 1 91  ? 7.034   1.274   2.197   1.00 12.63 ? 91  SER A N   1 
ATOM   757  C  CA  . SER A 1 91  ? 5.762   0.921   1.623   1.00 11.96 ? 91  SER A CA  1 
ATOM   758  C  C   . SER A 1 91  ? 5.413   1.742   0.382   1.00 12.83 ? 91  SER A C   1 
ATOM   759  O  O   . SER A 1 91  ? 4.987   1.161   -0.580  1.00 12.95 ? 91  SER A O   1 
ATOM   760  C  CB  . SER A 1 91  ? 4.635   1.050   2.646   1.00 12.21 ? 91  SER A CB  1 
ATOM   761  O  OG  . SER A 1 91  ? 4.645   -0.070  3.560   1.00 12.87 ? 91  SER A OG  1 
ATOM   762  N  N   . VAL A 1 92  ? 5.654   3.042   0.418   1.00 13.05 ? 92  VAL A N   1 
ATOM   763  C  CA  . VAL A 1 92  ? 5.378   3.895   -0.739  1.00 12.75 ? 92  VAL A CA  1 
ATOM   764  C  C   . VAL A 1 92  ? 6.272   3.501   -1.859  1.00 13.45 ? 92  VAL A C   1 
ATOM   765  O  O   . VAL A 1 92  ? 5.802   3.335   -3.044  1.00 14.48 ? 92  VAL A O   1 
ATOM   766  C  CB  . VAL A 1 92  ? 5.559   5.343   -0.371  1.00 14.83 ? 92  VAL A CB  1 
ATOM   767  C  CG1 . VAL A 1 92  ? 5.538   6.166   -1.675  1.00 15.49 ? 92  VAL A CG1 1 
ATOM   768  C  CG2 . VAL A 1 92  ? 4.490   5.752   0.521   1.00 14.33 ? 92  VAL A CG2 1 
ATOM   769  N  N   . ASN A 1 93  ? 7.552   3.291   -1.653  1.00 12.70 ? 93  ASN A N   1 
ATOM   770  C  CA  . ASN A 1 93  ? 8.439   2.994   -2.735  1.00 14.77 ? 93  ASN A CA  1 
ATOM   771  C  C   . ASN A 1 93  ? 8.084   1.682   -3.394  1.00 14.47 ? 93  ASN A C   1 
ATOM   772  O  O   . ASN A 1 93  ? 8.137   1.460   -4.637  1.00 15.70 ? 93  ASN A O   1 
ATOM   773  C  CB  . ASN A 1 93  ? 9.941   2.981   -2.254  1.00 17.58 ? 93  ASN A CB  1 
ATOM   774  C  CG  . ASN A 1 93  ? 10.475  4.316   -2.041  1.00 22.69 ? 93  ASN A CG  1 
ATOM   775  O  OD1 . ASN A 1 93  ? 9.798   5.341   -2.308  1.00 25.78 ? 93  ASN A OD1 1 
ATOM   776  N  ND2 . ASN A 1 93  ? 11.592  4.356   -1.362  1.00 24.91 ? 93  ASN A ND2 1 
ATOM   777  N  N   . CYS A 1 94  ? 7.679   0.663   -2.583  1.00 13.03 ? 94  CYS A N   1 
ATOM   778  C  CA  . CYS A 1 94  ? 7.313   -0.582  -3.147  1.00 13.16 ? 94  CYS A CA  1 
ATOM   779  C  C   . CYS A 1 94  ? 5.960   -0.501  -3.859  1.00 13.72 ? 94  CYS A C   1 
ATOM   780  O  O   . CYS A 1 94  ? 5.793   -1.048  -4.946  1.00 13.76 ? 94  CYS A O   1 
ATOM   781  C  CB  . CYS A 1 94  ? 7.308   -1.659  -2.030  1.00 13.52 ? 94  CYS A CB  1 
ATOM   782  S  SG  . CYS A 1 94  ? 7.010   -3.324  -2.562  1.00 14.77 ? 94  CYS A SG  1 
ATOM   783  N  N   . ALA A 1 95  ? 5.031   0.250   -3.293  1.00 12.35 ? 95  ALA A N   1 
ATOM   784  C  CA  . ALA A 1 95  ? 3.718   0.475   -3.956  1.00 12.54 ? 95  ALA A CA  1 
ATOM   785  C  C   . ALA A 1 95  ? 3.918   1.101   -5.334  1.00 13.07 ? 95  ALA A C   1 
ATOM   786  O  O   . ALA A 1 95  ? 3.165   0.785   -6.231  1.00 12.35 ? 95  ALA A O   1 
ATOM   787  C  CB  . ALA A 1 95  ? 2.809   1.334   -3.109  1.00 12.50 ? 95  ALA A CB  1 
ATOM   788  N  N   . LYS A 1 96  ? 4.885   2.014   -5.477  1.00 13.19 ? 96  LYS A N   1 
ATOM   789  C  CA  . LYS A 1 96  ? 5.138   2.612   -6.803  1.00 12.25 ? 96  LYS A CA  1 
ATOM   790  C  C   . LYS A 1 96  ? 5.539   1.561   -7.761  1.00 13.24 ? 96  LYS A C   1 
ATOM   791  O  O   . LYS A 1 96  ? 5.160   1.595   -8.945  1.00 15.05 ? 96  LYS A O   1 
ATOM   792  C  CB  . LYS A 1 96  ? 6.218   3.682   -6.703  1.00 14.60 ? 96  LYS A CB  1 
ATOM   793  C  CG  . LYS A 1 96  ? 5.707   4.902   -6.040  1.00 15.53 ? 96  LYS A CG  1 
ATOM   794  C  CD  . LYS A 1 96  ? 6.775   5.977   -5.841  1.00 17.20 ? 96  LYS A CD  1 
ATOM   795  C  CE  . LYS A 1 96  ? 6.229   7.239   -5.246  1.00 18.04 ? 96  LYS A CE  1 
ATOM   796  N  NZ  . LYS A 1 96  ? 7.349   8.233   -4.955  1.00 21.07 ? 96  LYS A NZ  1 
ATOM   797  N  N   A LYS A 1 97  ? 6.355   0.576   -7.376  0.50 13.22 ? 97  LYS A N   1 
ATOM   798  N  N   B LYS A 1 97  ? 6.376   0.609   -7.366  0.50 13.41 ? 97  LYS A N   1 
ATOM   799  C  CA  A LYS A 1 97  ? 6.714   -0.505  -8.271  0.50 14.54 ? 97  LYS A CA  1 
ATOM   800  C  CA  B LYS A 1 97  ? 6.746   -0.465  -8.233  0.50 14.55 ? 97  LYS A CA  1 
ATOM   801  C  C   A LYS A 1 97  ? 5.526   -1.390  -8.618  0.50 13.80 ? 97  LYS A C   1 
ATOM   802  C  C   B LYS A 1 97  ? 5.554   -1.356  -8.604  0.50 13.89 ? 97  LYS A C   1 
ATOM   803  O  O   A LYS A 1 97  ? 5.288   -1.797  -9.769  0.50 14.64 ? 97  LYS A O   1 
ATOM   804  O  O   B LYS A 1 97  ? 5.339   -1.693  -9.779  0.50 16.27 ? 97  LYS A O   1 
ATOM   805  C  CB  A LYS A 1 97  ? 7.828   -1.398  -7.672  0.50 14.86 ? 97  LYS A CB  1 
ATOM   806  C  CB  B LYS A 1 97  ? 7.870   -1.306  -7.598  0.50 14.73 ? 97  LYS A CB  1 
ATOM   807  C  CG  A LYS A 1 97  ? 8.302   -2.436  -8.673  0.50 17.77 ? 97  LYS A CG  1 
ATOM   808  C  CG  B LYS A 1 97  ? 9.201   -0.567  -7.464  0.50 16.88 ? 97  LYS A CG  1 
ATOM   809  C  CD  A LYS A 1 97  ? 9.589   -3.134  -8.255  0.50 21.50 ? 97  LYS A CD  1 
ATOM   810  C  CD  B LYS A 1 97  ? 10.217  -1.530  -6.818  0.50 21.09 ? 97  LYS A CD  1 
ATOM   811  C  CE  A LYS A 1 97  ? 9.828   -4.186  -9.315  0.50 25.25 ? 97  LYS A CE  1 
ATOM   812  C  CE  B LYS A 1 97  ? 11.658  -1.041  -6.877  0.50 24.03 ? 97  LYS A CE  1 
ATOM   813  N  NZ  A LYS A 1 97  ? 10.335  -3.631  -10.581 0.50 29.93 ? 97  LYS A NZ  1 
ATOM   814  N  NZ  B LYS A 1 97  ? 11.757  0.166   -6.063  0.50 26.20 ? 97  LYS A NZ  1 
ATOM   815  N  N   . ILE A 1 98  ? 4.707   -1.702  -7.612  1.00 12.91 ? 98  ILE A N   1 
ATOM   816  C  CA  . ILE A 1 98  ? 3.566   -2.565  -7.801  1.00 13.07 ? 98  ILE A CA  1 
ATOM   817  C  C   . ILE A 1 98  ? 2.570   -1.906  -8.789  1.00 13.79 ? 98  ILE A C   1 
ATOM   818  O  O   . ILE A 1 98  ? 2.115   -2.591  -9.723  1.00 14.40 ? 98  ILE A O   1 
ATOM   819  C  CB  . ILE A 1 98  ? 2.850   -2.854  -6.440  1.00 12.94 ? 98  ILE A CB  1 
ATOM   820  C  CG1 . ILE A 1 98  ? 3.773   -3.638  -5.572  1.00 13.17 ? 98  ILE A CG1 1 
ATOM   821  C  CG2 . ILE A 1 98  ? 1.550   -3.520  -6.704  1.00 13.64 ? 98  ILE A CG2 1 
ATOM   822  C  CD1 . ILE A 1 98  ? 3.302   -3.704  -4.144  1.00 14.43 ? 98  ILE A CD1 1 
ATOM   823  N  N   . VAL A 1 99  ? 2.259   -0.637  -8.592  1.00 13.29 ? 99  VAL A N   1 
ATOM   824  C  CA  . VAL A 1 99  ? 1.244   -0.013  -9.426  1.00 13.43 ? 99  VAL A CA  1 
ATOM   825  C  C   . VAL A 1 99  ? 1.747   0.191   -10.810 1.00 15.56 ? 99  VAL A C   1 
ATOM   826  O  O   . VAL A 1 99  ? 0.919   0.460   -11.707 1.00 16.40 ? 99  VAL A O   1 
ATOM   827  C  CB  . VAL A 1 99  ? 0.819   1.321   -8.795  1.00 12.74 ? 99  VAL A CB  1 
ATOM   828  C  CG1 . VAL A 1 99  ? 1.813   2.454   -8.918  1.00 13.52 ? 99  VAL A CG1 1 
ATOM   829  C  CG2 . VAL A 1 99  ? -0.545  1.742   -9.261  1.00 13.36 ? 99  VAL A CG2 1 
ATOM   830  N  N   . SER A 1 100 ? 3.061   0.069   -11.056 1.00 16.05 ? 100 SER A N   1 
ATOM   831  C  CA  . SER A 1 100 ? 3.648   0.230   -12.394 1.00 18.05 ? 100 SER A CA  1 
ATOM   832  C  C   . SER A 1 100 ? 3.720   -1.125  -13.092 1.00 19.38 ? 100 SER A C   1 
ATOM   833  O  O   . SER A 1 100 ? 4.261   -1.194  -14.238 1.00 22.68 ? 100 SER A O   1 
ATOM   834  C  CB  . SER A 1 100 ? 5.038   0.879   -12.185 1.00 18.81 ? 100 SER A CB  1 
ATOM   835  O  OG  . SER A 1 100 ? 5.000   2.137   -11.623 1.00 19.96 ? 100 SER A OG  1 
ATOM   836  N  N   . ASP A 1 101 ? 3.370   -2.274  -12.456 1.00 19.53 ? 101 ASP A N   1 
ATOM   837  C  CA  . ASP A 1 101 ? 3.617   -3.621  -12.962 1.00 21.39 ? 101 ASP A CA  1 
ATOM   838  C  C   . ASP A 1 101 ? 2.677   -4.107  -14.033 1.00 25.30 ? 101 ASP A C   1 
ATOM   839  O  O   . ASP A 1 101 ? 2.887   -5.203  -14.537 1.00 27.17 ? 101 ASP A O   1 
ATOM   840  C  CB  . ASP A 1 101 ? 3.607   -4.616  -11.786 1.00 23.45 ? 101 ASP A CB  1 
ATOM   841  C  CG  . ASP A 1 101 ? 4.114   -6.005  -12.123 1.00 35.54 ? 101 ASP A CG  1 
ATOM   842  O  OD1 . ASP A 1 101 ? 5.293   -6.081  -12.384 1.00 34.22 ? 101 ASP A OD1 1 
ATOM   843  O  OD2 . ASP A 1 101 ? 3.378   -6.997  -11.988 1.00 40.51 ? 101 ASP A OD2 1 
ATOM   844  N  N   . GLY A 1 102 ? 1.686   -3.299  -14.376 1.00 19.15 ? 102 GLY A N   1 
ATOM   845  C  CA  . GLY A 1 102 ? 0.796   -3.628  -15.513 1.00 20.26 ? 102 GLY A CA  1 
ATOM   846  C  C   . GLY A 1 102 ? -0.685  -3.556  -15.181 1.00 18.04 ? 102 GLY A C   1 
ATOM   847  O  O   . GLY A 1 102 ? -1.453  -3.190  -16.065 1.00 18.66 ? 102 GLY A O   1 
ATOM   848  N  N   . ASN A 1 103 ? -1.147  -3.868  -13.971 1.00 16.73 ? 103 ASN A N   1 
ATOM   849  C  CA  . ASN A 1 103 ? -2.587  -3.828  -13.614 1.00 17.12 ? 103 ASN A CA  1 
ATOM   850  C  C   . ASN A 1 103 ? -2.943  -2.632  -12.749 1.00 12.91 ? 103 ASN A C   1 
ATOM   851  O  O   . ASN A 1 103 ? -4.093  -2.561  -12.280 1.00 13.05 ? 103 ASN A O   1 
ATOM   852  C  CB  . ASN A 1 103 ? -2.997  -5.091  -12.952 1.00 21.99 ? 103 ASN A CB  1 
ATOM   853  C  CG  . ASN A 1 103 ? -2.825  -6.294  -13.890 1.00 28.10 ? 103 ASN A CG  1 
ATOM   854  O  OD1 . ASN A 1 103 ? -3.235  -6.231  -15.034 1.00 31.18 ? 103 ASN A OD1 1 
ATOM   855  N  ND2 . ASN A 1 103 ? -2.098  -7.288  -13.429 1.00 38.49 ? 103 ASN A ND2 1 
ATOM   856  N  N   . GLY A 1 104 ? -2.068  -1.679  -12.646 1.00 13.50 ? 104 GLY A N   1 
ATOM   857  C  CA  . GLY A 1 104 ? -2.340  -0.518  -11.873 1.00 12.62 ? 104 GLY A CA  1 
ATOM   858  C  C   . GLY A 1 104 ? -2.768  -0.834  -10.469 1.00 11.99 ? 104 GLY A C   1 
ATOM   859  O  O   . GLY A 1 104 ? -2.230  -1.773  -9.851  1.00 13.18 ? 104 GLY A O   1 
ATOM   860  N  N   . MET A 1 105 ? -3.748  -0.111  -9.964  1.00 10.38 ? 105 MET A N   1 
ATOM   861  C  CA  . MET A 1 105 ? -4.164  -0.337  -8.573  1.00 10.46 ? 105 MET A CA  1 
ATOM   862  C  C   . MET A 1 105 ? -5.053  -1.553  -8.379  1.00 10.83 ? 105 MET A C   1 
ATOM   863  O  O   . MET A 1 105 ? -5.356  -1.905  -7.236  1.00 11.43 ? 105 MET A O   1 
ATOM   864  C  CB  . MET A 1 105 ? -4.805  0.937   -7.927  1.00 10.58 ? 105 MET A CB  1 
ATOM   865  C  CG  . MET A 1 105 ? -3.797  2.008   -7.560  1.00 10.75 ? 105 MET A CG  1 
ATOM   866  S  SD  . MET A 1 105 ? -4.450  3.289   -6.522  1.00 11.95 ? 105 MET A SD  1 
ATOM   867  C  CE  . MET A 1 105 ? -4.387  2.388   -4.958  1.00 12.71 ? 105 MET A CE  1 
ATOM   868  N  N   . ASN A 1 106 ? -5.413  -2.204  -9.462  1.00 11.29 ? 106 ASN A N   1 
ATOM   869  C  CA  . ASN A 1 106 ? -6.150  -3.492  -9.359  1.00 11.69 ? 106 ASN A CA  1 
ATOM   870  C  C   . ASN A 1 106 ? -5.319  -4.548  -8.634  1.00 13.74 ? 106 ASN A C   1 
ATOM   871  O  O   . ASN A 1 106 ? -5.917  -5.538  -8.174  1.00 13.99 ? 106 ASN A O   1 
ATOM   872  C  CB  . ASN A 1 106 ? -6.568  -3.992  -10.739 1.00 11.54 ? 106 ASN A CB  1 
ATOM   873  C  CG  . ASN A 1 106 ? -7.539  -3.056  -11.374 1.00 12.45 ? 106 ASN A CG  1 
ATOM   874  O  OD1 . ASN A 1 106 ? -8.680  -2.895  -11.003 1.00 12.94 ? 106 ASN A OD1 1 
ATOM   875  N  ND2 . ASN A 1 106 ? -7.032  -2.405  -12.398 1.00 13.84 ? 106 ASN A ND2 1 
ATOM   876  N  N   . ALA A 1 107 ? -4.008  -4.364  -8.482  1.00 12.69 ? 107 ALA A N   1 
ATOM   877  C  CA  . ALA A 1 107 ? -3.181  -5.304  -7.645  1.00 13.09 ? 107 ALA A CA  1 
ATOM   878  C  C   . ALA A 1 107 ? -3.730  -5.308  -6.279  1.00 14.36 ? 107 ALA A C   1 
ATOM   879  O  O   . ALA A 1 107 ? -3.531  -6.334  -5.568  1.00 15.63 ? 107 ALA A O   1 
ATOM   880  C  CB  . ALA A 1 107 ? -1.776  -4.766  -7.611  1.00 14.47 ? 107 ALA A CB  1 
ATOM   881  N  N   . TRP A 1 108 ? -4.332  -4.264  -5.715  1.00 12.47 ? 108 TRP A N   1 
ATOM   882  C  CA  . TRP A 1 108 ? -4.979  -4.223  -4.368  1.00 11.23 ? 108 TRP A CA  1 
ATOM   883  C  C   . TRP A 1 108 ? -6.417  -4.553  -4.524  1.00 13.68 ? 108 TRP A C   1 
ATOM   884  O  O   . TRP A 1 108 ? -7.277  -3.816  -5.008  1.00 12.12 ? 108 TRP A O   1 
ATOM   885  C  CB  . TRP A 1 108 ? -4.792  -2.860  -3.756  1.00 11.53 ? 108 TRP A CB  1 
ATOM   886  C  CG  . TRP A 1 108 ? -3.410  -2.545  -3.328  1.00 10.87 ? 108 TRP A CG  1 
ATOM   887  C  CD1 . TRP A 1 108 ? -2.805  -2.941  -2.140  1.00 11.62 ? 108 TRP A CD1 1 
ATOM   888  C  CD2 . TRP A 1 108 ? -2.371  -1.892  -4.091  1.00 10.78 ? 108 TRP A CD2 1 
ATOM   889  N  NE1 . TRP A 1 108 ? -1.521  -2.567  -2.163  1.00 13.40 ? 108 TRP A NE1 1 
ATOM   890  C  CE2 . TRP A 1 108 ? -1.220  -1.892  -3.325  1.00 10.94 ? 108 TRP A CE2 1 
ATOM   891  C  CE3 . TRP A 1 108 ? -2.309  -1.267  -5.387  1.00 11.48 ? 108 TRP A CE3 1 
ATOM   892  C  CZ2 . TRP A 1 108 ? -0.052  -1.307  -3.703  1.00 11.47 ? 108 TRP A CZ2 1 
ATOM   893  C  CZ3 . TRP A 1 108 ? -1.115  -0.699  -5.762  1.00 12.04 ? 108 TRP A CZ3 1 
ATOM   894  C  CH2 . TRP A 1 108 ? 0.011   -0.772  -4.964  1.00 12.73 ? 108 TRP A CH2 1 
ATOM   895  N  N   . VAL A 1 109 ? -6.785  -5.805  -4.144  1.00 17.65 ? 109 VAL A N   1 
ATOM   896  C  CA  . VAL A 1 109 ? -8.165  -6.278  -4.282  1.00 18.12 ? 109 VAL A CA  1 
ATOM   897  C  C   . VAL A 1 109 ? -9.104  -5.381  -3.567  1.00 15.58 ? 109 VAL A C   1 
ATOM   898  O  O   . VAL A 1 109 ? -10.177 -5.094  -4.152  1.00 15.98 ? 109 VAL A O   1 
ATOM   899  C  CB  . VAL A 1 109 ? -8.241  -7.741  -3.822  1.00 23.81 ? 109 VAL A CB  1 
ATOM   900  C  CG1 . VAL A 1 109 ? -9.691  -8.196  -3.821  1.00 25.98 ? 109 VAL A CG1 1 
ATOM   901  C  CG2 . VAL A 1 109 ? -7.467  -8.577  -4.866  1.00 28.97 ? 109 VAL A CG2 1 
ATOM   902  N  N   . ALA A 1 110 ? -8.760  -4.916  -2.444  1.00 15.39 ? 110 ALA A N   1 
ATOM   903  C  CA  . ALA A 1 110 ? -9.638  -4.003  -1.620  1.00 14.84 ? 110 ALA A CA  1 
ATOM   904  C  C   . ALA A 1 110 ? -9.881  -2.694  -2.405  1.00 14.06 ? 110 ALA A C   1 
ATOM   905  O  O   . ALA A 1 110 ? -10.975 -2.085  -2.351  1.00 14.31 ? 110 ALA A O   1 
ATOM   906  C  CB  . ALA A 1 110 ? -9.173  -3.701  -0.272  1.00 18.99 ? 110 ALA A CB  1 
ATOM   907  N  N   . TRP A 1 111 ? -8.835  -2.215  -3.110  1.00 12.90 ? 111 TRP A N   1 
ATOM   908  C  CA  . TRP A 1 111 ? -9.069  -0.978  -3.929  1.00 11.96 ? 111 TRP A CA  1 
ATOM   909  C  C   . TRP A 1 111 ? -10.063 -1.313  -5.013  1.00 11.40 ? 111 TRP A C   1 
ATOM   910  O  O   . TRP A 1 111 ? -11.019 -0.504  -5.199  1.00 11.17 ? 111 TRP A O   1 
ATOM   911  C  CB  . TRP A 1 111 ? -7.744  -0.458  -4.518  1.00 11.70 ? 111 TRP A CB  1 
ATOM   912  C  CG  . TRP A 1 111 ? -7.961  0.689   -5.430  1.00 10.81 ? 111 TRP A CG  1 
ATOM   913  C  CD1 . TRP A 1 111 ? -8.024  2.002   -5.038  1.00 11.94 ? 111 TRP A CD1 1 
ATOM   914  C  CD2 . TRP A 1 111 ? -8.176  0.646   -6.829  1.00 11.17 ? 111 TRP A CD2 1 
ATOM   915  N  NE1 . TRP A 1 111 ? -8.351  2.780   -6.129  1.00 11.37 ? 111 TRP A NE1 1 
ATOM   916  C  CE2 . TRP A 1 111 ? -8.424  2.001   -7.250  1.00 11.68 ? 111 TRP A CE2 1 
ATOM   917  C  CE3 . TRP A 1 111 ? -8.116  -0.376  -7.826  1.00 11.09 ? 111 TRP A CE3 1 
ATOM   918  C  CZ2 . TRP A 1 111 ? -8.629  2.326   -8.597  1.00 11.27 ? 111 TRP A CZ2 1 
ATOM   919  C  CZ3 . TRP A 1 111 ? -8.344  -0.030  -9.120  1.00 12.10 ? 111 TRP A CZ3 1 
ATOM   920  C  CH2 . TRP A 1 111 ? -8.566  1.298   -9.476  1.00 12.25 ? 111 TRP A CH2 1 
ATOM   921  N  N   A ARG A 1 112 ? -9.907  -2.421  -5.707  0.50 11.82 ? 112 ARG A N   1 
ATOM   922  N  N   B ARG A 1 112 ? -9.914  -2.416  -5.727  0.50 11.66 ? 112 ARG A N   1 
ATOM   923  C  CA  A ARG A 1 112 ? -10.784 -2.729  -6.774  0.50 13.01 ? 112 ARG A CA  1 
ATOM   924  C  CA  B ARG A 1 112 ? -10.818 -2.691  -6.798  0.50 12.59 ? 112 ARG A CA  1 
ATOM   925  C  C   A ARG A 1 112 ? -12.219 -2.905  -6.303  0.50 12.34 ? 112 ARG A C   1 
ATOM   926  C  C   B ARG A 1 112 ? -12.242 -2.887  -6.289  0.50 12.15 ? 112 ARG A C   1 
ATOM   927  O  O   A ARG A 1 112 ? -13.165 -2.414  -6.946  0.50 14.07 ? 112 ARG A O   1 
ATOM   928  O  O   B ARG A 1 112 ? -13.211 -2.367  -6.866  0.50 13.66 ? 112 ARG A O   1 
ATOM   929  C  CB  A ARG A 1 112 ? -10.290 -4.015  -7.514  0.50 16.20 ? 112 ARG A CB  1 
ATOM   930  C  CB  B ARG A 1 112 ? -10.346 -3.918  -7.657  0.50 15.40 ? 112 ARG A CB  1 
ATOM   931  C  CG  A ARG A 1 112 ? -11.110 -4.294  -8.738  0.50 20.11 ? 112 ARG A CG  1 
ATOM   932  C  CG  B ARG A 1 112 ? -11.390 -4.321  -8.651  0.50 18.17 ? 112 ARG A CG  1 
ATOM   933  C  CD  A ARG A 1 112 ? -10.814 -5.662  -9.416  0.50 27.71 ? 112 ARG A CD  1 
ATOM   934  C  CD  B ARG A 1 112 ? -10.931 -5.470  -9.568  0.50 23.42 ? 112 ARG A CD  1 
ATOM   935  N  NE  A ARG A 1 112 ? -11.934 -6.109  -10.278 0.50 32.37 ? 112 ARG A NE  1 
ATOM   936  N  NE  B ARG A 1 112 ? -10.396 -6.582  -8.779  0.50 22.48 ? 112 ARG A NE  1 
ATOM   937  C  CZ  A ARG A 1 112 ? -12.963 -6.870  -9.876  0.50 31.27 ? 112 ARG A CZ  1 
ATOM   938  C  CZ  B ARG A 1 112 ? -11.108 -7.563  -8.195  0.50 26.03 ? 112 ARG A CZ  1 
ATOM   939  N  NH1 A ARG A 1 112 ? -13.859 -7.231  -10.760 0.50 31.65 ? 112 ARG A NH1 1 
ATOM   940  N  NH1 B ARG A 1 112 ? -10.454 -8.544  -7.530  0.50 28.23 ? 112 ARG A NH1 1 
ATOM   941  N  NH2 A ARG A 1 112 ? -13.084 -7.322  -8.636  0.50 29.30 ? 112 ARG A NH2 1 
ATOM   942  N  NH2 B ARG A 1 112 ? -12.429 -7.562  -8.244  0.50 24.44 ? 112 ARG A NH2 1 
ATOM   943  N  N   . ASN A 1 113 ? -12.395 -3.513  -5.128  1.00 13.04 ? 113 ASN A N   1 
ATOM   944  C  CA  . ASN A 1 113 ? -13.734 -3.819  -4.637  1.00 12.39 ? 113 ASN A CA  1 
ATOM   945  C  C   . ASN A 1 113 ? -14.351 -2.735  -3.863  1.00 13.69 ? 113 ASN A C   1 
ATOM   946  O  O   . ASN A 1 113 ? -15.632 -2.723  -3.741  1.00 14.75 ? 113 ASN A O   1 
ATOM   947  C  CB  . ASN A 1 113 ? -13.698 -5.084  -3.817  1.00 13.94 ? 113 ASN A CB  1 
ATOM   948  C  CG  . ASN A 1 113 ? -13.489 -6.316  -4.706  1.00 13.58 ? 113 ASN A CG  1 
ATOM   949  O  OD1 . ASN A 1 113 ? -13.866 -6.328  -5.884  1.00 16.84 ? 113 ASN A OD1 1 
ATOM   950  N  ND2 . ASN A 1 113 ? -12.855 -7.360  -4.104  1.00 14.61 ? 113 ASN A ND2 1 
ATOM   951  N  N   . ARG A 1 114 ? -13.615 -1.762  -3.306  1.00 13.78 ? 114 ARG A N   1 
ATOM   952  C  CA  . ARG A 1 114 ? -14.130 -0.833  -2.356  1.00 14.38 ? 114 ARG A CA  1 
ATOM   953  C  C   . ARG A 1 114 ? -13.910 0.641   -2.756  1.00 13.81 ? 114 ARG A C   1 
ATOM   954  O  O   . ARG A 1 114 ? -14.610 1.524   -2.238  1.00 15.65 ? 114 ARG A O   1 
ATOM   955  C  CB  . ARG A 1 114 ? -13.698 -1.072  -1.003  1.00 15.55 ? 114 ARG A CB  1 
ATOM   956  C  CG  . ARG A 1 114 ? -14.123 -2.568  -0.687  1.00 18.32 ? 114 ARG A CG  1 
ATOM   957  C  CD  . ARG A 1 114 ? -13.801 -2.915  0.687   1.00 18.11 ? 114 ARG A CD  1 
ATOM   958  N  NE  . ARG A 1 114 ? -14.640 -2.257  1.669   1.00 16.34 ? 114 ARG A NE  1 
ATOM   959  C  CZ  . ARG A 1 114 ? -14.504 -2.476  2.975   1.00 15.87 ? 114 ARG A CZ  1 
ATOM   960  N  NH1 . ARG A 1 114 ? -13.572 -3.290  3.397   1.00 15.29 ? 114 ARG A NH1 1 
ATOM   961  N  NH2 . ARG A 1 114 ? -15.348 -1.879  3.790   1.00 16.05 ? 114 ARG A NH2 1 
ATOM   962  N  N   . CYS A 1 115 ? -12.950 0.879   -3.650  1.00 11.07 ? 115 CYS A N   1 
ATOM   963  C  CA  . CYS A 1 115 ? -12.575 2.258   -3.981  1.00 11.65 ? 115 CYS A CA  1 
ATOM   964  C  C   . CYS A 1 115 ? -12.769 2.569   -5.408  1.00 12.42 ? 115 CYS A C   1 
ATOM   965  O  O   . CYS A 1 115 ? -13.320 3.643   -5.748  1.00 13.14 ? 115 CYS A O   1 
ATOM   966  C  CB  . CYS A 1 115 ? -11.104 2.488   -3.606  1.00 10.53 ? 115 CYS A CB  1 
ATOM   967  S  SG  . CYS A 1 115 ? -10.680 2.155   -1.901  1.00 12.27 ? 115 CYS A SG  1 
ATOM   968  N  N   . LYS A 1 116 ? -12.406 1.725   -6.335  1.00 11.73 ? 116 LYS A N   1 
ATOM   969  C  CA  . LYS A 1 116 ? -12.550 1.948   -7.769  1.00 11.98 ? 116 LYS A CA  1 
ATOM   970  C  C   . LYS A 1 116 ? -13.991 2.198   -8.124  1.00 12.61 ? 116 LYS A C   1 
ATOM   971  O  O   . LYS A 1 116 ? -14.934 1.504   -7.708  1.00 13.80 ? 116 LYS A O   1 
ATOM   972  C  CB  . LYS A 1 116 ? -12.082 0.695   -8.489  1.00 12.00 ? 116 LYS A CB  1 
ATOM   973  C  CG  . LYS A 1 116 ? -12.044 0.709   -9.964  1.00 12.74 ? 116 LYS A CG  1 
ATOM   974  C  CD  . LYS A 1 116 ? -11.669 -0.612  -10.570 1.00 13.08 ? 116 LYS A CD  1 
ATOM   975  C  CE  . LYS A 1 116 ? -11.342 -0.520  -12.063 1.00 13.90 ? 116 LYS A CE  1 
ATOM   976  N  NZ  . LYS A 1 116 ? -10.952 -1.863  -12.540 1.00 13.46 ? 116 LYS A NZ  1 
ATOM   977  N  N   . GLY A 1 117 ? -14.237 3.304   -8.806  1.00 14.19 ? 117 GLY A N   1 
ATOM   978  C  CA  . GLY A 1 117 ? -15.660 3.708   -9.105  1.00 15.29 ? 117 GLY A CA  1 
ATOM   979  C  C   . GLY A 1 117 ? -16.326 4.516   -8.139  1.00 17.66 ? 117 GLY A C   1 
ATOM   980  O  O   . GLY A 1 117 ? -17.549 4.873   -8.358  1.00 20.81 ? 117 GLY A O   1 
ATOM   981  N  N   . THR A 1 118 ? -15.803 4.796   -6.955  1.00 16.13 ? 118 THR A N   1 
ATOM   982  C  CA  . THR A 1 118 ? -16.386 5.545   -5.890  1.00 15.35 ? 118 THR A CA  1 
ATOM   983  C  C   . THR A 1 118 ? -15.793 6.943   -5.920  1.00 14.84 ? 118 THR A C   1 
ATOM   984  O  O   . THR A 1 118 ? -14.816 7.226   -6.576  1.00 16.24 ? 118 THR A O   1 
ATOM   985  C  CB  . THR A 1 118 ? -16.229 4.886   -4.582  1.00 15.58 ? 118 THR A CB  1 
ATOM   986  O  OG1 . THR A 1 118 ? -14.863 5.047   -4.077  1.00 15.35 ? 118 THR A OG1 1 
ATOM   987  C  CG2 . THR A 1 118 ? -16.629 3.416   -4.570  1.00 17.32 ? 118 THR A CG2 1 
ATOM   988  N  N   . ASP A 1 119 ? -16.413 7.807   -5.110  1.00 17.49 ? 119 ASP A N   1 
ATOM   989  C  CA  . ASP A 1 119 ? -15.910 9.172   -4.975  1.00 19.39 ? 119 ASP A CA  1 
ATOM   990  C  C   . ASP A 1 119 ? -14.737 9.199   -3.976  1.00 17.59 ? 119 ASP A C   1 
ATOM   991  O  O   . ASP A 1 119 ? -14.878 9.479   -2.834  1.00 19.91 ? 119 ASP A O   1 
ATOM   992  C  CB  . ASP A 1 119 ? -17.043 10.145  -4.637  1.00 22.19 ? 119 ASP A CB  1 
ATOM   993  C  CG  . ASP A 1 119 ? -16.506 11.563  -4.376  1.00 26.73 ? 119 ASP A CG  1 
ATOM   994  O  OD1 . ASP A 1 119 ? -15.469 11.936  -5.023  1.00 27.35 ? 119 ASP A OD1 1 
ATOM   995  O  OD2 . ASP A 1 119 ? -17.244 12.272  -3.635  1.00 35.67 ? 119 ASP A OD2 1 
ATOM   996  N  N   . VAL A 1 120 ? -13.561 8.835   -4.540  1.00 16.63 ? 120 VAL A N   1 
ATOM   997  C  CA  . VAL A 1 120 ? -12.384 8.709   -3.637  1.00 16.03 ? 120 VAL A CA  1 
ATOM   998  C  C   . VAL A 1 120 ? -11.865 10.046  -3.151  1.00 16.27 ? 120 VAL A C   1 
ATOM   999  O  O   . VAL A 1 120 ? -11.131 10.114  -2.146  1.00 16.23 ? 120 VAL A O   1 
ATOM   1000 C  CB  . VAL A 1 120 ? -11.254 7.882   -4.333  1.00 15.51 ? 120 VAL A CB  1 
ATOM   1001 C  CG1 . VAL A 1 120 ? -11.663 6.460   -4.640  1.00 16.35 ? 120 VAL A CG1 1 
ATOM   1002 C  CG2 . VAL A 1 120 ? -10.736 8.557   -5.548  1.00 16.56 ? 120 VAL A CG2 1 
ATOM   1003 N  N   . GLN A 1 121 ? -12.242 11.121  -3.850  1.00 17.84 ? 121 GLN A N   1 
ATOM   1004 C  CA  . GLN A 1 121 ? -11.813 12.435  -3.363  1.00 19.41 ? 121 GLN A CA  1 
ATOM   1005 C  C   . GLN A 1 121 ? -12.350 12.685  -1.963  1.00 17.54 ? 121 GLN A C   1 
ATOM   1006 O  O   . GLN A 1 121 ? -11.757 13.503  -1.125  1.00 18.39 ? 121 GLN A O   1 
ATOM   1007 C  CB  . GLN A 1 121 ? -12.298 13.514  -4.375  1.00 26.35 ? 121 GLN A CB  1 
ATOM   1008 C  CG  . GLN A 1 121 ? -11.865 14.908  -3.871  1.00 34.87 ? 121 GLN A CG  1 
ATOM   1009 C  CD  . GLN A 1 121 ? -12.819 15.593  -2.836  1.00 44.98 ? 121 GLN A CD  1 
ATOM   1010 O  OE1 . GLN A 1 121 ? -14.065 15.465  -2.884  1.00 49.11 ? 121 GLN A OE1 1 
ATOM   1011 N  NE2 . GLN A 1 121 ? -12.210 16.349  -1.882  1.00 55.95 ? 121 GLN A NE2 1 
ATOM   1012 N  N   . ALA A 1 122 ? -13.433 12.054  -1.539  1.00 15.73 ? 122 ALA A N   1 
ATOM   1013 C  CA  . ALA A 1 122 ? -13.909 12.144  -0.218  1.00 17.16 ? 122 ALA A CA  1 
ATOM   1014 C  C   . ALA A 1 122 ? -12.875 11.920  0.836   1.00 17.01 ? 122 ALA A C   1 
ATOM   1015 O  O   . ALA A 1 122 ? -12.865 12.432  1.962   1.00 18.11 ? 122 ALA A O   1 
ATOM   1016 C  CB  . ALA A 1 122 ? -15.035 11.270  0.083   1.00 20.65 ? 122 ALA A CB  1 
ATOM   1017 N  N   . TRP A 1 123 ? -11.943 10.961  0.543   1.00 15.63 ? 123 TRP A N   1 
ATOM   1018 C  CA  . TRP A 1 123 ? -10.932 10.590  1.492   1.00 15.62 ? 123 TRP A CA  1 
ATOM   1019 C  C   . TRP A 1 123 ? -9.872  11.694  1.805   1.00 15.80 ? 123 TRP A C   1 
ATOM   1020 O  O   . TRP A 1 123 ? -9.210  11.643  2.832   1.00 16.71 ? 123 TRP A O   1 
ATOM   1021 C  CB  . TRP A 1 123 ? -10.190 9.288   1.019   1.00 15.03 ? 123 TRP A CB  1 
ATOM   1022 C  CG  . TRP A 1 123 ? -11.094 8.114   1.083   1.00 14.33 ? 123 TRP A CG  1 
ATOM   1023 C  CD1 . TRP A 1 123 ? -11.882 7.676   0.071   1.00 17.18 ? 123 TRP A CD1 1 
ATOM   1024 C  CD2 . TRP A 1 123 ? -11.359 7.344   2.218   1.00 14.52 ? 123 TRP A CD2 1 
ATOM   1025 N  NE1 . TRP A 1 123 ? -12.628 6.647   0.502   1.00 17.03 ? 123 TRP A NE1 1 
ATOM   1026 C  CE2 . TRP A 1 123 ? -12.383 6.436   1.797   1.00 16.61 ? 123 TRP A CE2 1 
ATOM   1027 C  CE3 . TRP A 1 123 ? -10.967 7.413   3.527   1.00 17.10 ? 123 TRP A CE3 1 
ATOM   1028 C  CZ2 . TRP A 1 123 ? -12.920 5.508   2.632   1.00 19.18 ? 123 TRP A CZ2 1 
ATOM   1029 C  CZ3 . TRP A 1 123 ? -11.524 6.473   4.412   1.00 19.99 ? 123 TRP A CZ3 1 
ATOM   1030 C  CH2 . TRP A 1 123 ? -12.549 5.582   3.921   1.00 21.21 ? 123 TRP A CH2 1 
ATOM   1031 N  N   . ILE A 1 124 ? -9.826  12.737  0.957   1.00 14.36 ? 124 ILE A N   1 
ATOM   1032 C  CA  . ILE A 1 124 ? -8.887  13.850  1.206   1.00 14.28 ? 124 ILE A CA  1 
ATOM   1033 C  C   . ILE A 1 124 ? -9.645  15.159  1.445   1.00 17.06 ? 124 ILE A C   1 
ATOM   1034 O  O   . ILE A 1 124 ? -8.973  16.141  1.754   1.00 19.09 ? 124 ILE A O   1 
ATOM   1035 C  CB  . ILE A 1 124 ? -7.818  14.022  0.098   1.00 17.52 ? 124 ILE A CB  1 
ATOM   1036 C  CG1 . ILE A 1 124 ? -8.402  14.362  -1.251  1.00 19.33 ? 124 ILE A CG1 1 
ATOM   1037 C  CG2 . ILE A 1 124 ? -6.963  12.708  0.064   1.00 17.76 ? 124 ILE A CG2 1 
ATOM   1038 C  CD1 . ILE A 1 124 ? -7.433  14.815  -2.368  1.00 22.51 ? 124 ILE A CD1 1 
ATOM   1039 N  N   . ARG A 1 125 ? -10.940 15.091  1.547   1.00 19.70 ? 125 ARG A N   1 
ATOM   1040 C  CA  . ARG A 1 125 ? -11.720 16.325  1.775   1.00 22.19 ? 125 ARG A CA  1 
ATOM   1041 C  C   . ARG A 1 125 ? -11.409 16.804  3.120   1.00 21.96 ? 125 ARG A C   1 
ATOM   1042 O  O   . ARG A 1 125 ? -11.393 16.112  4.119   1.00 22.41 ? 125 ARG A O   1 
ATOM   1043 C  CB  . ARG A 1 125 ? -13.179 15.947  1.664   1.00 26.06 ? 125 ARG A CB  1 
ATOM   1044 C  CG  . ARG A 1 125 ? -14.177 17.117  1.525   1.00 33.33 ? 125 ARG A CG  1 
ATOM   1045 C  CD  . ARG A 1 125 ? -15.539 16.522  1.081   1.00 38.39 ? 125 ARG A CD  1 
ATOM   1046 N  NE  . ARG A 1 125 ? -15.500 15.889  -0.283  1.00 45.73 ? 125 ARG A NE  1 
ATOM   1047 C  CZ  . ARG A 1 125 ? -16.233 14.825  -0.670  1.00 51.11 ? 125 ARG A CZ  1 
ATOM   1048 N  NH1 . ARG A 1 125 ? -17.115 14.210  0.174   1.00 50.18 ? 125 ARG A NH1 1 
ATOM   1049 N  NH2 . ARG A 1 125 ? -16.076 14.348  -1.908  1.00 37.80 ? 125 ARG A NH2 1 
ATOM   1050 N  N   . GLY A 1 126 ? -11.257 18.137  3.181   1.00 24.09 ? 126 GLY A N   1 
ATOM   1051 C  CA  . GLY A 1 126 ? -11.053 18.711  4.477   1.00 28.07 ? 126 GLY A CA  1 
ATOM   1052 C  C   . GLY A 1 126 ? -9.563  18.833  4.863   1.00 28.90 ? 126 GLY A C   1 
ATOM   1053 O  O   . GLY A 1 126 ? -9.154  19.594  5.763   1.00 31.79 ? 126 GLY A O   1 
ATOM   1054 N  N   . CYS A 1 127 ? -8.727  18.065  4.218   1.00 22.50 ? 127 CYS A N   1 
ATOM   1055 C  CA  . CYS A 1 127 ? -7.345  18.017  4.661   1.00 22.21 ? 127 CYS A CA  1 
ATOM   1056 C  C   . CYS A 1 127 ? -6.504  19.182  4.164   1.00 22.36 ? 127 CYS A C   1 
ATOM   1057 O  O   . CYS A 1 127 ? -6.604  19.592  3.003   1.00 21.55 ? 127 CYS A O   1 
ATOM   1058 C  CB  . CYS A 1 127 ? -6.697  16.702  4.150   1.00 18.72 ? 127 CYS A CB  1 
ATOM   1059 S  SG  . CYS A 1 127 ? -7.541  15.143  4.557   1.00 19.31 ? 127 CYS A SG  1 
ATOM   1060 N  N   . ARG A 1 128 ? -5.583  19.635  4.981   1.00 22.27 ? 128 ARG A N   1 
ATOM   1061 C  CA  . ARG A 1 128 ? -4.553  20.611  4.536   1.00 26.80 ? 128 ARG A CA  1 
ATOM   1062 C  C   . ARG A 1 128 ? -3.496  19.902  3.767   1.00 23.76 ? 128 ARG A C   1 
ATOM   1063 O  O   . ARG A 1 128 ? -2.786  19.047  4.304   1.00 30.31 ? 128 ARG A O   1 
ATOM   1064 C  CB  . ARG A 1 128 ? -3.855  21.188  5.780   1.00 30.39 ? 128 ARG A CB  1 
ATOM   1065 C  CG  . ARG A 1 128 ? -2.784  22.229  5.369   1.00 44.14 ? 128 ARG A CG  1 
ATOM   1066 C  CD  . ARG A 1 128 ? -1.913  22.845  6.496   1.00 49.09 ? 128 ARG A CD  1 
ATOM   1067 N  NE  . ARG A 1 128 ? -1.843  24.290  6.243   1.00 56.97 ? 128 ARG A NE  1 
ATOM   1068 C  CZ  . ARG A 1 128 ? -2.401  25.251  6.991   1.00 57.60 ? 128 ARG A CZ  1 
ATOM   1069 N  NH1 . ARG A 1 128 ? -2.297  26.513  6.592   1.00 64.19 ? 128 ARG A NH1 1 
ATOM   1070 N  NH2 . ARG A 1 128 ? -2.992  24.993  8.159   1.00 57.50 ? 128 ARG A NH2 1 
ATOM   1071 N  N   . LEU A 1 129 ? -3.352  20.176  2.511   1.00 23.28 ? 129 LEU A N   1 
ATOM   1072 C  CA  . LEU A 1 129 ? -2.437  19.498  1.644   1.00 23.17 ? 129 LEU A CA  1 
ATOM   1073 C  C   . LEU A 1 129 ? -1.625  20.475  0.808   1.00 32.88 ? 129 LEU A C   1 
ATOM   1074 O  O   . LEU A 1 129 ? -1.877  21.669  0.873   1.00 37.59 ? 129 LEU A O   1 
ATOM   1075 C  CB  . LEU A 1 129 ? -3.173  18.479  0.750   1.00 25.83 ? 129 LEU A CB  1 
ATOM   1076 C  CG  . LEU A 1 129 ? -3.884  17.361  1.476   1.00 24.97 ? 129 LEU A CG  1 
ATOM   1077 C  CD1 . LEU A 1 129 ? -4.735  16.609  0.459   1.00 27.78 ? 129 LEU A CD1 1 
ATOM   1078 C  CD2 . LEU A 1 129 ? -2.843  16.398  2.087   1.00 28.74 ? 129 LEU A CD2 1 
ATOM   1079 O  OXT . LEU A 1 129 ? -0.741  20.052  0.076   1.00 37.13 ? 129 LEU A OXT 1 
HETATM 1080 C  C1  A EDO B 2 .   ? -0.121  -5.756  -2.894  0.50 23.05 ? 201 EDO A C1  1 
HETATM 1081 C  C1  B EDO B 2 .   ? 0.200   -5.814  -3.080  0.50 25.06 ? 201 EDO A C1  1 
HETATM 1082 O  O1  A EDO B 2 .   ? 0.755   -6.924  -2.721  0.50 24.85 ? 201 EDO A O1  1 
HETATM 1083 O  O1  B EDO B 2 .   ? 0.515   -7.147  -2.593  0.50 25.63 ? 201 EDO A O1  1 
HETATM 1084 C  C2  A EDO B 2 .   ? -1.403  -6.238  -3.513  0.50 27.28 ? 201 EDO A C2  1 
HETATM 1085 C  C2  B EDO B 2 .   ? -1.191  -5.805  -3.623  0.50 27.88 ? 201 EDO A C2  1 
HETATM 1086 O  O2  A EDO B 2 .   ? -1.023  -7.100  -4.613  0.50 26.18 ? 201 EDO A O2  1 
HETATM 1087 O  O2  B EDO B 2 .   ? -2.057  -6.562  -2.759  0.50 29.59 ? 201 EDO A O2  1 
HETATM 1088 NA NA  . NA  C 3 .   ? 9.075   -13.171 -0.907  1.00 14.74 ? 202 NA  A NA  1 
HETATM 1089 NA NA  . NA  D 3 .   ? -9.450  11.217  -10.695 1.00 23.29 ? 203 NA  A NA  1 
HETATM 1090 CL CL  . CL  E 4 .   ? 5.861   8.830   7.076   1.00 33.30 ? 204 CL  A CL  1 
HETATM 1091 CL CL  . CL  F 4 .   ? -3.460  2.206   -14.683 1.00 18.51 ? 205 CL  A CL  1 
HETATM 1092 CL CL  . CL  G 4 .   ? -8.640  12.143  -4.897  1.00 22.20 ? 206 CL  A CL  1 
HETATM 1093 CL CL  . CL  H 4 .   ? -11.244 7.321   8.549   1.00 36.56 ? 207 CL  A CL  1 
HETATM 1094 CL CL  . CL  I 4 .   ? 10.851  -16.748 1.483   1.00 18.48 ? 208 CL  A CL  1 
HETATM 1095 C  C1  . BEN J 5 .   ? -5.036  12.423  -13.159 1.00 16.79 ? 209 BEN A C1  1 
HETATM 1096 C  C2  . BEN J 5 .   ? -4.730  11.520  -14.199 1.00 18.15 ? 209 BEN A C2  1 
HETATM 1097 C  C3  . BEN J 5 .   ? -3.604  11.791  -14.981 1.00 19.06 ? 209 BEN A C3  1 
HETATM 1098 C  C4  . BEN J 5 .   ? -2.779  12.870  -14.666 1.00 19.83 ? 209 BEN A C4  1 
HETATM 1099 C  C5  . BEN J 5 .   ? -3.041  13.682  -13.613 1.00 19.60 ? 209 BEN A C5  1 
HETATM 1100 C  C6  . BEN J 5 .   ? -4.163  13.496  -12.821 1.00 18.16 ? 209 BEN A C6  1 
HETATM 1101 C  C   . BEN J 5 .   ? -6.279  12.141  -12.454 1.00 16.74 ? 209 BEN A C   1 
HETATM 1102 N  N1  . BEN J 5 .   ? -6.368  12.410  -11.177 1.00 19.60 ? 209 BEN A N1  1 
HETATM 1103 N  N2  . BEN J 5 .   ? -7.402  11.727  -13.089 1.00 16.27 ? 209 BEN A N2  1 
HETATM 1104 C  C2  . K5V K 6 .   ? -13.756 4.462   -12.822 0.80 16.96 ? 210 K5V A C2  1 
HETATM 1105 C  C3  . K5V K 6 .   ? -14.554 4.161   -13.838 0.80 16.32 ? 210 K5V A C3  1 
HETATM 1106 C  C4  . K5V K 6 .   ? -15.840 4.711   -13.975 0.80 16.33 ? 210 K5V A C4  1 
HETATM 1107 C  C5  . K5V K 6 .   ? -16.190 5.684   -13.023 0.80 17.36 ? 210 K5V A C5  1 
HETATM 1108 C  C6  . K5V K 6 .   ? -15.322 6.027   -12.020 0.80 17.36 ? 210 K5V A C6  1 
HETATM 1109 C  C1  . K5V K 6 .   ? -14.126 5.478   -11.914 0.80 17.47 ? 210 K5V A C1  1 
HETATM 1110 N  N4  . K5V K 6 .   ? -16.569 4.311   -15.108 0.80 15.57 ? 210 K5V A N4  1 
HETATM 1111 O  O2  . K5V K 6 .   ? -12.555 3.777   -12.652 0.80 17.07 ? 210 K5V A O2  1 
HETATM 1112 C  C2  . K5V L 6 .   ? 12.890  -20.114 -5.140  0.40 19.59 ? 211 K5V A C2  1 
HETATM 1113 C  C3  . K5V L 6 .   ? 12.725  -21.150 -5.986  0.40 16.35 ? 211 K5V A C3  1 
HETATM 1114 C  C4  . K5V L 6 .   ? 11.932  -20.980 -7.094  0.40 18.89 ? 211 K5V A C4  1 
HETATM 1115 C  C5  . K5V L 6 .   ? 11.215  -19.840 -7.399  0.40 18.78 ? 211 K5V A C5  1 
HETATM 1116 C  C6  . K5V L 6 .   ? 11.386  -18.742 -6.579  0.40 17.07 ? 211 K5V A C6  1 
HETATM 1117 C  C1  . K5V L 6 .   ? 12.154  -18.858 -5.444  0.40 19.09 ? 211 K5V A C1  1 
HETATM 1118 N  N4  . K5V L 6 .   ? 11.785  -22.041 -7.889  0.40 19.87 ? 211 K5V A N4  1 
HETATM 1119 O  O2  . K5V L 6 .   ? 13.634  -20.204 -4.048  0.40 24.78 ? 211 K5V A O2  1 
HETATM 1120 O  O   . HOH M 7 .   ? 11.481  -22.164 -7.208  0.70 41.70 ? 301 HOH A O   1 
HETATM 1121 O  O   . HOH M 7 .   ? 9.972   13.153  5.554   0.50 40.93 ? 302 HOH A O   1 
HETATM 1122 O  O   B HOH M 7 .   ? 12.748  14.457  3.404   0.50 34.98 ? 303 HOH A O   1 
HETATM 1123 O  O   A HOH M 7 .   ? 9.935   -5.757  -11.003 0.50 30.74 ? 304 HOH A O   1 
HETATM 1124 O  O   B HOH M 7 .   ? 14.568  -2.401  -5.815  0.50 31.19 ? 304 HOH A O   1 
HETATM 1125 O  O   B HOH M 7 .   ? 3.295   -0.156  6.923   0.50 18.03 ? 305 HOH A O   1 
HETATM 1126 O  O   . HOH M 7 .   ? 10.489  19.183  -0.072  1.00 46.22 ? 306 HOH A O   1 
HETATM 1127 O  O   . HOH M 7 .   ? 5.388   5.116   -13.301 1.00 60.30 ? 307 HOH A O   1 
HETATM 1128 O  O   . HOH M 7 .   ? 15.638  -9.255  -4.707  1.00 48.68 ? 308 HOH A O   1 
HETATM 1129 O  O   . HOH M 7 .   ? 12.370  -16.598 -9.165  1.00 39.00 ? 309 HOH A O   1 
HETATM 1130 O  O   . HOH M 7 .   ? 0.545   -8.616  -5.649  1.00 30.61 ? 310 HOH A O   1 
HETATM 1131 O  O   . HOH M 7 .   ? 14.273  -14.791 -7.796  1.00 53.47 ? 311 HOH A O   1 
HETATM 1132 O  O   . HOH M 7 .   ? -6.607  -6.341  -1.338  1.00 30.22 ? 312 HOH A O   1 
HETATM 1133 O  O   . HOH M 7 .   ? 1.431   0.869   -16.195 1.00 52.29 ? 313 HOH A O   1 
HETATM 1134 O  O   . HOH M 7 .   ? -5.401  14.737  -5.982  1.00 47.26 ? 314 HOH A O   1 
HETATM 1135 O  O   . HOH M 7 .   ? -2.419  -8.574  -6.117  1.00 40.12 ? 315 HOH A O   1 
HETATM 1136 O  O   . HOH M 7 .   ? 12.518  -13.037 -12.920 1.00 26.26 ? 316 HOH A O   1 
HETATM 1137 O  O   . HOH M 7 .   ? 12.129  -20.328 -1.979  0.50 16.84 ? 317 HOH A O   1 
HETATM 1138 O  O   . HOH M 7 .   ? 13.665  -7.786  9.590   1.00 19.22 ? 318 HOH A O   1 
HETATM 1139 O  O   A HOH M 7 .   ? -0.258  19.064  4.792   0.50 24.08 ? 319 HOH A O   1 
HETATM 1140 O  O   . HOH M 7 .   ? -1.168  -17.210 -4.889  1.00 29.94 ? 320 HOH A O   1 
HETATM 1141 O  O   . HOH M 7 .   ? 9.939   6.804   -4.467  1.00 33.73 ? 321 HOH A O   1 
HETATM 1142 O  O   . HOH M 7 .   ? -3.312  -6.474  -0.452  1.00 29.28 ? 322 HOH A O   1 
HETATM 1143 O  O   . HOH M 7 .   ? 11.562  -15.517 -13.452 1.00 27.50 ? 323 HOH A O   1 
HETATM 1144 O  O   B HOH M 7 .   ? 11.633  -19.352 7.844   0.50 23.93 ? 324 HOH A O   1 
HETATM 1145 O  O   . HOH M 7 .   ? -4.185  -10.953 0.386   1.00 43.97 ? 325 HOH A O   1 
HETATM 1146 O  O   . HOH M 7 .   ? 4.945   2.096   6.818   1.00 15.65 ? 326 HOH A O   1 
HETATM 1147 O  O   B HOH M 7 .   ? -10.278 5.657   -8.990  0.50 19.29 ? 327 HOH A O   1 
HETATM 1148 O  O   . HOH M 7 .   ? -13.337 6.183   -8.559  1.00 20.82 ? 328 HOH A O   1 
HETATM 1149 O  O   . HOH M 7 .   ? -4.663  -21.919 3.390   1.00 47.35 ? 329 HOH A O   1 
HETATM 1150 O  O   . HOH M 7 .   ? 4.433   -15.670 4.866   1.00 12.19 ? 330 HOH A O   1 
HETATM 1151 O  O   . HOH M 7 .   ? 0.467   -0.794  -14.042 1.00 20.77 ? 331 HOH A O   1 
HETATM 1152 O  O   . HOH M 7 .   ? -10.371 4.057   -11.108 1.00 16.88 ? 332 HOH A O   1 
HETATM 1153 O  O   . HOH M 7 .   ? 5.280   8.561   10.403  1.00 30.94 ? 333 HOH A O   1 
HETATM 1154 O  O   . HOH M 7 .   ? -4.501  -8.487  3.540   1.00 20.26 ? 334 HOH A O   1 
HETATM 1155 O  O   . HOH M 7 .   ? -11.339 -7.434  -12.550 1.00 49.98 ? 335 HOH A O   1 
HETATM 1156 O  O   . HOH M 7 .   ? -3.870  16.564  -3.614  1.00 43.53 ? 336 HOH A O   1 
HETATM 1157 O  O   A HOH M 7 .   ? 14.072  -19.005 4.949   0.50 18.11 ? 337 HOH A O   1 
HETATM 1158 O  O   . HOH M 7 .   ? -1.110  8.864   14.156  1.00 34.35 ? 338 HOH A O   1 
HETATM 1159 O  O   . HOH M 7 .   ? -8.949  -5.573  2.833   1.00 23.78 ? 339 HOH A O   1 
HETATM 1160 O  O   . HOH M 7 .   ? 4.506   -20.361 3.729   1.00 27.48 ? 340 HOH A O   1 
HETATM 1161 O  O   . HOH M 7 .   ? 0.614   -12.192 10.905  0.50 16.05 ? 341 HOH A O   1 
HETATM 1162 O  O   . HOH M 7 .   ? 0.357   -7.423  12.647  1.00 11.43 ? 342 HOH A O   1 
HETATM 1163 O  O   . HOH M 7 .   ? -0.007  -14.163 -2.985  1.00 32.85 ? 343 HOH A O   1 
HETATM 1164 O  O   . HOH M 7 .   ? 0.071   16.801  -6.006  1.00 48.27 ? 344 HOH A O   1 
HETATM 1165 O  O   . HOH M 7 .   ? 0.529   0.416   15.005  1.00 12.94 ? 345 HOH A O   1 
HETATM 1166 O  O   . HOH M 7 .   ? 7.053   -2.467  -11.743 1.00 36.63 ? 346 HOH A O   1 
HETATM 1167 O  O   . HOH M 7 .   ? 12.565  5.877   9.499   1.00 60.67 ? 347 HOH A O   1 
HETATM 1168 O  O   . HOH M 7 .   ? -15.373 -0.639  -6.080  1.00 17.01 ? 348 HOH A O   1 
HETATM 1169 O  O   . HOH M 7 .   ? -0.158  -3.522  -10.910 1.00 19.83 ? 349 HOH A O   1 
HETATM 1170 O  O   . HOH M 7 .   ? 11.987  9.095   3.015   1.00 41.84 ? 350 HOH A O   1 
HETATM 1171 O  O   . HOH M 7 .   ? 13.274  -17.601 -4.787  1.00 48.86 ? 351 HOH A O   1 
HETATM 1172 O  O   A HOH M 7 .   ? 3.183   0.331   5.934   0.50 10.38 ? 352 HOH A O   1 
HETATM 1173 O  O   . HOH M 7 .   ? 14.168  -9.641  -10.394 1.00 53.73 ? 353 HOH A O   1 
HETATM 1174 O  O   A HOH M 7 .   ? -16.940 8.515   -1.304  0.50 31.19 ? 354 HOH A O   1 
HETATM 1175 O  O   B HOH M 7 .   ? -7.023  -8.837  10.286  0.50 22.56 ? 355 HOH A O   1 
HETATM 1176 O  O   B HOH M 7 .   ? 10.014  2.663   -6.256  0.50 19.33 ? 356 HOH A O   1 
HETATM 1177 O  O   A HOH M 7 .   ? 5.049   11.504  -8.107  0.50 28.15 ? 357 HOH A O   1 
HETATM 1178 O  O   . HOH M 7 .   ? -4.243  -11.910 10.585  1.00 28.12 ? 358 HOH A O   1 
HETATM 1179 O  O   . HOH M 7 .   ? -3.572  6.818   16.129  1.00 39.45 ? 359 HOH A O   1 
HETATM 1180 O  O   B HOH M 7 .   ? -6.588  -6.539  4.383   0.50 21.43 ? 360 HOH A O   1 
HETATM 1181 O  O   . HOH M 7 .   ? 1.087   -22.192 -1.633  1.00 30.64 ? 361 HOH A O   1 
HETATM 1182 O  O   . HOH M 7 .   ? 4.061   9.830   14.788  1.00 41.16 ? 362 HOH A O   1 
HETATM 1183 O  O   . HOH M 7 .   ? -13.114 -3.551  -12.069 1.00 29.72 ? 363 HOH A O   1 
HETATM 1184 O  O   . HOH M 7 .   ? 8.816   7.293   -0.584  1.00 34.35 ? 364 HOH A O   1 
HETATM 1185 O  O   A HOH M 7 .   ? -8.104  -7.239  -8.450  0.50 26.62 ? 365 HOH A O   1 
HETATM 1186 O  O   . HOH M 7 .   ? -7.127  9.235   -10.337 1.00 14.41 ? 366 HOH A O   1 
HETATM 1187 O  O   . HOH M 7 .   ? 1.614   13.554  7.841   1.00 27.19 ? 367 HOH A O   1 
HETATM 1188 O  O   . HOH M 7 .   ? 12.746  2.184   -4.388  1.00 53.41 ? 368 HOH A O   1 
HETATM 1189 O  O   A HOH M 7 .   ? 13.811  16.277  1.192   0.50 26.21 ? 369 HOH A O   1 
HETATM 1190 O  O   . HOH M 7 .   ? 14.134  -16.111 1.487   1.00 29.74 ? 370 HOH A O   1 
HETATM 1191 O  O   B HOH M 7 .   ? 0.024   22.285  -1.451  0.50 37.12 ? 371 HOH A O   1 
HETATM 1192 O  O   . HOH M 7 .   ? -1.088  20.316  -4.935  1.00 46.54 ? 372 HOH A O   1 
HETATM 1193 O  O   . HOH M 7 .   ? 11.200  0.793   6.728   1.00 24.96 ? 373 HOH A O   1 
HETATM 1194 O  O   . HOH M 7 .   ? -18.927 7.289   -3.937  1.00 32.54 ? 374 HOH A O   1 
HETATM 1195 O  O   A HOH M 7 .   ? -10.937 5.004   -8.508  0.50 12.21 ? 375 HOH A O   1 
HETATM 1196 O  O   . HOH M 7 .   ? 2.281   13.392  -4.316  1.00 22.34 ? 376 HOH A O   1 
HETATM 1197 O  O   . HOH M 7 .   ? 4.922   2.117   14.733  1.00 22.15 ? 377 HOH A O   1 
HETATM 1198 O  O   . HOH M 7 .   ? -4.947  -11.198 3.777   1.00 35.86 ? 378 HOH A O   1 
HETATM 1199 O  O   . HOH M 7 .   ? -13.230 18.978  -1.494  1.00 48.40 ? 379 HOH A O   1 
HETATM 1200 O  O   . HOH M 7 .   ? 9.686   -2.258  10.984  1.00 31.48 ? 380 HOH A O   1 
HETATM 1201 O  O   A HOH M 7 .   ? 7.744   -5.179  -11.243 0.50 37.62 ? 381 HOH A O   1 
HETATM 1202 O  O   . HOH M 7 .   ? 2.408   -1.749  3.015   1.00 12.24 ? 382 HOH A O   1 
HETATM 1203 O  O   . HOH M 7 .   ? 4.808   -21.194 -0.947  1.00 35.39 ? 383 HOH A O   1 
HETATM 1204 O  O   . HOH M 7 .   ? 10.224  3.132   5.540   1.00 20.13 ? 384 HOH A O   1 
HETATM 1205 O  O   . HOH M 7 .   ? -4.195  5.401   -14.223 1.00 19.69 ? 385 HOH A O   1 
HETATM 1206 O  O   . HOH M 7 .   ? 10.636  -0.345  -0.590  1.00 20.76 ? 386 HOH A O   1 
HETATM 1207 O  O   . HOH M 7 .   ? 12.136  3.048   9.424   1.00 58.58 ? 387 HOH A O   1 
HETATM 1208 O  O   . HOH M 7 .   ? 9.249   -14.099 1.347   1.00 12.57 ? 388 HOH A O   1 
HETATM 1209 O  O   . HOH M 7 .   ? 1.979   16.833  2.132   1.00 41.07 ? 389 HOH A O   1 
HETATM 1210 O  O   . HOH M 7 .   ? -7.987  18.669  0.645   1.00 30.00 ? 390 HOH A O   1 
HETATM 1211 O  O   . HOH M 7 .   ? -1.855  -13.328 9.999   0.50 16.60 ? 391 HOH A O   1 
HETATM 1212 O  O   . HOH M 7 .   ? -4.995  -3.127  11.272  1.00 17.95 ? 392 HOH A O   1 
HETATM 1213 O  O   . HOH M 7 .   ? 3.737   -20.106 1.050   1.00 32.07 ? 393 HOH A O   1 
HETATM 1214 O  O   . HOH M 7 .   ? -14.343 -3.054  -9.538  1.00 34.83 ? 394 HOH A O   1 
HETATM 1215 O  O   . HOH M 7 .   ? 13.221  -11.420 -6.531  1.00 24.87 ? 395 HOH A O   1 
HETATM 1216 O  O   . HOH M 7 .   ? 15.195  -1.805  -2.031  1.00 43.70 ? 396 HOH A O   1 
HETATM 1217 O  O   . HOH M 7 .   ? 11.468  -13.522 -0.706  1.00 17.60 ? 397 HOH A O   1 
HETATM 1218 O  O   . HOH M 7 .   ? -3.654  -16.457 -1.216  1.00 23.83 ? 398 HOH A O   1 
HETATM 1219 O  O   . HOH M 7 .   ? 12.953  -14.412 -2.857  1.00 33.36 ? 399 HOH A O   1 
HETATM 1220 O  O   A HOH M 7 .   ? -6.614  1.157   13.109  0.50 16.47 ? 400 HOH A O   1 
HETATM 1221 O  O   . HOH M 7 .   ? 12.797  -3.616  8.827   1.00 33.19 ? 401 HOH A O   1 
HETATM 1222 O  O   . HOH M 7 .   ? -14.158 -5.572  -13.183 1.00 56.04 ? 402 HOH A O   1 
HETATM 1223 O  O   . HOH M 7 .   ? 11.317  -0.981  -3.127  1.00 24.28 ? 403 HOH A O   1 
HETATM 1224 O  O   B HOH M 7 .   ? 5.668   -17.766 -6.183  0.50 28.71 ? 404 HOH A O   1 
HETATM 1225 O  O   . HOH M 7 .   ? 9.105   6.439   -9.511  1.00 38.46 ? 405 HOH A O   1 
HETATM 1226 O  O   B HOH M 7 .   ? -4.538  26.353  4.647   0.50 30.87 ? 406 HOH A O   1 
HETATM 1227 O  O   . HOH M 7 .   ? -4.809  -7.688  -2.868  1.00 23.01 ? 407 HOH A O   1 
HETATM 1228 O  O   . HOH M 7 .   ? -2.073  -9.723  -1.577  1.00 35.58 ? 408 HOH A O   1 
HETATM 1229 O  O   . HOH M 7 .   ? 8.308   9.261   -7.583  1.00 33.66 ? 409 HOH A O   1 
HETATM 1230 O  O   . HOH M 7 .   ? -16.055 -5.668  -7.807  1.00 41.67 ? 410 HOH A O   1 
HETATM 1231 O  O   . HOH M 7 .   ? 8.654   1.976   13.339  1.00 28.24 ? 411 HOH A O   1 
HETATM 1232 O  O   B HOH M 7 .   ? 1.554   12.804  -12.073 0.50 33.07 ? 412 HOH A O   1 
HETATM 1233 O  O   . HOH M 7 .   ? 3.759   8.919   -12.349 1.00 26.02 ? 413 HOH A O   1 
HETATM 1234 O  O   . HOH M 7 .   ? 7.113   1.412   5.222   1.00 18.25 ? 414 HOH A O   1 
HETATM 1235 O  O   A HOH M 7 .   ? 6.671   -8.771  -12.133 0.50 23.89 ? 415 HOH A O   1 
HETATM 1236 O  O   . HOH M 7 .   ? -8.028  13.240  9.674   1.00 22.23 ? 416 HOH A O   1 
HETATM 1237 O  O   . HOH M 7 .   ? -9.934  8.472   -9.136  1.00 21.54 ? 417 HOH A O   1 
HETATM 1238 O  O   . HOH M 7 .   ? -3.387  -13.828 9.718   0.50 11.96 ? 418 HOH A O   1 
HETATM 1239 O  O   . HOH M 7 .   ? -11.688 10.677  9.216   1.00 40.85 ? 419 HOH A O   1 
HETATM 1240 O  O   . HOH M 7 .   ? -0.012  12.122  15.032  1.00 46.45 ? 420 HOH A O   1 
HETATM 1241 O  O   . HOH M 7 .   ? -0.337  1.694   -14.289 1.00 42.81 ? 421 HOH A O   1 
HETATM 1242 O  O   . HOH M 7 .   ? -5.181  18.336  7.721   1.00 26.50 ? 422 HOH A O   1 
HETATM 1243 O  O   . HOH M 7 .   ? 14.524  -8.864  -7.122  1.00 47.42 ? 423 HOH A O   1 
HETATM 1244 O  O   A HOH M 7 .   ? -8.341  13.808  -9.299  0.50 25.87 ? 424 HOH A O   1 
HETATM 1245 O  O   B HOH M 7 .   ? -7.928  18.452  8.338   0.50 35.59 ? 425 HOH A O   1 
HETATM 1246 O  O   . HOH M 7 .   ? 6.268   -18.788 11.054  1.00 11.89 ? 426 HOH A O   1 
HETATM 1247 O  O   . HOH M 7 .   ? -12.679 2.583   11.617  1.00 47.50 ? 427 HOH A O   1 
HETATM 1248 O  O   A HOH M 7 .   ? 6.101   -16.017 -6.733  0.50 30.00 ? 428 HOH A O   1 
HETATM 1249 O  O   . HOH M 7 .   ? -0.206  4.969   16.695  1.00 21.50 ? 429 HOH A O   1 
HETATM 1250 O  O   . HOH M 7 .   ? 15.579  -11.842 -0.978  1.00 22.90 ? 430 HOH A O   1 
HETATM 1251 O  O   . HOH M 7 .   ? 11.583  -17.376 -1.551  1.00 26.51 ? 431 HOH A O   1 
HETATM 1252 O  O   . HOH M 7 .   ? 15.169  -14.505 5.306   1.00 14.35 ? 432 HOH A O   1 
HETATM 1253 O  O   B HOH M 7 .   ? -8.916  8.726   10.680  0.50 20.26 ? 433 HOH A O   1 
HETATM 1254 O  O   . HOH M 7 .   ? 2.653   2.392   16.916  1.00 41.30 ? 434 HOH A O   1 
HETATM 1255 O  O   . HOH M 7 .   ? 3.470   11.877  -8.605  1.00 42.45 ? 435 HOH A O   1 
HETATM 1256 O  O   . HOH M 7 .   ? 15.790  -7.979  1.273   1.00 23.79 ? 436 HOH A O   1 
HETATM 1257 O  O   . HOH M 7 .   ? 2.852   11.986  10.070  1.00 43.85 ? 437 HOH A O   1 
HETATM 1258 O  O   A HOH M 7 .   ? -18.107 1.379   -7.568  0.50 25.06 ? 438 HOH A O   1 
HETATM 1259 O  O   B HOH M 7 .   ? -25.092 3.462   -7.573  0.50 28.05 ? 438 HOH A O   1 
HETATM 1260 O  O   . HOH M 7 .   ? 12.850  7.256   -1.022  1.00 39.55 ? 439 HOH A O   1 
HETATM 1261 O  O   . HOH M 7 .   ? -13.226 10.860  -7.006  1.00 29.89 ? 440 HOH A O   1 
HETATM 1262 O  O   . HOH M 7 .   ? 15.479  -9.658  3.681   1.00 16.22 ? 441 HOH A O   1 
HETATM 1263 O  O   B HOH M 7 .   ? 8.833   11.040  -3.983  0.50 31.22 ? 442 HOH A O   1 
HETATM 1264 O  O   . HOH M 7 .   ? -5.473  13.154  10.706  1.00 19.53 ? 443 HOH A O   1 
HETATM 1265 O  O   A HOH M 7 .   ? -8.738  10.354  11.354  0.50 23.02 ? 444 HOH A O   1 
HETATM 1266 O  O   . HOH M 7 .   ? -10.575 11.689  -7.624  1.00 39.22 ? 445 HOH A O   1 
HETATM 1267 O  O   . HOH M 7 .   ? 6.310   4.174   -18.148 1.00 27.68 ? 446 HOH A O   1 
HETATM 1268 O  O   . HOH M 7 .   ? -5.828  -17.261 5.300   1.00 50.25 ? 447 HOH A O   1 
HETATM 1269 O  O   . HOH M 7 .   ? -4.141  -7.359  -10.840 1.00 44.03 ? 448 HOH A O   1 
HETATM 1270 O  O   A HOH M 7 .   ? 8.738   -13.032 -11.391 0.50 35.02 ? 449 HOH A O   1 
HETATM 1271 O  O   . HOH M 7 .   ? 10.634  -19.837 8.232   1.00 26.44 ? 450 HOH A O   1 
HETATM 1272 O  O   A HOH M 7 .   ? 1.968   -10.425 -9.179  0.50 37.64 ? 451 HOH A O   1 
HETATM 1273 O  O   . HOH M 7 .   ? 12.676  1.599   0.227   1.00 26.51 ? 452 HOH A O   1 
HETATM 1274 O  O   . HOH M 7 .   ? -13.973 10.509  4.509   1.00 35.55 ? 453 HOH A O   1 
HETATM 1275 O  O   . HOH M 7 .   ? -9.412  -4.510  -13.981 1.00 35.92 ? 454 HOH A O   1 
HETATM 1276 O  O   A HOH M 7 .   ? 0.354   7.957   16.270  0.50 32.24 ? 455 HOH A O   1 
HETATM 1277 O  O   . HOH M 7 .   ? 5.912   11.782  5.884   1.00 41.98 ? 456 HOH A O   1 
HETATM 1278 O  O   B HOH M 7 .   ? 8.675   -6.821  -12.248 0.50 36.56 ? 457 HOH A O   1 
HETATM 1279 O  O   B HOH M 7 .   ? 4.787   -20.867 9.645   0.50 22.58 ? 458 HOH A O   1 
HETATM 1280 O  O   . HOH M 7 .   ? -7.826  -7.392  1.031   1.00 36.44 ? 459 HOH A O   1 
HETATM 1281 O  O   . HOH M 7 .   ? -2.129  -14.087 -1.766  1.00 35.59 ? 460 HOH A O   1 
HETATM 1282 O  O   . HOH M 7 .   ? -18.397 8.275   -8.216  1.00 40.98 ? 461 HOH A O   1 
HETATM 1283 O  O   A HOH M 7 .   ? 5.841   -20.929 8.263   0.50 29.77 ? 462 HOH A O   1 
HETATM 1284 O  O   A HOH M 7 .   ? -7.172  -7.351  5.426   0.50 24.22 ? 463 HOH A O   1 
HETATM 1285 O  O   . HOH M 7 .   ? 17.157  -11.526 1.693   1.00 46.03 ? 464 HOH A O   1 
HETATM 1286 O  O   A HOH M 7 .   ? 0.027   -6.384  -10.693 0.50 24.85 ? 465 HOH A O   1 
HETATM 1287 O  O   B HOH M 7 .   ? 3.263   -11.579 -10.209 0.50 36.17 ? 466 HOH A O   1 
HETATM 1288 O  O   . HOH M 7 .   ? 17.063  -14.229 2.167   1.00 45.17 ? 467 HOH A O   1 
HETATM 1289 O  O   B HOH M 7 .   ? 1.509   -23.173 1.796   0.50 34.26 ? 468 HOH A O   1 
HETATM 1290 O  O   . HOH M 7 .   ? 9.775   11.929  1.475   1.00 50.93 ? 469 HOH A O   1 
HETATM 1291 O  O   . HOH M 7 .   ? -0.466  25.459  3.082   1.00 45.50 ? 470 HOH A O   1 
HETATM 1292 O  O   A HOH M 7 .   ? -7.576  -3.030  12.917  0.50 17.88 ? 471 HOH A O   1 
HETATM 1293 O  O   . HOH M 7 .   ? 0.007   10.715  -14.998 1.00 37.71 ? 472 HOH A O   1 
HETATM 1294 O  O   . HOH M 7 .   ? 3.236   -22.125 -3.548  1.00 45.23 ? 473 HOH A O   1 
HETATM 1295 O  O   . HOH M 7 .   ? 9.965   9.738   -1.274  1.00 43.76 ? 474 HOH A O   1 
HETATM 1296 O  O   . HOH M 7 .   ? 9.136   2.206   -9.320  1.00 44.32 ? 475 HOH A O   1 
HETATM 1297 O  O   . HOH M 7 .   ? 14.441  -12.979 -4.810  1.00 53.49 ? 476 HOH A O   1 
HETATM 1298 O  O   A HOH M 7 .   ? 3.994   13.773  6.534   0.50 20.60 ? 477 HOH A O   1 
HETATM 1299 O  O   B HOH M 7 .   ? 3.654   14.970  5.822   0.50 23.91 ? 477 HOH A O   1 
HETATM 1300 O  O   A HOH M 7 .   ? 11.307  10.173  0.965   0.50 32.31 ? 478 HOH A O   1 
HETATM 1301 O  O   . HOH M 7 .   ? 10.687  -0.093  11.955  1.00 37.86 ? 479 HOH A O   1 
HETATM 1302 O  O   . HOH M 7 .   ? -20.485 4.797   -5.923  1.00 44.07 ? 480 HOH A O   1 
HETATM 1303 O  O   . HOH M 7 .   ? 3.881   17.494  -0.687  1.00 38.14 ? 481 HOH A O   1 
HETATM 1304 O  O   . HOH M 7 .   ? -6.374  19.702  -0.824  1.00 30.00 ? 482 HOH A O   1 
HETATM 1305 O  O   . HOH M 7 .   ? -15.984 -0.704  -10.686 1.00 37.79 ? 483 HOH A O   1 
HETATM 1306 O  O   . HOH M 7 .   ? -5.737  28.107  5.693   1.00 44.48 ? 484 HOH A O   1 
HETATM 1307 O  O   B HOH M 7 .   ? -8.744  -6.456  -12.729 0.50 24.73 ? 485 HOH A O   1 
HETATM 1308 O  O   B HOH M 7 .   ? -18.914 6.232   -2.472  0.50 31.44 ? 486 HOH A O   1 
HETATM 1309 O  O   B HOH M 7 .   ? 1.472   -20.177 -5.893  0.50 24.05 ? 487 HOH A O   1 
HETATM 1310 O  O   . HOH M 7 .   ? -17.476 10.289  -8.086  1.00 46.32 ? 488 HOH A O   1 
HETATM 1311 O  O   A HOH M 7 .   ? -6.803  -9.269  5.082   0.50 40.02 ? 489 HOH A O   1 
HETATM 1312 O  O   B HOH M 7 .   ? -7.972  -9.454  6.509   0.50 29.56 ? 489 HOH A O   1 
HETATM 1313 O  O   . HOH M 7 .   ? -12.875 8.847   -9.710  1.00 33.37 ? 490 HOH A O   1 
HETATM 1314 O  O   . HOH M 7 .   ? 13.291  2.597   2.842   0.50 40.31 ? 491 HOH A O   1 
HETATM 1315 O  O   A HOH M 7 .   ? 2.507   -19.446 -6.887  0.50 39.42 ? 492 HOH A O   1 
HETATM 1316 O  O   . HOH M 7 .   ? 15.975  -19.011 -0.947  1.00 47.43 ? 493 HOH A O   1 
HETATM 1317 O  O   . HOH M 7 .   ? 4.026   11.291  -10.897 1.00 41.97 ? 494 HOH A O   1 
HETATM 1318 O  O   . HOH M 7 .   ? 4.370   10.734  8.580   1.00 51.80 ? 495 HOH A O   1 
HETATM 1319 O  O   A HOH M 7 .   ? 10.967  -3.523  -14.674 0.50 30.95 ? 496 HOH A O   1 
HETATM 1320 O  O   B HOH M 7 .   ? 0.316   -7.687  -8.353  0.50 36.71 ? 497 HOH A O   1 
HETATM 1321 O  O   A HOH M 7 .   ? -14.398 8.795   3.686   0.50 30.73 ? 498 HOH A O   1 
HETATM 1322 O  O   A HOH M 7 .   ? 1.729   -1.413  -18.324 0.50 35.13 ? 499 HOH A O   1 
HETATM 1323 O  O   B HOH M 7 .   ? 5.541   -2.790  -19.170 0.50 34.61 ? 499 HOH A O   1 
HETATM 1324 O  O   . HOH M 7 .   ? -7.962  14.618  -6.124  1.00 44.62 ? 500 HOH A O   1 
HETATM 1325 O  O   B HOH M 7 .   ? 15.376  -16.804 3.979   0.50 18.06 ? 501 HOH A O   1 
HETATM 1326 O  O   . HOH M 7 .   ? 12.204  -0.642  9.273   1.00 37.00 ? 502 HOH A O   1 
HETATM 1327 O  O   . HOH M 7 .   ? 9.364   0.621   -11.330 1.00 45.58 ? 503 HOH A O   1 
HETATM 1328 O  O   . HOH M 7 .   ? 16.931  -3.013  3.253   1.00 49.45 ? 504 HOH A O   1 
HETATM 1329 O  O   . HOH M 7 .   ? 10.236  5.406   -6.880  1.00 45.40 ? 505 HOH A O   1 
HETATM 1330 O  O   B HOH M 7 .   ? -2.910  8.525   17.668  0.50 31.74 ? 506 HOH A O   1 
HETATM 1331 O  O   . HOH M 7 .   ? -2.979  5.123   18.024  1.00 45.60 ? 507 HOH A O   1 
HETATM 1332 O  O   . HOH M 7 .   ? 4.284   5.525   16.321  1.00 41.81 ? 508 HOH A O   1 
HETATM 1333 O  O   . HOH M 7 .   ? -14.606 3.694   6.421   1.00 33.96 ? 509 HOH A O   1 
HETATM 1334 O  O   B HOH M 7 .   ? -7.036  12.034  13.368  0.50 28.76 ? 510 HOH A O   1 
HETATM 1335 O  O   . HOH M 7 .   ? 13.543  0.397   5.287   1.00 38.77 ? 511 HOH A O   1 
HETATM 1336 O  O   . HOH M 7 .   ? 5.669   3.031   17.226  1.00 42.52 ? 512 HOH A O   1 
HETATM 1337 O  O   . HOH M 7 .   ? 15.075  -2.795  7.344   1.00 48.03 ? 513 HOH A O   1 
HETATM 1338 O  O   . HOH M 7 .   ? -4.281  -16.660 10.179  0.50 36.70 ? 514 HOH A O   1 
HETATM 1339 O  O   B HOH M 7 .   ? 7.579   -10.746 -12.195 0.50 26.92 ? 515 HOH A O   1 
HETATM 1340 O  O   . HOH M 7 .   ? 15.214  -2.035  4.910   1.00 47.15 ? 516 HOH A O   1 
HETATM 1341 O  O   . HOH M 7 .   ? 18.085  -5.771  5.692   1.00 45.90 ? 517 HOH A O   1 
HETATM 1342 O  O   . HOH M 7 .   ? 18.698  -15.337 -0.242  1.00 58.57 ? 518 HOH A O   1 
# 
